data_2VP9
#
_entry.id   2VP9
#
_cell.length_a   70.500
_cell.length_b   70.820
_cell.length_c   226.032
_cell.angle_alpha   90.00
_cell.angle_beta   90.10
_cell.angle_gamma   90.00
#
_symmetry.space_group_name_H-M   'P 1 21 1'
#
loop_
_entity.id
_entity.type
_entity.pdbx_description
1 polymer 'DEOXYNUCLEOSIDE KINASE'
2 non-polymer 'SULFATE ION'
3 non-polymer "2',3'-DIDEOXYCYTIDINE-5'-MONOPHOSPHATE"
4 water water
#
_entity_poly.entity_id   1
_entity_poly.type   'polypeptide(L)'
_entity_poly.pdbx_seq_one_letter_code
;MAEAASCARKGTKYAEGTQPFTVLIEGNIGSGKTTYLNHFEKYKNDICLLTEPVEKWRNVNGVNLLELMYKDPKKWAMPF
QSYVTLTMLQSHTAPTNKKLKIMERSIFSARYCFVENMRRNGSLEQGMYNTLEEWYKFIEESIHVQADLIIYLRTSPEVA
YERIRQRARSEESCVPLKYLQELHELHEDWLIHQRRPQSCKVLVLDADLNLENIGTEYQRSESSIFDAIS
;
_entity_poly.pdbx_strand_id   A,B,C,D,E,F,G,H
#
loop_
_chem_comp.id
_chem_comp.type
_chem_comp.name
_chem_comp.formula
DOC DNA linking 2',3'-DIDEOXYCYTIDINE-5'-MONOPHOSPHATE 'C9 H14 N3 O6 P'
SO4 non-polymer 'SULFATE ION' 'O4 S -2'
#
# COMPACT_ATOMS: atom_id res chain seq x y z
N THR A 12 52.94 -68.01 -60.55
CA THR A 12 51.96 -67.93 -59.41
C THR A 12 52.56 -68.04 -58.00
N LYS A 13 53.70 -68.70 -57.83
CA LYS A 13 54.36 -68.77 -56.51
C LYS A 13 55.18 -67.51 -56.19
N TYR A 14 55.29 -67.15 -54.91
CA TYR A 14 56.09 -65.98 -54.54
C TYR A 14 57.56 -66.18 -54.99
N ALA A 15 58.18 -65.09 -55.46
CA ALA A 15 59.57 -65.10 -55.89
C ALA A 15 59.83 -65.89 -57.18
N GLU A 16 58.81 -66.60 -57.67
CA GLU A 16 58.87 -67.39 -58.91
C GLU A 16 59.51 -66.60 -60.05
N GLY A 17 60.47 -67.23 -60.75
CA GLY A 17 61.26 -66.59 -61.79
C GLY A 17 61.98 -65.31 -61.40
N THR A 18 62.30 -65.09 -60.12
CA THR A 18 63.08 -63.93 -59.72
C THR A 18 64.48 -64.30 -59.27
N GLN A 19 64.87 -65.57 -59.48
CA GLN A 19 66.09 -66.11 -58.86
C GLN A 19 67.06 -66.76 -59.84
N PRO A 20 68.38 -66.56 -59.68
CA PRO A 20 69.33 -67.14 -60.61
C PRO A 20 69.66 -68.54 -60.23
N PHE A 21 70.46 -69.21 -61.07
CA PHE A 21 71.00 -70.55 -60.77
C PHE A 21 71.46 -70.57 -59.32
N THR A 22 70.91 -71.50 -58.54
CA THR A 22 71.15 -71.54 -57.10
C THR A 22 71.85 -72.82 -56.70
N VAL A 23 72.93 -72.68 -55.92
CA VAL A 23 73.64 -73.82 -55.34
C VAL A 23 73.42 -73.86 -53.83
N LEU A 24 73.04 -75.02 -53.29
CA LEU A 24 72.88 -75.20 -51.84
C LEU A 24 74.01 -76.08 -51.23
N ILE A 25 74.68 -75.57 -50.20
CA ILE A 25 75.75 -76.30 -49.54
C ILE A 25 75.17 -77.01 -48.36
N GLU A 26 75.06 -78.32 -48.46
CA GLU A 26 74.55 -79.13 -47.37
C GLU A 26 75.70 -79.94 -46.72
N GLY A 27 75.53 -80.23 -45.46
CA GLY A 27 76.50 -81.01 -44.74
C GLY A 27 76.16 -81.01 -43.26
N ASN A 28 76.70 -81.99 -42.54
CA ASN A 28 76.51 -82.08 -41.11
C ASN A 28 77.10 -80.87 -40.33
N ILE A 29 76.77 -80.78 -39.05
CA ILE A 29 77.41 -79.82 -38.22
C ILE A 29 78.84 -80.29 -38.24
N GLY A 30 79.77 -79.36 -38.38
CA GLY A 30 81.19 -79.74 -38.39
C GLY A 30 81.68 -80.41 -39.66
N SER A 31 81.01 -80.21 -40.79
CA SER A 31 81.47 -80.77 -42.06
C SER A 31 82.35 -79.79 -42.90
N GLY A 32 82.64 -78.61 -42.32
CA GLY A 32 83.53 -77.66 -42.94
C GLY A 32 82.86 -76.70 -43.91
N LYS A 33 81.56 -76.51 -43.73
CA LYS A 33 80.81 -75.63 -44.61
C LYS A 33 81.33 -74.21 -44.52
N THR A 34 81.51 -73.68 -43.31
CA THR A 34 81.95 -72.30 -43.15
C THR A 34 83.28 -72.09 -43.84
N THR A 35 84.20 -73.02 -43.62
CA THR A 35 85.50 -73.00 -44.27
C THR A 35 85.31 -73.04 -45.78
N TYR A 36 84.57 -74.03 -46.27
CA TYR A 36 84.34 -74.15 -47.69
C TYR A 36 83.89 -72.78 -48.30
N LEU A 37 82.96 -72.12 -47.63
CA LEU A 37 82.32 -70.93 -48.21
C LEU A 37 83.18 -69.71 -48.18
N ASN A 38 84.23 -69.74 -47.37
CA ASN A 38 85.18 -68.62 -47.30
C ASN A 38 85.94 -68.50 -48.62
N HIS A 39 86.08 -69.63 -49.32
CA HIS A 39 86.76 -69.63 -50.60
C HIS A 39 86.02 -68.82 -51.66
N PHE A 40 84.72 -68.62 -51.48
CA PHE A 40 83.92 -67.96 -52.51
C PHE A 40 83.83 -66.47 -52.26
N GLU A 41 84.42 -66.00 -51.18
CA GLU A 41 84.26 -64.62 -50.76
C GLU A 41 84.94 -63.62 -51.69
N LYS A 42 86.07 -63.97 -52.29
CA LYS A 42 86.66 -63.08 -53.29
C LYS A 42 85.74 -62.80 -54.48
N TYR A 43 84.77 -63.69 -54.68
CA TYR A 43 83.86 -63.58 -55.81
C TYR A 43 82.56 -62.84 -55.52
N LYS A 44 82.49 -62.26 -54.33
CA LYS A 44 81.31 -61.51 -53.84
C LYS A 44 80.58 -60.69 -54.89
N ASN A 45 81.33 -60.06 -55.78
CA ASN A 45 80.77 -59.16 -56.79
C ASN A 45 79.95 -59.84 -57.88
N ASP A 46 80.12 -61.15 -58.05
CA ASP A 46 79.50 -61.85 -59.18
C ASP A 46 78.57 -62.94 -58.68
N ILE A 47 78.65 -63.19 -57.40
CA ILE A 47 78.02 -64.33 -56.79
C ILE A 47 77.27 -63.82 -55.58
N CYS A 48 75.97 -64.12 -55.52
CA CYS A 48 75.23 -63.88 -54.30
C CYS A 48 75.56 -64.97 -53.29
N LEU A 49 76.02 -64.58 -52.12
CA LEU A 49 76.64 -65.52 -51.21
C LEU A 49 76.03 -65.45 -49.81
N LEU A 50 75.19 -66.43 -49.48
CA LEU A 50 74.41 -66.39 -48.24
C LEU A 50 74.73 -67.46 -47.26
N THR A 51 75.49 -67.10 -46.22
CA THR A 51 75.87 -68.03 -45.16
C THR A 51 74.67 -68.27 -44.23
N GLU A 52 74.70 -69.39 -43.52
CA GLU A 52 73.59 -69.74 -42.63
C GLU A 52 73.34 -68.59 -41.66
N PRO A 53 72.06 -68.15 -41.51
CA PRO A 53 71.71 -66.97 -40.69
C PRO A 53 71.71 -67.26 -39.15
N VAL A 54 72.80 -67.80 -38.66
CA VAL A 54 72.93 -68.12 -37.26
C VAL A 54 72.78 -66.84 -36.41
N GLU A 55 73.34 -65.74 -36.89
CA GLU A 55 73.25 -64.48 -36.19
C GLU A 55 71.81 -63.97 -35.98
N LYS A 56 70.93 -64.27 -36.93
CA LYS A 56 69.52 -63.95 -36.76
C LYS A 56 68.92 -64.82 -35.66
N TRP A 57 69.32 -66.07 -35.58
CA TRP A 57 68.74 -66.99 -34.61
C TRP A 57 69.21 -66.67 -33.19
N ARG A 58 70.31 -65.92 -33.07
CA ARG A 58 70.94 -65.65 -31.79
C ARG A 58 70.38 -64.38 -31.20
N ASN A 59 69.73 -63.60 -32.07
CA ASN A 59 69.24 -62.25 -31.75
C ASN A 59 67.85 -62.00 -32.33
N VAL A 60 66.85 -62.64 -31.76
CA VAL A 60 65.47 -62.40 -32.19
C VAL A 60 64.92 -61.38 -31.23
N ASN A 61 65.10 -60.11 -31.58
CA ASN A 61 64.79 -59.01 -30.65
C ASN A 61 65.29 -59.33 -29.25
N GLY A 62 66.55 -59.74 -29.13
CA GLY A 62 67.17 -59.95 -27.83
C GLY A 62 67.29 -61.39 -27.42
N VAL A 63 66.34 -62.21 -27.86
CA VAL A 63 66.26 -63.61 -27.44
C VAL A 63 67.16 -64.49 -28.33
N ASN A 64 67.96 -65.35 -27.70
CA ASN A 64 68.78 -66.29 -28.42
C ASN A 64 68.04 -67.62 -28.55
N LEU A 65 67.37 -67.82 -29.68
CA LEU A 65 66.62 -69.07 -29.88
C LEU A 65 67.52 -70.30 -29.91
N LEU A 66 68.68 -70.17 -30.55
CA LEU A 66 69.61 -71.27 -30.70
C LEU A 66 70.01 -71.85 -29.34
N GLU A 67 70.34 -70.98 -28.38
CA GLU A 67 70.72 -71.41 -27.03
C GLU A 67 69.57 -72.11 -26.34
N LEU A 68 68.44 -71.41 -26.26
CA LEU A 68 67.23 -71.93 -25.64
C LEU A 68 66.84 -73.29 -26.22
N MET A 69 67.10 -73.47 -27.51
CA MET A 69 66.84 -74.74 -28.13
C MET A 69 67.78 -75.82 -27.61
N TYR A 70 69.06 -75.49 -27.45
CA TYR A 70 70.02 -76.48 -26.93
C TYR A 70 69.92 -76.69 -25.41
N LYS A 71 69.30 -75.74 -24.72
CA LYS A 71 69.16 -75.83 -23.27
C LYS A 71 67.90 -76.60 -22.86
N ASP A 72 66.79 -76.32 -23.54
CA ASP A 72 65.46 -76.82 -23.15
C ASP A 72 64.70 -77.22 -24.43
N PRO A 73 65.18 -78.28 -25.10
CA PRO A 73 64.67 -78.65 -26.43
C PRO A 73 63.18 -78.83 -26.49
N LYS A 74 62.58 -79.39 -25.45
CA LYS A 74 61.14 -79.67 -25.46
C LYS A 74 60.23 -78.44 -25.49
N LYS A 75 60.79 -77.30 -25.10
CA LYS A 75 60.04 -76.04 -25.02
C LYS A 75 60.35 -75.18 -26.22
N TRP A 76 61.59 -75.22 -26.69
CA TRP A 76 62.09 -74.30 -27.72
C TRP A 76 62.34 -74.87 -29.14
N ALA A 77 62.21 -76.17 -29.30
CA ALA A 77 62.45 -76.78 -30.59
C ALA A 77 61.48 -76.26 -31.58
N MET A 78 60.21 -76.25 -31.21
CA MET A 78 59.15 -75.77 -32.08
C MET A 78 59.38 -74.31 -32.52
N PRO A 79 59.48 -73.37 -31.56
CA PRO A 79 59.76 -71.98 -31.99
C PRO A 79 61.05 -71.84 -32.80
N PHE A 80 62.11 -72.50 -32.37
CA PHE A 80 63.40 -72.41 -33.05
C PHE A 80 63.34 -72.80 -34.53
N GLN A 81 62.79 -73.98 -34.82
CA GLN A 81 62.76 -74.49 -36.17
C GLN A 81 61.84 -73.65 -37.05
N SER A 82 60.71 -73.23 -36.45
CA SER A 82 59.79 -72.35 -37.11
C SER A 82 60.59 -71.17 -37.56
N TYR A 83 61.42 -70.62 -36.68
CA TYR A 83 62.19 -69.44 -37.05
C TYR A 83 63.24 -69.73 -38.13
N VAL A 84 63.98 -70.83 -37.97
CA VAL A 84 64.96 -71.25 -38.97
C VAL A 84 64.25 -71.28 -40.32
N THR A 85 63.17 -72.06 -40.42
CA THR A 85 62.41 -72.14 -41.65
C THR A 85 62.12 -70.77 -42.25
N LEU A 86 61.68 -69.85 -41.42
CA LEU A 86 61.50 -68.47 -41.90
C LEU A 86 62.76 -67.79 -42.46
N THR A 87 63.84 -67.81 -41.71
CA THR A 87 65.08 -67.22 -42.20
C THR A 87 65.59 -67.89 -43.51
N MET A 88 65.38 -69.19 -43.63
CA MET A 88 65.80 -69.88 -44.82
C MET A 88 64.99 -69.42 -45.99
N LEU A 89 63.69 -69.23 -45.79
CA LEU A 89 62.82 -68.76 -46.85
C LEU A 89 63.19 -67.36 -47.23
N GLN A 90 63.55 -66.59 -46.21
CA GLN A 90 64.03 -65.24 -46.43
C GLN A 90 65.22 -65.23 -47.36
N SER A 91 66.20 -66.11 -47.11
CA SER A 91 67.32 -66.28 -48.04
C SER A 91 66.92 -66.83 -49.40
N HIS A 92 66.22 -67.97 -49.41
CA HIS A 92 65.74 -68.58 -50.64
C HIS A 92 65.03 -67.63 -51.57
N THR A 93 64.49 -66.54 -51.06
CA THR A 93 63.66 -65.67 -51.87
C THR A 93 64.21 -64.28 -52.05
N ALA A 94 65.20 -63.91 -51.26
CA ALA A 94 65.82 -62.57 -51.37
C ALA A 94 66.17 -62.20 -52.81
N PRO A 95 65.78 -60.98 -53.24
CA PRO A 95 66.07 -60.62 -54.63
C PRO A 95 67.58 -60.46 -54.85
N THR A 96 68.03 -60.66 -56.07
CA THR A 96 69.44 -60.40 -56.37
C THR A 96 69.66 -60.14 -57.85
N ASN A 97 70.71 -59.38 -58.16
CA ASN A 97 71.08 -59.20 -59.56
C ASN A 97 72.08 -60.22 -60.08
N LYS A 98 72.85 -60.84 -59.19
CA LYS A 98 73.91 -61.75 -59.55
C LYS A 98 73.44 -62.96 -60.39
N LYS A 99 74.37 -63.57 -61.12
CA LYS A 99 74.06 -64.66 -62.05
C LYS A 99 74.11 -66.02 -61.39
N LEU A 100 74.62 -66.04 -60.16
CA LEU A 100 74.76 -67.26 -59.37
C LEU A 100 74.48 -66.96 -57.91
N LYS A 101 73.71 -67.82 -57.27
CA LYS A 101 73.42 -67.70 -55.84
C LYS A 101 73.86 -68.94 -55.06
N ILE A 102 74.52 -68.75 -53.93
CA ILE A 102 75.01 -69.88 -53.14
C ILE A 102 74.58 -69.76 -51.66
N MET A 103 73.81 -70.74 -51.18
CA MET A 103 73.32 -70.78 -49.82
C MET A 103 73.97 -71.88 -49.00
N GLU A 104 74.26 -71.57 -47.74
CA GLU A 104 74.63 -72.59 -46.80
C GLU A 104 73.35 -73.18 -46.24
N ARG A 105 73.13 -74.46 -46.48
CA ARG A 105 71.92 -75.17 -46.03
C ARG A 105 70.66 -74.58 -46.69
N SER A 106 69.50 -75.09 -46.30
CA SER A 106 68.30 -74.76 -47.01
C SER A 106 67.10 -75.17 -46.20
N ILE A 107 65.92 -74.87 -46.71
CA ILE A 107 64.68 -75.25 -46.08
C ILE A 107 64.59 -76.77 -46.05
N PHE A 108 65.21 -77.41 -47.03
CA PHE A 108 65.19 -78.86 -47.16
C PHE A 108 65.99 -79.57 -46.10
N SER A 109 67.14 -79.03 -45.72
CA SER A 109 67.89 -79.66 -44.65
C SER A 109 67.17 -79.46 -43.34
N ALA A 110 66.50 -78.33 -43.20
CA ALA A 110 65.72 -78.06 -42.01
C ALA A 110 64.58 -79.10 -41.86
N ARG A 111 63.83 -79.31 -42.93
CA ARG A 111 62.72 -80.24 -42.89
C ARG A 111 63.16 -81.71 -42.75
N TYR A 112 64.13 -82.13 -43.56
CA TYR A 112 64.45 -83.53 -43.68
C TYR A 112 65.47 -84.03 -42.69
N CYS A 113 66.33 -83.15 -42.18
CA CYS A 113 67.35 -83.59 -41.25
C CYS A 113 67.12 -83.12 -39.82
N PHE A 114 67.15 -81.82 -39.60
CA PHE A 114 67.08 -81.32 -38.25
C PHE A 114 65.70 -81.52 -37.61
N VAL A 115 64.63 -81.18 -38.33
CA VAL A 115 63.34 -81.33 -37.74
C VAL A 115 63.05 -82.81 -37.56
N GLU A 116 63.31 -83.61 -38.59
CA GLU A 116 63.02 -85.01 -38.50
C GLU A 116 63.77 -85.64 -37.34
N ASN A 117 64.98 -85.14 -37.07
CA ASN A 117 65.78 -85.69 -35.99
C ASN A 117 65.24 -85.33 -34.63
N MET A 118 64.72 -84.12 -34.50
CA MET A 118 64.08 -83.70 -33.26
C MET A 118 62.78 -84.40 -32.94
N ARG A 119 62.04 -84.75 -33.98
CA ARG A 119 60.93 -85.69 -33.82
C ARG A 119 61.39 -87.06 -33.29
N ARG A 120 62.35 -87.68 -34.00
CA ARG A 120 62.90 -88.98 -33.61
C ARG A 120 63.44 -89.11 -32.19
N ASN A 121 64.28 -88.19 -31.73
CA ASN A 121 64.74 -88.25 -30.35
C ASN A 121 63.76 -87.59 -29.36
N GLY A 122 62.56 -87.29 -29.83
CA GLY A 122 61.46 -86.93 -28.97
C GLY A 122 61.46 -85.53 -28.40
N SER A 123 62.33 -84.65 -28.87
CA SER A 123 62.32 -83.24 -28.43
C SER A 123 61.11 -82.45 -29.00
N LEU A 124 60.76 -82.74 -30.25
CA LEU A 124 59.51 -82.29 -30.84
C LEU A 124 58.40 -83.30 -30.59
N GLU A 125 57.33 -82.84 -29.94
CA GLU A 125 56.12 -83.67 -29.78
C GLU A 125 55.50 -83.83 -31.14
N GLN A 126 54.81 -84.95 -31.33
CA GLN A 126 54.06 -85.18 -32.58
C GLN A 126 53.21 -83.93 -33.01
N GLY A 127 52.50 -83.34 -32.06
CA GLY A 127 51.71 -82.16 -32.33
C GLY A 127 52.50 -81.02 -32.93
N MET A 128 53.69 -80.76 -32.41
CA MET A 128 54.50 -79.66 -32.94
C MET A 128 55.09 -80.01 -34.27
N TYR A 129 55.62 -81.22 -34.37
CA TYR A 129 56.10 -81.71 -35.64
C TYR A 129 55.07 -81.51 -36.70
N ASN A 130 53.86 -82.03 -36.50
CA ASN A 130 52.76 -81.88 -37.47
C ASN A 130 52.50 -80.44 -37.91
N THR A 131 52.62 -79.51 -36.98
CA THR A 131 52.43 -78.10 -37.31
C THR A 131 53.49 -77.65 -38.27
N LEU A 132 54.74 -78.02 -37.99
CA LEU A 132 55.82 -77.64 -38.88
C LEU A 132 55.61 -78.29 -40.24
N GLU A 133 55.18 -79.54 -40.23
CA GLU A 133 55.01 -80.28 -41.47
C GLU A 133 53.94 -79.72 -42.36
N GLU A 134 52.85 -79.25 -41.76
CA GLU A 134 51.76 -78.63 -42.51
C GLU A 134 52.28 -77.36 -43.14
N TRP A 135 53.08 -76.60 -42.38
CA TRP A 135 53.75 -75.42 -42.96
C TRP A 135 54.59 -75.82 -44.18
N TYR A 136 55.48 -76.79 -44.02
CA TYR A 136 56.29 -77.16 -45.13
C TYR A 136 55.48 -77.43 -46.39
N LYS A 137 54.39 -78.18 -46.24
CA LYS A 137 53.52 -78.48 -47.37
C LYS A 137 52.92 -77.22 -47.96
N PHE A 138 52.55 -76.28 -47.10
CA PHE A 138 52.01 -75.05 -47.62
C PHE A 138 53.07 -74.17 -48.24
N ILE A 139 54.28 -74.20 -47.69
CA ILE A 139 55.39 -73.45 -48.30
C ILE A 139 55.62 -73.96 -49.72
N GLU A 140 55.59 -75.28 -49.86
CA GLU A 140 55.81 -75.90 -51.16
C GLU A 140 54.88 -75.33 -52.22
N GLU A 141 53.65 -75.03 -51.85
CA GLU A 141 52.62 -74.66 -52.81
C GLU A 141 52.59 -73.19 -53.12
N SER A 142 53.29 -72.37 -52.37
CA SER A 142 53.07 -70.92 -52.44
C SER A 142 54.31 -70.08 -52.56
N ILE A 143 55.45 -70.66 -52.19
CA ILE A 143 56.69 -69.90 -52.18
C ILE A 143 57.71 -70.65 -52.98
N HIS A 144 58.17 -70.07 -54.08
CA HIS A 144 59.16 -70.73 -54.94
C HIS A 144 60.53 -70.72 -54.29
N VAL A 145 61.07 -71.93 -54.13
CA VAL A 145 62.41 -72.18 -53.61
C VAL A 145 63.26 -72.71 -54.74
N GLN A 146 64.10 -71.84 -55.30
CA GLN A 146 65.00 -72.19 -56.39
C GLN A 146 66.14 -73.06 -55.87
N ALA A 147 66.37 -74.18 -56.56
CA ALA A 147 67.40 -75.13 -56.18
C ALA A 147 67.86 -75.88 -57.42
N ASP A 148 69.10 -75.64 -57.85
CA ASP A 148 69.62 -76.17 -59.11
C ASP A 148 70.71 -77.24 -58.96
N LEU A 149 71.43 -77.20 -57.86
CA LEU A 149 72.47 -78.19 -57.56
C LEU A 149 72.76 -78.13 -56.07
N ILE A 150 72.90 -79.29 -55.44
CA ILE A 150 73.36 -79.36 -54.05
C ILE A 150 74.77 -79.91 -53.99
N ILE A 151 75.61 -79.27 -53.18
CA ILE A 151 76.92 -79.78 -52.89
C ILE A 151 76.92 -80.35 -51.49
N TYR A 152 76.88 -81.67 -51.42
CA TYR A 152 77.01 -82.41 -50.15
C TYR A 152 78.47 -82.52 -49.66
N LEU A 153 78.80 -81.79 -48.60
CA LEU A 153 80.05 -81.98 -47.93
C LEU A 153 79.93 -83.18 -47.00
N ARG A 154 80.18 -84.35 -47.55
CA ARG A 154 80.11 -85.60 -46.82
C ARG A 154 81.33 -85.85 -45.92
N THR A 155 81.08 -86.39 -44.73
CA THR A 155 82.11 -86.71 -43.74
C THR A 155 81.57 -87.81 -42.83
N SER A 156 82.43 -88.38 -42.00
CA SER A 156 81.97 -89.35 -41.05
C SER A 156 81.68 -88.63 -39.73
N PRO A 157 80.67 -89.09 -38.97
CA PRO A 157 80.30 -88.38 -37.74
C PRO A 157 81.52 -88.09 -36.89
N GLU A 158 82.40 -89.08 -36.82
CA GLU A 158 83.65 -89.06 -36.04
C GLU A 158 84.58 -87.91 -36.44
N VAL A 159 84.75 -87.72 -37.74
CA VAL A 159 85.57 -86.62 -38.24
C VAL A 159 84.93 -85.27 -37.93
N ALA A 160 83.61 -85.19 -38.09
CA ALA A 160 82.87 -83.99 -37.70
C ALA A 160 82.93 -83.70 -36.20
N TYR A 161 82.69 -84.73 -35.38
CA TYR A 161 82.71 -84.60 -33.94
C TYR A 161 84.05 -83.99 -33.50
N GLU A 162 85.11 -84.48 -34.14
CA GLU A 162 86.48 -84.06 -33.96
C GLU A 162 86.66 -82.61 -34.41
N ARG A 163 86.21 -82.28 -35.62
CA ARG A 163 86.25 -80.90 -36.12
C ARG A 163 85.51 -79.95 -35.14
N ILE A 164 84.34 -80.37 -34.66
CA ILE A 164 83.63 -79.63 -33.63
C ILE A 164 84.52 -79.43 -32.39
N ARG A 165 85.13 -80.50 -31.89
CA ARG A 165 85.96 -80.41 -30.65
C ARG A 165 87.19 -79.45 -30.73
N GLN A 166 87.82 -79.38 -31.91
CA GLN A 166 88.93 -78.48 -32.16
C GLN A 166 88.53 -76.98 -32.11
N ARG A 167 87.43 -76.60 -32.76
CA ARG A 167 86.87 -75.24 -32.67
C ARG A 167 86.65 -74.67 -31.25
N ALA A 168 86.61 -73.33 -31.20
CA ALA A 168 86.06 -72.56 -30.06
C ALA A 168 84.63 -73.02 -29.67
N ARG A 169 84.18 -72.66 -28.47
CA ARG A 169 83.08 -73.41 -27.84
C ARG A 169 81.69 -73.16 -28.42
N SER A 170 80.99 -72.17 -27.87
CA SER A 170 79.50 -72.19 -27.79
C SER A 170 78.60 -73.00 -28.79
N GLU A 171 77.58 -73.59 -28.14
CA GLU A 171 76.26 -74.00 -28.68
C GLU A 171 76.18 -75.48 -29.05
N GLU A 172 76.41 -75.77 -30.32
CA GLU A 172 76.52 -77.13 -30.81
C GLU A 172 77.66 -77.98 -30.19
N SER A 173 78.52 -77.34 -29.41
CA SER A 173 79.73 -78.02 -28.93
C SER A 173 79.43 -79.31 -28.21
N CYS A 174 78.40 -79.30 -27.38
CA CYS A 174 78.17 -80.44 -26.54
C CYS A 174 77.19 -81.38 -27.19
N VAL A 175 76.94 -81.16 -28.49
CA VAL A 175 76.24 -82.20 -29.18
C VAL A 175 77.08 -83.46 -29.09
N PRO A 176 76.45 -84.46 -28.58
CA PRO A 176 76.99 -85.77 -28.41
C PRO A 176 77.24 -86.40 -29.77
N LEU A 177 78.16 -87.36 -29.81
CA LEU A 177 78.46 -88.06 -31.04
C LEU A 177 77.23 -88.79 -31.59
N LYS A 178 76.38 -89.32 -30.69
CA LYS A 178 75.23 -90.10 -31.15
C LYS A 178 74.34 -89.23 -32.01
N TYR A 179 74.24 -87.96 -31.62
CA TYR A 179 73.42 -86.98 -32.31
C TYR A 179 74.00 -86.73 -33.70
N LEU A 180 75.31 -86.53 -33.81
CA LEU A 180 75.92 -86.31 -35.10
C LEU A 180 75.75 -87.53 -35.97
N GLN A 181 75.71 -88.70 -35.35
CA GLN A 181 75.48 -89.96 -36.09
C GLN A 181 74.07 -89.94 -36.71
N GLU A 182 73.10 -89.58 -35.90
CA GLU A 182 71.72 -89.56 -36.31
C GLU A 182 71.52 -88.58 -37.46
N LEU A 183 72.14 -87.40 -37.32
CA LEU A 183 72.11 -86.37 -38.37
C LEU A 183 72.82 -86.81 -39.66
N HIS A 184 73.96 -87.45 -39.51
CA HIS A 184 74.68 -87.98 -40.63
C HIS A 184 73.79 -88.91 -41.43
N GLU A 185 73.15 -89.87 -40.75
CA GLU A 185 72.29 -90.84 -41.44
C GLU A 185 71.13 -90.16 -42.15
N LEU A 186 70.54 -89.13 -41.52
CA LEU A 186 69.47 -88.41 -42.19
C LEU A 186 69.95 -87.68 -43.45
N HIS A 187 71.15 -87.10 -43.42
CA HIS A 187 71.68 -86.46 -44.61
C HIS A 187 71.91 -87.50 -45.68
N GLU A 188 72.47 -88.63 -45.28
CA GLU A 188 72.69 -89.75 -46.18
C GLU A 188 71.38 -90.28 -46.85
N ASP A 189 70.33 -90.48 -46.05
CA ASP A 189 69.04 -90.88 -46.57
C ASP A 189 68.57 -89.90 -47.65
N TRP A 190 68.71 -88.61 -47.36
CA TRP A 190 68.26 -87.56 -48.25
C TRP A 190 69.13 -87.48 -49.50
N LEU A 191 70.44 -87.44 -49.35
CA LEU A 191 71.32 -87.11 -50.48
C LEU A 191 72.03 -88.29 -51.14
N ILE A 192 71.96 -89.47 -50.54
CA ILE A 192 72.56 -90.60 -51.18
C ILE A 192 71.49 -91.61 -51.50
N HIS A 193 70.92 -92.21 -50.46
CA HIS A 193 69.94 -93.25 -50.66
C HIS A 193 68.71 -92.66 -51.32
N GLN A 194 68.64 -91.32 -51.32
CA GLN A 194 67.55 -90.55 -51.95
C GLN A 194 66.17 -90.99 -51.50
N ARG A 195 66.01 -91.23 -50.20
CA ARG A 195 64.72 -91.66 -49.68
C ARG A 195 63.66 -90.55 -49.57
N ARG A 196 64.03 -89.36 -49.98
CA ARG A 196 63.25 -88.15 -49.77
C ARG A 196 62.95 -87.44 -51.11
N PRO A 197 61.81 -86.73 -51.20
CA PRO A 197 61.24 -86.20 -52.47
C PRO A 197 62.02 -85.14 -53.28
N GLN A 198 63.36 -85.16 -53.28
CA GLN A 198 64.06 -84.01 -53.87
C GLN A 198 64.43 -84.16 -55.32
N SER A 199 64.10 -83.13 -56.11
CA SER A 199 64.74 -82.94 -57.43
C SER A 199 65.97 -82.00 -57.31
N CYS A 200 66.84 -82.12 -58.30
CA CYS A 200 68.10 -81.36 -58.47
C CYS A 200 69.31 -82.21 -58.11
N LYS A 201 70.26 -82.22 -59.04
CA LYS A 201 71.48 -83.01 -59.00
C LYS A 201 72.21 -82.82 -57.70
N VAL A 202 72.90 -83.87 -57.27
CA VAL A 202 73.69 -83.86 -56.04
C VAL A 202 75.15 -84.16 -56.38
N LEU A 203 76.04 -83.29 -55.91
CA LEU A 203 77.46 -83.44 -56.09
C LEU A 203 78.10 -83.70 -54.74
N VAL A 204 78.62 -84.89 -54.56
CA VAL A 204 79.18 -85.33 -53.27
C VAL A 204 80.66 -85.01 -53.22
N LEU A 205 81.11 -84.41 -52.10
CA LEU A 205 82.52 -84.13 -51.89
C LEU A 205 83.01 -84.78 -50.62
N ASP A 206 84.19 -85.39 -50.68
CA ASP A 206 84.81 -85.98 -49.51
C ASP A 206 85.49 -84.91 -48.68
N ALA A 207 84.84 -84.54 -47.56
CA ALA A 207 85.33 -83.45 -46.70
C ALA A 207 86.26 -83.93 -45.59
N ASP A 208 87.18 -84.81 -46.03
CA ASP A 208 88.41 -85.21 -45.34
C ASP A 208 89.65 -84.59 -46.05
N THR B 12 52.92 -60.32 -58.14
CA THR B 12 54.11 -60.99 -57.50
C THR B 12 53.79 -61.81 -56.22
N LYS B 13 52.79 -61.41 -55.43
CA LYS B 13 52.46 -62.17 -54.21
C LYS B 13 51.69 -63.39 -54.57
N TYR B 14 51.79 -64.44 -53.75
CA TYR B 14 51.01 -65.65 -53.98
C TYR B 14 49.51 -65.32 -53.96
N ALA B 15 48.74 -65.97 -54.84
CA ALA B 15 47.29 -65.81 -54.88
C ALA B 15 46.79 -64.43 -55.36
N GLU B 16 47.73 -63.48 -55.51
CA GLU B 16 47.45 -62.12 -55.98
C GLU B 16 46.54 -62.18 -57.21
N GLY B 17 45.52 -61.31 -57.21
CA GLY B 17 44.49 -61.26 -58.26
C GLY B 17 43.73 -62.56 -58.55
N THR B 18 43.60 -63.46 -57.58
CA THR B 18 42.88 -64.74 -57.82
C THR B 18 41.64 -64.81 -56.96
N GLN B 19 41.33 -63.70 -56.28
CA GLN B 19 40.32 -63.70 -55.22
C GLN B 19 39.21 -62.64 -55.41
N PRO B 20 37.94 -63.00 -55.18
CA PRO B 20 36.85 -62.02 -55.38
C PRO B 20 36.69 -61.14 -54.17
N PHE B 21 35.78 -60.18 -54.27
CA PHE B 21 35.40 -59.33 -53.13
C PHE B 21 35.30 -60.18 -51.88
N THR B 22 35.98 -59.78 -50.80
CA THR B 22 36.04 -60.65 -49.63
C THR B 22 35.55 -59.93 -48.40
N VAL B 23 34.73 -60.60 -47.61
CA VAL B 23 34.21 -60.03 -46.37
C VAL B 23 34.67 -60.89 -45.21
N LEU B 24 35.20 -60.24 -44.19
CA LEU B 24 35.69 -60.93 -42.97
C LEU B 24 34.82 -60.65 -41.74
N ILE B 25 34.29 -61.71 -41.16
CA ILE B 25 33.46 -61.60 -39.99
C ILE B 25 34.34 -61.64 -38.75
N GLU B 26 34.48 -60.49 -38.09
CA GLU B 26 35.26 -60.43 -36.87
C GLU B 26 34.40 -60.25 -35.63
N GLY B 27 34.87 -60.77 -34.50
CA GLY B 27 34.11 -60.67 -33.27
C GLY B 27 34.76 -61.54 -32.21
N ASN B 28 34.46 -61.22 -30.95
CA ASN B 28 34.93 -61.98 -29.81
C ASN B 28 34.41 -63.40 -29.81
N ILE B 29 34.99 -64.22 -28.94
CA ILE B 29 34.44 -65.56 -28.69
C ILE B 29 33.04 -65.29 -28.15
N GLY B 30 32.05 -66.02 -28.64
CA GLY B 30 30.70 -65.82 -28.14
C GLY B 30 29.99 -64.54 -28.56
N SER B 31 30.41 -63.98 -29.70
CA SER B 31 29.74 -62.81 -30.29
C SER B 31 28.67 -63.20 -31.35
N GLY B 32 28.40 -64.49 -31.47
CA GLY B 32 27.34 -64.98 -32.36
C GLY B 32 27.73 -65.13 -33.81
N LYS B 33 29.04 -65.34 -34.05
CA LYS B 33 29.56 -65.45 -35.43
C LYS B 33 29.01 -66.67 -36.15
N THR B 34 29.08 -67.84 -35.52
CA THR B 34 28.53 -69.06 -36.13
C THR B 34 27.04 -68.87 -36.49
N THR B 35 26.27 -68.33 -35.55
CA THR B 35 24.86 -68.02 -35.78
C THR B 35 24.72 -67.12 -37.00
N TYR B 36 25.41 -66.00 -36.99
CA TYR B 36 25.33 -65.04 -38.07
C TYR B 36 25.60 -65.68 -39.40
N LEU B 37 26.60 -66.54 -39.45
CA LEU B 37 27.00 -67.13 -40.72
C LEU B 37 26.07 -68.22 -41.23
N ASN B 38 25.24 -68.77 -40.33
CA ASN B 38 24.25 -69.74 -40.74
C ASN B 38 23.27 -69.13 -41.72
N HIS B 39 23.06 -67.81 -41.59
CA HIS B 39 22.10 -67.12 -42.45
C HIS B 39 22.52 -67.10 -43.91
N PHE B 40 23.81 -67.31 -44.17
CA PHE B 40 24.30 -67.16 -45.54
C PHE B 40 24.32 -68.50 -46.25
N GLU B 41 23.94 -69.56 -45.53
CA GLU B 41 24.09 -70.92 -46.02
C GLU B 41 23.18 -71.24 -47.21
N LYS B 42 21.97 -70.68 -47.24
CA LYS B 42 21.14 -70.84 -48.44
C LYS B 42 21.81 -70.31 -49.73
N TYR B 43 22.79 -69.43 -49.58
CA TYR B 43 23.42 -68.78 -50.73
C TYR B 43 24.71 -69.44 -51.14
N LYS B 44 24.97 -70.63 -50.57
CA LYS B 44 26.16 -71.41 -50.87
C LYS B 44 26.61 -71.34 -52.33
N ASN B 45 25.65 -71.44 -53.26
CA ASN B 45 25.98 -71.54 -54.68
C ASN B 45 26.58 -70.30 -55.31
N ASP B 46 26.45 -69.15 -54.66
CA ASP B 46 26.91 -67.88 -55.25
C ASP B 46 27.95 -67.21 -54.40
N ILE B 47 28.13 -67.76 -53.21
CA ILE B 47 28.96 -67.16 -52.19
C ILE B 47 29.90 -68.23 -51.67
N CYS B 48 31.20 -67.96 -51.74
CA CYS B 48 32.17 -68.81 -51.06
C CYS B 48 32.10 -68.49 -49.58
N LEU B 49 31.86 -69.52 -48.78
CA LEU B 49 31.51 -69.36 -47.38
C LEU B 49 32.41 -70.21 -46.46
N LEU B 50 33.35 -69.56 -45.77
CA LEU B 50 34.39 -70.27 -45.01
C LEU B 50 34.31 -70.02 -43.51
N THR B 51 33.76 -70.98 -42.79
CA THR B 51 33.71 -70.88 -41.35
C THR B 51 35.10 -71.13 -40.76
N GLU B 52 35.31 -70.70 -39.52
CA GLU B 52 36.59 -70.87 -38.84
C GLU B 52 36.97 -72.35 -38.81
N PRO B 53 38.20 -72.69 -39.23
CA PRO B 53 38.62 -74.09 -39.36
C PRO B 53 38.97 -74.74 -38.01
N VAL B 54 38.04 -74.67 -37.07
CA VAL B 54 38.22 -75.26 -35.73
C VAL B 54 38.46 -76.78 -35.87
N GLU B 55 37.76 -77.40 -36.82
CA GLU B 55 37.90 -78.82 -37.02
C GLU B 55 39.30 -79.25 -37.44
N LYS B 56 39.96 -78.45 -38.26
CA LYS B 56 41.38 -78.67 -38.54
C LYS B 56 42.23 -78.61 -37.28
N TRP B 57 42.00 -77.60 -36.43
CA TRP B 57 42.77 -77.40 -35.21
C TRP B 57 42.60 -78.52 -34.22
N ARG B 58 41.46 -79.21 -34.28
CA ARG B 58 41.13 -80.29 -33.34
C ARG B 58 41.75 -81.59 -33.74
N ASN B 59 42.12 -81.69 -35.02
CA ASN B 59 42.58 -82.92 -35.62
C ASN B 59 43.76 -82.64 -36.55
N VAL B 60 44.93 -82.41 -35.95
CA VAL B 60 46.19 -82.26 -36.69
C VAL B 60 46.92 -83.60 -36.65
N ASN B 61 46.53 -84.48 -37.58
CA ASN B 61 46.93 -85.89 -37.57
C ASN B 61 46.74 -86.50 -36.19
N GLY B 62 45.57 -86.30 -35.60
CA GLY B 62 45.23 -86.98 -34.35
C GLY B 62 45.36 -86.09 -33.12
N VAL B 63 46.25 -85.10 -33.18
CA VAL B 63 46.49 -84.22 -32.05
C VAL B 63 45.53 -83.05 -32.06
N ASN B 64 44.91 -82.78 -30.91
CA ASN B 64 44.00 -81.64 -30.75
C ASN B 64 44.76 -80.42 -30.24
N LEU B 65 45.20 -79.57 -31.18
CA LEU B 65 45.96 -78.39 -30.76
C LEU B 65 45.16 -77.46 -29.87
N LEU B 66 43.88 -77.26 -30.21
CA LEU B 66 43.01 -76.35 -29.44
C LEU B 66 42.97 -76.70 -27.95
N GLU B 67 42.78 -77.99 -27.65
CA GLU B 67 42.70 -78.45 -26.27
C GLU B 67 44.02 -78.19 -25.54
N LEU B 68 45.11 -78.71 -26.11
CA LEU B 68 46.43 -78.58 -25.54
C LEU B 68 46.78 -77.13 -25.25
N MET B 69 46.30 -76.24 -26.11
CA MET B 69 46.48 -74.82 -25.95
C MET B 69 45.73 -74.30 -24.73
N TYR B 70 44.50 -74.74 -24.53
CA TYR B 70 43.74 -74.37 -23.34
C TYR B 70 44.20 -75.06 -22.05
N LYS B 71 44.89 -76.19 -22.20
CA LYS B 71 45.35 -76.97 -21.05
C LYS B 71 46.69 -76.50 -20.54
N ASP B 72 47.62 -76.29 -21.45
CA ASP B 72 49.00 -75.99 -21.09
C ASP B 72 49.49 -74.87 -22.03
N PRO B 73 48.97 -73.64 -21.83
CA PRO B 73 49.18 -72.54 -22.78
C PRO B 73 50.65 -72.23 -23.02
N LYS B 74 51.49 -72.30 -21.98
CA LYS B 74 52.91 -71.97 -22.14
C LYS B 74 53.73 -72.92 -23.04
N LYS B 75 53.19 -74.13 -23.26
CA LYS B 75 53.84 -75.12 -24.10
C LYS B 75 53.25 -75.09 -25.49
N TRP B 76 51.93 -74.85 -25.57
CA TRP B 76 51.19 -75.06 -26.81
C TRP B 76 50.69 -73.81 -27.53
N ALA B 77 50.85 -72.64 -26.92
CA ALA B 77 50.38 -71.40 -27.57
C ALA B 77 51.11 -71.15 -28.87
N MET B 78 52.42 -71.33 -28.84
CA MET B 78 53.25 -71.11 -29.99
C MET B 78 52.82 -72.05 -31.13
N PRO B 79 52.89 -73.37 -30.94
CA PRO B 79 52.42 -74.25 -32.01
C PRO B 79 50.97 -73.99 -32.47
N PHE B 80 50.04 -73.82 -31.55
CA PHE B 80 48.64 -73.56 -31.89
C PHE B 80 48.43 -72.33 -32.76
N GLN B 81 49.01 -71.21 -32.39
CA GLN B 81 48.85 -69.99 -33.15
C GLN B 81 49.54 -70.04 -34.52
N SER B 82 50.71 -70.67 -34.55
CA SER B 82 51.38 -70.97 -35.80
C SER B 82 50.39 -71.68 -36.71
N TYR B 83 49.75 -72.72 -36.20
CA TYR B 83 48.86 -73.51 -37.03
C TYR B 83 47.60 -72.71 -37.42
N VAL B 84 47.09 -71.90 -36.50
CA VAL B 84 45.92 -71.11 -36.81
C VAL B 84 46.28 -70.27 -38.00
N THR B 85 47.38 -69.53 -37.88
CA THR B 85 47.87 -68.67 -38.94
C THR B 85 47.92 -69.42 -40.28
N LEU B 86 48.43 -70.65 -40.27
CA LEU B 86 48.45 -71.44 -41.50
C LEU B 86 47.07 -71.71 -42.06
N THR B 87 46.16 -72.17 -41.20
CA THR B 87 44.82 -72.52 -41.70
C THR B 87 44.08 -71.30 -42.20
N MET B 88 44.37 -70.14 -41.60
CA MET B 88 43.77 -68.88 -42.05
C MET B 88 44.26 -68.51 -43.42
N LEU B 89 45.58 -68.65 -43.62
CA LEU B 89 46.19 -68.36 -44.92
C LEU B 89 45.63 -69.31 -45.97
N GLN B 90 45.45 -70.56 -45.55
CA GLN B 90 44.87 -71.55 -46.45
C GLN B 90 43.49 -71.15 -46.92
N SER B 91 42.68 -70.58 -46.04
CA SER B 91 41.37 -70.01 -46.43
C SER B 91 41.55 -68.76 -47.27
N HIS B 92 42.24 -67.75 -46.71
CA HIS B 92 42.49 -66.48 -47.39
C HIS B 92 42.94 -66.63 -48.84
N THR B 93 43.46 -67.81 -49.19
CA THR B 93 44.09 -67.99 -50.50
C THR B 93 43.42 -69.06 -51.35
N ALA B 94 42.60 -69.92 -50.75
CA ALA B 94 41.87 -70.96 -51.48
C ALA B 94 41.20 -70.42 -52.75
N PRO B 95 41.43 -71.10 -53.91
CA PRO B 95 40.80 -70.60 -55.15
C PRO B 95 39.28 -70.75 -55.07
N THR B 96 38.59 -69.89 -55.81
CA THR B 96 37.12 -69.96 -55.93
C THR B 96 36.60 -69.30 -57.22
N ASN B 97 35.47 -69.82 -57.70
CA ASN B 97 34.79 -69.19 -58.82
C ASN B 97 33.77 -68.12 -58.43
N LYS B 98 33.21 -68.23 -57.23
CA LYS B 98 32.17 -67.34 -56.74
C LYS B 98 32.57 -65.87 -56.77
N LYS B 99 31.55 -65.01 -56.83
CA LYS B 99 31.78 -63.58 -56.97
C LYS B 99 31.99 -62.87 -55.61
N LEU B 100 31.70 -63.61 -54.53
CA LEU B 100 31.80 -63.10 -53.18
C LEU B 100 32.33 -64.15 -52.21
N LYS B 101 33.22 -63.76 -51.32
CA LYS B 101 33.82 -64.70 -50.36
C LYS B 101 33.66 -64.15 -48.95
N ILE B 102 33.22 -65.01 -48.04
CA ILE B 102 33.02 -64.58 -46.66
C ILE B 102 33.75 -65.51 -45.71
N MET B 103 34.58 -64.93 -44.86
CA MET B 103 35.39 -65.70 -43.91
C MET B 103 35.02 -65.38 -42.46
N GLU B 104 35.00 -66.40 -41.62
CA GLU B 104 34.89 -66.16 -40.20
C GLU B 104 36.31 -65.93 -39.70
N ARG B 105 36.56 -64.71 -39.20
CA ARG B 105 37.86 -64.32 -38.60
C ARG B 105 38.92 -64.29 -39.67
N SER B 106 40.15 -63.97 -39.30
CA SER B 106 41.18 -63.80 -40.32
C SER B 106 42.60 -63.90 -39.73
N ILE B 107 43.59 -63.76 -40.58
CA ILE B 107 44.96 -63.74 -40.09
C ILE B 107 45.17 -62.50 -39.21
N PHE B 108 44.42 -61.43 -39.51
CA PHE B 108 44.48 -60.18 -38.77
C PHE B 108 43.99 -60.30 -37.34
N SER B 109 42.89 -61.04 -37.12
CA SER B 109 42.42 -61.25 -35.76
C SER B 109 43.41 -62.09 -35.02
N ALA B 110 43.96 -63.09 -35.69
CA ALA B 110 44.97 -63.92 -35.06
C ALA B 110 46.12 -63.06 -34.61
N ARG B 111 46.57 -62.16 -35.47
CA ARG B 111 47.76 -61.40 -35.15
C ARG B 111 47.55 -60.31 -34.08
N TYR B 112 46.45 -59.58 -34.19
CA TYR B 112 46.21 -58.38 -33.38
C TYR B 112 45.44 -58.63 -32.09
N CYS B 113 44.66 -59.72 -32.06
CA CYS B 113 43.87 -60.01 -30.89
C CYS B 113 44.42 -61.18 -30.12
N PHE B 114 44.30 -62.38 -30.69
CA PHE B 114 44.63 -63.59 -29.92
C PHE B 114 46.11 -63.75 -29.59
N VAL B 115 46.99 -63.48 -30.55
CA VAL B 115 48.40 -63.60 -30.31
C VAL B 115 48.82 -62.49 -29.38
N GLU B 116 48.38 -61.27 -29.64
CA GLU B 116 48.81 -60.19 -28.79
C GLU B 116 48.33 -60.40 -27.38
N ASN B 117 47.19 -61.08 -27.22
CA ASN B 117 46.65 -61.31 -25.89
C ASN B 117 47.44 -62.32 -25.14
N MET B 118 47.83 -63.41 -25.80
CA MET B 118 48.71 -64.43 -25.18
C MET B 118 50.09 -63.90 -24.79
N ARG B 119 50.58 -62.90 -25.55
CA ARG B 119 51.79 -62.22 -25.18
C ARG B 119 51.55 -61.47 -23.89
N ARG B 120 50.48 -60.67 -23.85
CA ARG B 120 50.12 -59.87 -22.67
C ARG B 120 49.93 -60.64 -21.36
N ASN B 121 49.11 -61.69 -21.38
CA ASN B 121 48.95 -62.49 -20.17
C ASN B 121 50.06 -63.53 -19.98
N GLY B 122 51.14 -63.40 -20.75
CA GLY B 122 52.37 -64.15 -20.49
C GLY B 122 52.43 -65.62 -20.89
N SER B 123 51.44 -66.09 -21.62
CA SER B 123 51.41 -67.48 -22.10
C SER B 123 52.39 -67.71 -23.25
N LEU B 124 52.54 -66.72 -24.12
CA LEU B 124 53.61 -66.66 -25.12
C LEU B 124 54.82 -65.89 -24.56
N GLU B 125 55.96 -66.54 -24.48
CA GLU B 125 57.21 -65.86 -24.16
C GLU B 125 57.54 -64.90 -25.28
N GLN B 126 58.25 -63.82 -24.94
CA GLN B 126 58.69 -62.86 -25.91
C GLN B 126 59.36 -63.53 -27.15
N GLY B 127 60.30 -64.46 -26.91
CA GLY B 127 60.92 -65.25 -27.98
C GLY B 127 59.96 -65.93 -28.96
N MET B 128 58.94 -66.62 -28.45
CA MET B 128 57.91 -67.18 -29.31
C MET B 128 57.11 -66.10 -30.03
N TYR B 129 56.66 -65.12 -29.29
CA TYR B 129 55.90 -64.04 -29.89
C TYR B 129 56.63 -63.47 -31.11
N ASN B 130 57.89 -63.10 -30.92
CA ASN B 130 58.72 -62.53 -31.97
C ASN B 130 58.78 -63.43 -33.19
N THR B 131 58.87 -64.75 -32.97
CA THR B 131 58.87 -65.72 -34.07
C THR B 131 57.60 -65.60 -34.85
N LEU B 132 56.47 -65.56 -34.18
CA LEU B 132 55.21 -65.37 -34.86
C LEU B 132 55.17 -64.04 -35.61
N GLU B 133 55.77 -63.02 -35.01
CA GLU B 133 55.69 -61.68 -35.58
C GLU B 133 56.56 -61.50 -36.78
N GLU B 134 57.67 -62.22 -36.82
CA GLU B 134 58.51 -62.18 -37.99
C GLU B 134 57.80 -62.91 -39.14
N TRP B 135 57.18 -64.03 -38.84
CA TRP B 135 56.35 -64.64 -39.84
C TRP B 135 55.29 -63.65 -40.37
N TYR B 136 54.52 -63.00 -39.49
CA TYR B 136 53.44 -62.13 -39.97
C TYR B 136 53.98 -61.14 -40.96
N LYS B 137 55.10 -60.49 -40.62
CA LYS B 137 55.81 -59.58 -41.52
C LYS B 137 56.15 -60.22 -42.85
N PHE B 138 56.59 -61.47 -42.82
CA PHE B 138 56.95 -62.15 -44.06
C PHE B 138 55.73 -62.55 -44.85
N ILE B 139 54.67 -62.95 -44.17
CA ILE B 139 53.43 -63.25 -44.85
C ILE B 139 52.92 -62.02 -45.62
N GLU B 140 53.00 -60.86 -44.97
CA GLU B 140 52.55 -59.62 -45.54
C GLU B 140 53.21 -59.38 -46.88
N GLU B 141 54.49 -59.73 -47.00
CA GLU B 141 55.27 -59.41 -48.20
C GLU B 141 55.15 -60.44 -49.31
N SER B 142 54.56 -61.60 -49.04
CA SER B 142 54.70 -62.71 -49.98
C SER B 142 53.41 -63.42 -50.33
N ILE B 143 52.42 -63.26 -49.46
CA ILE B 143 51.09 -63.80 -49.72
C ILE B 143 50.09 -62.66 -49.83
N HIS B 144 49.19 -62.78 -50.83
CA HIS B 144 47.98 -61.95 -50.97
C HIS B 144 46.88 -62.42 -50.03
N VAL B 145 46.46 -61.53 -49.13
CA VAL B 145 45.32 -61.75 -48.24
C VAL B 145 44.32 -60.67 -48.65
N GLN B 146 43.36 -61.06 -49.47
CA GLN B 146 42.29 -60.16 -49.93
C GLN B 146 41.35 -59.80 -48.77
N ALA B 147 41.08 -58.51 -48.62
CA ALA B 147 40.21 -58.06 -47.56
C ALA B 147 39.54 -56.77 -47.96
N ASP B 148 38.23 -56.83 -48.25
CA ASP B 148 37.49 -55.70 -48.81
C ASP B 148 36.53 -55.02 -47.81
N LEU B 149 36.09 -55.76 -46.79
CA LEU B 149 35.19 -55.20 -45.79
C LEU B 149 35.20 -56.11 -44.59
N ILE B 150 35.28 -55.54 -43.40
CA ILE B 150 35.10 -56.32 -42.17
C ILE B 150 33.80 -56.01 -41.44
N ILE B 151 33.08 -57.07 -41.09
CA ILE B 151 31.89 -56.92 -40.27
C ILE B 151 32.24 -57.28 -38.81
N TYR B 152 32.33 -56.26 -37.99
CA TYR B 152 32.59 -56.45 -36.58
C TYR B 152 31.28 -56.74 -35.83
N LEU B 153 31.14 -57.96 -35.34
CA LEU B 153 30.03 -58.28 -34.47
C LEU B 153 30.41 -57.84 -33.06
N ARG B 154 30.15 -56.57 -32.78
CA ARG B 154 30.43 -56.00 -31.48
C ARG B 154 29.44 -56.38 -30.36
N THR B 155 29.95 -56.60 -29.16
CA THR B 155 29.17 -57.03 -27.99
C THR B 155 29.95 -56.69 -26.75
N SER B 156 29.32 -56.78 -25.58
CA SER B 156 30.02 -56.52 -24.34
C SER B 156 30.50 -57.85 -23.80
N PRO B 157 31.69 -57.88 -23.18
CA PRO B 157 32.25 -59.14 -22.70
C PRO B 157 31.20 -59.96 -21.95
N GLU B 158 30.41 -59.25 -21.15
CA GLU B 158 29.40 -59.84 -20.27
C GLU B 158 28.35 -60.60 -21.07
N VAL B 159 27.88 -59.99 -22.15
CA VAL B 159 26.92 -60.66 -23.01
C VAL B 159 27.52 -61.87 -23.70
N ALA B 160 28.78 -61.76 -24.09
CA ALA B 160 29.51 -62.88 -24.67
C ALA B 160 29.66 -64.04 -23.68
N TYR B 161 30.07 -63.77 -22.45
CA TYR B 161 30.15 -64.82 -21.44
C TYR B 161 28.85 -65.64 -21.38
N GLU B 162 27.72 -64.95 -21.25
CA GLU B 162 26.41 -65.59 -21.19
C GLU B 162 26.33 -66.70 -22.25
N ARG B 163 26.40 -66.29 -23.53
CA ARG B 163 26.22 -67.18 -24.68
C ARG B 163 27.08 -68.42 -24.50
N ILE B 164 28.39 -68.19 -24.44
CA ILE B 164 29.36 -69.25 -24.24
C ILE B 164 28.84 -70.28 -23.26
N ARG B 165 28.39 -69.81 -22.10
CA ARG B 165 27.89 -70.76 -21.12
C ARG B 165 26.50 -71.37 -21.43
N GLN B 166 25.64 -70.59 -22.09
CA GLN B 166 24.38 -71.15 -22.54
C GLN B 166 24.69 -72.36 -23.39
N ARG B 167 25.16 -72.14 -24.61
CA ARG B 167 25.62 -73.21 -25.50
C ARG B 167 26.08 -74.43 -24.78
N ALA B 168 25.28 -75.49 -24.90
CA ALA B 168 25.77 -76.82 -24.59
C ALA B 168 26.98 -77.01 -25.54
N ARG B 169 28.20 -77.09 -24.98
CA ARG B 169 29.41 -76.92 -25.79
C ARG B 169 30.72 -77.52 -25.19
N SER B 170 31.90 -77.09 -25.67
CA SER B 170 33.14 -77.91 -25.60
C SER B 170 34.52 -77.23 -25.23
N GLU B 171 35.29 -76.74 -26.20
CA GLU B 171 36.69 -76.36 -25.95
C GLU B 171 36.84 -74.98 -25.35
N GLU B 172 36.63 -74.00 -26.23
CA GLU B 172 36.62 -72.58 -25.91
C GLU B 172 35.70 -72.25 -24.74
N SER B 173 34.96 -73.28 -24.33
CA SER B 173 33.91 -73.23 -23.33
C SER B 173 34.34 -72.66 -21.98
N CYS B 174 35.56 -73.01 -21.61
CA CYS B 174 36.03 -72.75 -20.26
C CYS B 174 37.00 -71.55 -20.18
N VAL B 175 36.48 -70.37 -20.52
CA VAL B 175 37.28 -69.15 -20.50
C VAL B 175 36.73 -68.22 -19.44
N PRO B 176 37.63 -67.54 -18.67
CA PRO B 176 37.23 -66.56 -17.64
C PRO B 176 36.73 -65.27 -18.25
N LEU B 177 35.95 -64.49 -17.50
CA LEU B 177 35.44 -63.23 -18.01
C LEU B 177 36.59 -62.23 -18.28
N LYS B 178 37.60 -62.23 -17.40
CA LYS B 178 38.72 -61.29 -17.56
C LYS B 178 39.36 -61.43 -18.94
N TYR B 179 39.43 -62.68 -19.39
CA TYR B 179 39.98 -63.03 -20.69
C TYR B 179 39.12 -62.47 -21.84
N LEU B 180 37.81 -62.58 -21.71
CA LEU B 180 36.92 -62.02 -22.72
C LEU B 180 36.98 -60.53 -22.71
N GLN B 181 37.19 -59.96 -21.53
CA GLN B 181 37.39 -58.51 -21.40
C GLN B 181 38.62 -58.04 -22.18
N GLU B 182 39.73 -58.72 -21.92
CA GLU B 182 40.98 -58.46 -22.60
C GLU B 182 40.92 -58.57 -24.13
N LEU B 183 40.28 -59.64 -24.63
CA LEU B 183 40.01 -59.83 -26.06
C LEU B 183 39.09 -58.77 -26.63
N HIS B 184 38.04 -58.45 -25.89
CA HIS B 184 37.14 -57.40 -26.32
C HIS B 184 37.92 -56.11 -26.60
N GLU B 185 38.76 -55.67 -25.63
CA GLU B 185 39.52 -54.42 -25.74
C GLU B 185 40.43 -54.43 -26.96
N LEU B 186 41.10 -55.56 -27.19
CA LEU B 186 41.95 -55.72 -28.38
C LEU B 186 41.18 -55.61 -29.70
N HIS B 187 40.01 -56.25 -29.80
CA HIS B 187 39.15 -56.04 -30.95
C HIS B 187 38.73 -54.58 -31.15
N GLU B 188 38.47 -53.91 -30.03
CA GLU B 188 38.06 -52.51 -30.05
C GLU B 188 39.22 -51.63 -30.54
N ASP B 189 40.43 -51.91 -30.07
CA ASP B 189 41.60 -51.14 -30.45
C ASP B 189 41.78 -51.30 -31.94
N TRP B 190 41.66 -52.54 -32.42
CA TRP B 190 41.86 -52.81 -33.82
C TRP B 190 40.73 -52.21 -34.65
N LEU B 191 39.50 -52.50 -34.29
CA LEU B 191 38.39 -52.16 -35.18
C LEU B 191 37.78 -50.77 -35.01
N ILE B 192 37.68 -50.25 -33.79
CA ILE B 192 37.11 -48.91 -33.57
C ILE B 192 38.13 -47.77 -33.52
N HIS B 193 39.13 -47.88 -32.66
CA HIS B 193 40.05 -46.76 -32.48
C HIS B 193 41.13 -46.64 -33.57
N GLN B 194 40.95 -47.40 -34.66
CA GLN B 194 41.90 -47.50 -35.81
C GLN B 194 42.98 -48.57 -35.58
N CYS B 200 41.06 -51.11 -44.37
CA CYS B 200 39.81 -51.25 -45.15
C CYS B 200 38.51 -50.98 -44.34
N LYS B 201 37.35 -50.86 -45.00
CA LYS B 201 36.12 -50.38 -44.30
C LYS B 201 35.64 -51.33 -43.22
N VAL B 202 35.17 -50.75 -42.12
CA VAL B 202 34.65 -51.53 -41.03
C VAL B 202 33.17 -51.21 -40.83
N LEU B 203 32.34 -52.26 -40.80
CA LEU B 203 30.92 -52.16 -40.53
C LEU B 203 30.59 -52.79 -39.18
N VAL B 204 30.22 -51.96 -38.21
CA VAL B 204 29.97 -52.42 -36.83
C VAL B 204 28.51 -52.79 -36.67
N LEU B 205 28.25 -53.96 -36.09
CA LEU B 205 26.90 -54.39 -35.78
C LEU B 205 26.73 -54.64 -34.30
N ASP B 206 25.63 -54.17 -33.74
CA ASP B 206 25.32 -54.44 -32.34
C ASP B 206 24.75 -55.86 -32.18
N ALA B 207 25.57 -56.78 -31.68
CA ALA B 207 25.14 -58.17 -31.51
C ALA B 207 24.65 -58.53 -30.10
N ASP B 208 23.89 -57.63 -29.45
CA ASP B 208 23.47 -57.83 -28.06
C ASP B 208 22.11 -58.49 -27.94
N THR C 12 20.03 -21.59 37.64
CA THR C 12 20.82 -22.30 36.57
C THR C 12 20.83 -21.58 35.20
N LYS C 13 19.78 -20.82 34.87
CA LYS C 13 19.80 -20.05 33.62
C LYS C 13 20.68 -18.81 33.72
N TYR C 14 21.26 -18.37 32.59
CA TYR C 14 22.01 -17.13 32.58
C TYR C 14 21.13 -15.96 33.06
N ALA C 15 21.71 -15.06 33.85
CA ALA C 15 21.02 -13.85 34.30
C ALA C 15 19.87 -14.11 35.29
N GLU C 16 19.51 -15.37 35.49
CA GLU C 16 18.47 -15.76 36.44
C GLU C 16 18.66 -15.02 37.77
N GLY C 17 17.55 -14.50 38.31
CA GLY C 17 17.54 -13.67 39.52
C GLY C 17 18.45 -12.44 39.55
N THR C 18 18.82 -11.89 38.40
CA THR C 18 19.62 -10.66 38.38
C THR C 18 18.81 -9.47 37.82
N GLN C 19 17.50 -9.66 37.67
CA GLN C 19 16.66 -8.68 36.99
C GLN C 19 15.48 -8.23 37.84
N PRO C 20 15.12 -6.92 37.79
CA PRO C 20 13.99 -6.42 38.56
C PRO C 20 12.72 -6.59 37.78
N PHE C 21 11.61 -6.21 38.38
CA PHE C 21 10.29 -6.16 37.73
C PHE C 21 10.43 -5.54 36.37
N THR C 22 10.01 -6.27 35.34
CA THR C 22 10.29 -5.87 33.96
C THR C 22 8.99 -5.68 33.22
N VAL C 23 8.88 -4.55 32.52
CA VAL C 23 7.72 -4.28 31.68
C VAL C 23 8.14 -4.25 30.21
N LEU C 24 7.39 -4.96 29.37
CA LEU C 24 7.63 -4.96 27.92
C LEU C 24 6.58 -4.18 27.14
N ILE C 25 7.00 -3.21 26.33
CA ILE C 25 6.07 -2.45 25.49
C ILE C 25 5.95 -3.11 24.13
N GLU C 26 4.79 -3.66 23.86
CA GLU C 26 4.61 -4.33 22.59
C GLU C 26 3.64 -3.52 21.75
N GLY C 27 3.76 -3.63 20.44
CA GLY C 27 2.89 -2.88 19.54
C GLY C 27 3.41 -2.95 18.12
N ASN C 28 2.52 -2.76 17.17
CA ASN C 28 2.86 -2.77 15.77
C ASN C 28 3.85 -1.66 15.43
N ILE C 29 4.40 -1.72 14.22
CA ILE C 29 5.16 -0.61 13.68
C ILE C 29 4.15 0.51 13.60
N GLY C 30 4.56 1.69 14.03
CA GLY C 30 3.68 2.85 13.98
C GLY C 30 2.53 2.85 14.96
N SER C 31 2.68 2.17 16.10
CA SER C 31 1.68 2.18 17.19
C SER C 31 2.02 3.21 18.30
N GLY C 32 3.02 4.05 18.06
CA GLY C 32 3.34 5.13 18.99
C GLY C 32 4.20 4.75 20.17
N LYS C 33 4.98 3.67 20.04
CA LYS C 33 5.85 3.18 21.12
C LYS C 33 6.93 4.18 21.48
N THR C 34 7.65 4.71 20.48
CA THR C 34 8.72 5.68 20.75
C THR C 34 8.18 6.87 21.53
N THR C 35 7.05 7.40 21.05
CA THR C 35 6.32 8.49 21.69
C THR C 35 5.98 8.09 23.12
N TYR C 36 5.28 6.97 23.26
CA TYR C 36 4.92 6.49 24.59
C TYR C 36 6.12 6.46 25.54
N LEU C 37 7.25 5.98 25.07
CA LEU C 37 8.40 5.79 25.93
C LEU C 37 9.14 7.08 26.29
N ASN C 38 8.87 8.14 25.52
CA ASN C 38 9.46 9.44 25.81
C ASN C 38 8.95 9.95 27.13
N HIS C 39 7.72 9.56 27.51
CA HIS C 39 7.14 10.01 28.76
C HIS C 39 7.88 9.49 29.99
N PHE C 40 8.69 8.45 29.82
CA PHE C 40 9.32 7.83 30.99
C PHE C 40 10.72 8.35 31.18
N GLU C 41 11.14 9.25 30.30
CA GLU C 41 12.54 9.70 30.28
C GLU C 41 12.93 10.54 31.50
N LYS C 42 12.01 11.38 32.00
CA LYS C 42 12.28 12.07 33.24
C LYS C 42 12.62 11.16 34.40
N TYR C 43 12.21 9.89 34.32
CA TYR C 43 12.40 8.96 35.42
C TYR C 43 13.61 8.05 35.29
N LYS C 44 14.44 8.35 34.29
CA LYS C 44 15.71 7.66 34.02
C LYS C 44 16.47 7.16 35.27
N ASN C 45 16.49 7.95 36.33
CA ASN C 45 17.28 7.65 37.52
C ASN C 45 16.73 6.52 38.36
N ASP C 46 15.47 6.16 38.15
CA ASP C 46 14.86 5.13 38.98
C ASP C 46 14.37 3.95 38.16
N ILE C 47 14.42 4.12 36.86
CA ILE C 47 13.84 3.20 35.92
C ILE C 47 14.89 2.88 34.90
N CYS C 48 15.19 1.60 34.71
CA CYS C 48 16.00 1.17 33.58
C CYS C 48 15.15 1.20 32.33
N LEU C 49 15.60 1.90 31.30
CA LEU C 49 14.76 2.26 30.18
C LEU C 49 15.43 1.96 28.84
N LEU C 50 15.02 0.86 28.23
CA LEU C 50 15.67 0.37 27.02
C LEU C 50 14.79 0.43 25.79
N THR C 51 15.07 1.40 24.94
CA THR C 51 14.38 1.51 23.65
C THR C 51 14.89 0.43 22.72
N GLU C 52 14.10 0.11 21.71
CA GLU C 52 14.49 -0.88 20.69
C GLU C 52 15.86 -0.53 20.07
N PRO C 53 16.80 -1.49 20.04
CA PRO C 53 18.16 -1.24 19.56
C PRO C 53 18.31 -1.11 18.03
N VAL C 54 17.44 -0.35 17.41
CA VAL C 54 17.51 -0.08 15.99
C VAL C 54 18.94 0.35 15.57
N GLU C 55 19.55 1.22 16.37
CA GLU C 55 20.88 1.78 16.06
C GLU C 55 21.94 0.67 15.97
N LYS C 56 21.81 -0.36 16.80
CA LYS C 56 22.69 -1.52 16.63
C LYS C 56 22.47 -2.24 15.29
N TRP C 57 21.22 -2.31 14.85
CA TRP C 57 20.90 -3.06 13.64
C TRP C 57 21.34 -2.28 12.39
N ARG C 58 21.52 -0.97 12.54
CA ARG C 58 21.88 -0.14 11.39
C ARG C 58 23.39 -0.13 11.19
N ASN C 59 24.11 -0.54 12.21
CA ASN C 59 25.55 -0.36 12.25
C ASN C 59 26.19 -1.59 12.86
N VAL C 60 26.18 -2.67 12.11
CA VAL C 60 26.85 -3.88 12.55
C VAL C 60 28.22 -3.87 11.90
N ASN C 61 29.18 -3.24 12.58
CA ASN C 61 30.48 -3.01 11.99
C ASN C 61 30.33 -2.48 10.54
N GLY C 62 29.49 -1.47 10.38
CA GLY C 62 29.39 -0.78 9.12
C GLY C 62 28.16 -1.14 8.34
N VAL C 63 27.72 -2.38 8.50
CA VAL C 63 26.64 -2.94 7.69
C VAL C 63 25.30 -2.57 8.31
N ASN C 64 24.38 -2.09 7.49
CA ASN C 64 23.02 -1.81 7.93
C ASN C 64 22.14 -3.02 7.62
N LEU C 65 21.97 -3.90 8.62
CA LEU C 65 21.13 -5.08 8.42
C LEU C 65 19.68 -4.71 8.12
N LEU C 66 19.18 -3.66 8.78
CA LEU C 66 17.77 -3.28 8.66
C LEU C 66 17.43 -2.96 7.23
N GLU C 67 18.30 -2.20 6.58
CA GLU C 67 18.09 -1.82 5.19
C GLU C 67 18.12 -3.03 4.26
N LEU C 68 19.21 -3.79 4.33
CA LEU C 68 19.41 -4.99 3.55
C LEU C 68 18.25 -5.95 3.70
N MET C 69 17.67 -5.98 4.90
CA MET C 69 16.52 -6.81 5.16
C MET C 69 15.31 -6.31 4.37
N TYR C 70 15.09 -4.99 4.34
CA TYR C 70 13.94 -4.38 3.59
C TYR C 70 14.16 -4.37 2.07
N LYS C 71 15.42 -4.47 1.65
CA LYS C 71 15.78 -4.40 0.23
C LYS C 71 15.75 -5.79 -0.40
N ASP C 72 16.31 -6.78 0.28
CA ASP C 72 16.49 -8.13 -0.26
C ASP C 72 16.12 -9.16 0.82
N PRO C 73 14.83 -9.23 1.18
CA PRO C 73 14.38 -10.02 2.35
C PRO C 73 14.82 -11.46 2.28
N LYS C 74 14.77 -12.09 1.10
CA LYS C 74 15.11 -13.51 1.00
C LYS C 74 16.57 -13.86 1.33
N LYS C 75 17.45 -12.86 1.26
CA LYS C 75 18.86 -13.01 1.55
C LYS C 75 19.19 -12.57 2.97
N TRP C 76 18.48 -11.54 3.45
CA TRP C 76 18.86 -10.89 4.70
C TRP C 76 17.90 -11.04 5.89
N ALA C 77 16.76 -11.67 5.69
CA ALA C 77 15.84 -11.91 6.78
C ALA C 77 16.47 -12.76 7.86
N MET C 78 17.06 -13.88 7.47
CA MET C 78 17.73 -14.81 8.40
C MET C 78 18.81 -14.12 9.24
N PRO C 79 19.81 -13.49 8.61
CA PRO C 79 20.80 -12.73 9.41
C PRO C 79 20.19 -11.64 10.26
N PHE C 80 19.28 -10.87 9.68
CA PHE C 80 18.65 -9.78 10.40
C PHE C 80 17.93 -10.20 11.69
N GLN C 81 17.07 -11.19 11.59
CA GLN C 81 16.34 -11.65 12.74
C GLN C 81 17.21 -12.33 13.77
N SER C 82 18.20 -13.10 13.31
CA SER C 82 19.20 -13.66 14.20
C SER C 82 19.83 -12.53 15.03
N TYR C 83 20.23 -11.43 14.38
CA TYR C 83 20.83 -10.34 15.09
C TYR C 83 19.84 -9.66 16.05
N VAL C 84 18.61 -9.40 15.57
CA VAL C 84 17.57 -8.84 16.43
C VAL C 84 17.47 -9.66 17.73
N THR C 85 17.21 -10.94 17.59
CA THR C 85 17.17 -11.82 18.73
C THR C 85 18.36 -11.67 19.68
N LEU C 86 19.57 -11.62 19.14
CA LEU C 86 20.73 -11.33 19.99
C LEU C 86 20.61 -9.98 20.72
N THR C 87 20.32 -8.90 20.01
CA THR C 87 20.27 -7.60 20.65
C THR C 87 19.21 -7.54 21.74
N MET C 88 18.11 -8.26 21.50
CA MET C 88 17.02 -8.34 22.48
C MET C 88 17.48 -9.07 23.73
N LEU C 89 18.25 -10.14 23.52
CA LEU C 89 18.75 -10.94 24.64
C LEU C 89 19.72 -10.14 25.42
N GLN C 90 20.52 -9.38 24.68
CA GLN C 90 21.43 -8.42 25.30
C GLN C 90 20.67 -7.48 26.24
N SER C 91 19.56 -6.88 25.77
CA SER C 91 18.74 -6.06 26.66
C SER C 91 18.10 -6.85 27.82
N HIS C 92 17.39 -7.93 27.47
CA HIS C 92 16.69 -8.75 28.44
C HIS C 92 17.57 -9.17 29.61
N THR C 93 18.88 -9.10 29.44
CA THR C 93 19.78 -9.69 30.43
C THR C 93 20.75 -8.69 31.00
N ALA C 94 20.90 -7.51 30.36
CA ALA C 94 21.81 -6.44 30.86
C ALA C 94 21.61 -6.17 32.33
N PRO C 95 22.71 -6.17 33.10
CA PRO C 95 22.56 -5.94 34.56
C PRO C 95 22.04 -4.54 34.84
N THR C 96 21.33 -4.40 35.97
CA THR C 96 20.91 -3.07 36.40
C THR C 96 20.67 -3.01 37.91
N ASN C 97 20.83 -1.81 38.46
CA ASN C 97 20.50 -1.57 39.87
C ASN C 97 19.06 -1.10 40.09
N LYS C 98 18.44 -0.53 39.05
CA LYS C 98 17.10 0.04 39.17
C LYS C 98 16.03 -0.98 39.61
N LYS C 99 14.95 -0.46 40.20
CA LYS C 99 13.88 -1.30 40.76
C LYS C 99 12.86 -1.73 39.71
N LEU C 100 12.93 -1.09 38.54
CA LEU C 100 11.98 -1.31 37.47
C LEU C 100 12.69 -1.23 36.15
N LYS C 101 12.35 -2.15 35.24
CA LYS C 101 12.95 -2.20 33.91
C LYS C 101 11.88 -2.15 32.84
N ILE C 102 12.08 -1.31 31.82
CA ILE C 102 11.12 -1.19 30.74
C ILE C 102 11.78 -1.31 29.36
N MET C 103 11.28 -2.26 28.57
CA MET C 103 11.83 -2.56 27.25
C MET C 103 10.82 -2.28 26.15
N GLU C 104 11.31 -1.77 25.03
CA GLU C 104 10.49 -1.65 23.86
C GLU C 104 10.67 -2.96 23.12
N ARG C 105 9.58 -3.68 22.95
CA ARG C 105 9.55 -4.96 22.27
C ARG C 105 10.39 -6.00 23.03
N SER C 106 10.45 -7.21 22.50
CA SER C 106 11.10 -8.26 23.24
C SER C 106 11.49 -9.38 22.31
N ILE C 107 12.15 -10.40 22.87
CA ILE C 107 12.44 -11.63 22.11
C ILE C 107 11.14 -12.26 21.64
N PHE C 108 10.10 -12.11 22.44
CA PHE C 108 8.79 -12.69 22.14
C PHE C 108 8.10 -12.09 20.91
N SER C 109 8.19 -10.79 20.76
CA SER C 109 7.59 -10.20 19.59
C SER C 109 8.38 -10.61 18.38
N ALA C 110 9.69 -10.74 18.54
CA ALA C 110 10.54 -11.15 17.44
C ALA C 110 10.11 -12.56 16.97
N ARG C 111 9.88 -13.43 17.91
CA ARG C 111 9.62 -14.82 17.56
C ARG C 111 8.21 -15.02 17.02
N TYR C 112 7.23 -14.46 17.71
CA TYR C 112 5.83 -14.71 17.41
C TYR C 112 5.25 -13.79 16.32
N CYS C 113 5.78 -12.59 16.16
CA CYS C 113 5.22 -11.71 15.16
C CYS C 113 6.14 -11.55 13.93
N PHE C 114 7.30 -10.97 14.12
CA PHE C 114 8.11 -10.64 12.97
C PHE C 114 8.63 -11.91 12.28
N VAL C 115 9.18 -12.85 13.01
CA VAL C 115 9.73 -14.00 12.33
C VAL C 115 8.59 -14.82 11.71
N GLU C 116 7.55 -15.06 12.49
CA GLU C 116 6.45 -15.83 11.97
C GLU C 116 5.90 -15.17 10.72
N ASN C 117 5.89 -13.84 10.70
CA ASN C 117 5.38 -13.17 9.52
C ASN C 117 6.26 -13.39 8.28
N MET C 118 7.57 -13.28 8.45
CA MET C 118 8.50 -13.53 7.35
C MET C 118 8.49 -14.98 6.85
N ARG C 119 8.15 -15.92 7.73
CA ARG C 119 7.88 -17.26 7.28
C ARG C 119 6.62 -17.31 6.40
N ARG C 120 5.54 -16.70 6.87
CA ARG C 120 4.27 -16.72 6.17
C ARG C 120 4.31 -16.09 4.79
N ASN C 121 4.84 -14.87 4.67
CA ASN C 121 4.96 -14.24 3.34
C ASN C 121 6.21 -14.72 2.56
N GLY C 122 6.84 -15.79 3.05
CA GLY C 122 7.81 -16.54 2.27
C GLY C 122 9.20 -15.95 2.17
N SER C 123 9.46 -14.84 2.88
CA SER C 123 10.79 -14.23 2.86
C SER C 123 11.83 -15.12 3.58
N LEU C 124 11.40 -15.80 4.65
CA LEU C 124 12.18 -16.85 5.32
C LEU C 124 11.81 -18.23 4.77
N GLU C 125 12.80 -18.91 4.17
CA GLU C 125 12.64 -20.31 3.80
C GLU C 125 12.46 -21.13 5.09
N GLN C 126 11.73 -22.24 4.94
CA GLN C 126 11.48 -23.18 6.03
C GLN C 126 12.78 -23.54 6.74
N GLY C 127 13.82 -23.82 5.97
CA GLY C 127 15.13 -24.10 6.52
C GLY C 127 15.64 -23.03 7.46
N MET C 128 15.61 -21.78 7.03
CA MET C 128 16.04 -20.68 7.90
C MET C 128 15.17 -20.55 9.16
N TYR C 129 13.86 -20.47 8.94
CA TYR C 129 12.92 -20.40 10.02
C TYR C 129 13.23 -21.45 11.11
N ASN C 130 13.34 -22.70 10.71
CA ASN C 130 13.65 -23.77 11.65
C ASN C 130 14.92 -23.49 12.44
N THR C 131 15.93 -22.92 11.78
CA THR C 131 17.17 -22.57 12.49
C THR C 131 16.91 -21.52 13.57
N LEU C 132 16.13 -20.51 13.25
CA LEU C 132 15.78 -19.52 14.26
C LEU C 132 14.95 -20.18 15.37
N GLU C 133 14.02 -21.05 14.98
CA GLU C 133 13.15 -21.69 15.96
C GLU C 133 13.87 -22.61 16.93
N GLU C 134 14.90 -23.31 16.43
CA GLU C 134 15.71 -24.15 17.32
C GLU C 134 16.47 -23.28 18.30
N TRP C 135 16.98 -22.14 17.80
CA TRP C 135 17.58 -21.16 18.68
C TRP C 135 16.63 -20.72 19.78
N TYR C 136 15.43 -20.24 19.39
CA TYR C 136 14.46 -19.81 20.41
C TYR C 136 14.27 -20.86 21.50
N LYS C 137 14.04 -22.13 21.10
CA LYS C 137 13.89 -23.23 22.06
C LYS C 137 15.09 -23.33 22.97
N PHE C 138 16.29 -23.12 22.41
CA PHE C 138 17.48 -23.23 23.24
C PHE C 138 17.69 -22.03 24.13
N ILE C 139 17.32 -20.85 23.64
CA ILE C 139 17.31 -19.65 24.49
C ILE C 139 16.38 -19.86 25.69
N GLU C 140 15.20 -20.41 25.44
CA GLU C 140 14.24 -20.66 26.49
C GLU C 140 14.86 -21.45 27.63
N GLU C 141 15.70 -22.42 27.31
CA GLU C 141 16.23 -23.34 28.33
C GLU C 141 17.47 -22.84 29.07
N SER C 142 18.08 -21.77 28.63
CA SER C 142 19.39 -21.44 29.12
C SER C 142 19.57 -20.00 29.56
N ILE C 143 18.63 -19.13 29.21
CA ILE C 143 18.88 -17.70 29.41
C ILE C 143 17.70 -16.96 29.97
N HIS C 144 17.61 -16.84 31.31
CA HIS C 144 16.40 -16.27 31.98
C HIS C 144 15.88 -14.97 31.37
N VAL C 145 14.72 -15.03 30.73
CA VAL C 145 14.10 -13.77 30.23
C VAL C 145 12.95 -13.21 31.11
N GLN C 146 13.31 -12.26 31.96
CA GLN C 146 12.38 -11.66 32.90
C GLN C 146 11.27 -10.89 32.18
N ALA C 147 10.03 -11.20 32.53
CA ALA C 147 8.89 -10.57 31.92
C ALA C 147 7.72 -10.59 32.87
N ASP C 148 7.38 -9.45 33.45
CA ASP C 148 6.34 -9.37 34.49
C ASP C 148 5.02 -8.78 34.07
N LEU C 149 5.02 -7.94 33.04
CA LEU C 149 3.81 -7.35 32.49
C LEU C 149 4.12 -6.83 31.11
N ILE C 150 3.19 -7.03 30.18
CA ILE C 150 3.27 -6.43 28.85
C ILE C 150 2.20 -5.34 28.67
N ILE C 151 2.63 -4.23 28.09
CA ILE C 151 1.70 -3.20 27.72
C ILE C 151 1.55 -3.21 26.20
N TYR C 152 0.45 -3.76 25.74
CA TYR C 152 0.10 -3.76 24.33
C TYR C 152 -0.49 -2.41 23.89
N LEU C 153 0.27 -1.67 23.08
CA LEU C 153 -0.26 -0.48 22.46
C LEU C 153 -0.98 -0.93 21.20
N ARG C 154 -2.27 -1.21 21.38
CA ARG C 154 -3.15 -1.67 20.32
C ARG C 154 -3.65 -0.53 19.45
N THR C 155 -3.72 -0.78 18.14
CA THR C 155 -4.19 0.17 17.13
C THR C 155 -4.70 -0.61 15.94
N SER C 156 -5.35 0.08 15.02
CA SER C 156 -5.77 -0.53 13.77
C SER C 156 -4.68 -0.30 12.70
N PRO C 157 -4.47 -1.29 11.81
CA PRO C 157 -3.36 -1.18 10.85
C PRO C 157 -3.41 0.16 10.16
N GLU C 158 -4.65 0.59 9.86
CA GLU C 158 -4.93 1.82 9.10
C GLU C 158 -4.38 3.02 9.83
N VAL C 159 -4.60 3.07 11.16
CA VAL C 159 -4.13 4.20 11.97
C VAL C 159 -2.61 4.20 12.04
N ALA C 160 -2.04 3.00 12.11
CA ALA C 160 -0.59 2.81 12.12
C ALA C 160 0.04 3.23 10.78
N TYR C 161 -0.49 2.70 9.68
CA TYR C 161 -0.01 3.06 8.34
C TYR C 161 0.10 4.58 8.14
N GLU C 162 -1.04 5.25 8.31
CA GLU C 162 -1.15 6.69 8.42
C GLU C 162 0.01 7.28 9.25
N ARG C 163 0.11 6.82 10.51
CA ARG C 163 1.10 7.31 11.48
C ARG C 163 2.55 7.24 10.97
N ILE C 164 2.82 6.38 9.98
CA ILE C 164 4.16 6.36 9.38
C ILE C 164 4.35 7.42 8.30
N ARG C 165 3.29 7.75 7.56
CA ARG C 165 3.40 8.73 6.48
C ARG C 165 3.69 10.14 7.01
N GLN C 166 3.03 10.51 8.13
CA GLN C 166 3.25 11.81 8.79
C GLN C 166 4.67 11.93 9.39
N ARG C 167 5.35 10.80 9.54
CA ARG C 167 6.76 10.84 9.87
C ARG C 167 7.51 10.81 8.53
N ALA C 168 8.08 11.95 8.14
CA ALA C 168 8.85 12.01 6.90
C ALA C 168 10.19 11.26 7.11
N ARG C 169 10.06 10.07 7.71
CA ARG C 169 11.14 9.33 8.35
C ARG C 169 12.12 8.63 7.39
N SER C 170 12.11 7.29 7.38
CA SER C 170 13.12 6.50 6.62
C SER C 170 12.80 5.00 6.29
N GLU C 171 13.15 4.06 7.19
CA GLU C 171 13.23 2.61 6.87
C GLU C 171 11.92 1.91 6.59
N GLU C 172 11.04 1.88 7.59
CA GLU C 172 9.71 1.28 7.47
C GLU C 172 8.82 2.11 6.52
N SER C 173 9.16 3.39 6.38
CA SER C 173 8.44 4.35 5.54
C SER C 173 7.90 3.63 4.31
N CYS C 174 8.79 2.82 3.75
CA CYS C 174 8.57 2.09 2.52
C CYS C 174 8.12 0.63 2.82
N VAL C 175 6.89 0.50 3.34
CA VAL C 175 6.20 -0.77 3.64
C VAL C 175 4.69 -0.63 3.47
N PRO C 176 4.04 -1.71 3.00
CA PRO C 176 2.64 -1.76 2.58
C PRO C 176 1.63 -1.97 3.71
N LEU C 177 0.40 -1.52 3.48
CA LEU C 177 -0.65 -1.75 4.45
C LEU C 177 -0.91 -3.23 4.70
N LYS C 178 -0.86 -4.07 3.67
CA LYS C 178 -1.14 -5.49 3.85
C LYS C 178 -0.24 -6.12 4.90
N TYR C 179 1.00 -5.68 4.88
CA TYR C 179 2.04 -6.10 5.81
C TYR C 179 1.69 -5.70 7.25
N LEU C 180 1.32 -4.44 7.43
CA LEU C 180 0.86 -3.97 8.75
C LEU C 180 -0.37 -4.72 9.24
N GLN C 181 -1.23 -5.15 8.32
CA GLN C 181 -2.40 -5.95 8.66
C GLN C 181 -1.95 -7.30 9.19
N GLU C 182 -1.04 -7.91 8.46
CA GLU C 182 -0.53 -9.22 8.84
C GLU C 182 0.11 -9.17 10.21
N LEU C 183 0.90 -8.13 10.46
CA LEU C 183 1.59 -7.94 11.73
C LEU C 183 0.63 -7.68 12.87
N HIS C 184 -0.40 -6.89 12.56
CA HIS C 184 -1.44 -6.61 13.51
C HIS C 184 -2.08 -7.91 13.96
N GLU C 185 -2.50 -8.76 13.02
CA GLU C 185 -3.18 -10.02 13.38
C GLU C 185 -2.32 -10.90 14.25
N LEU C 186 -1.03 -10.93 13.96
CA LEU C 186 -0.12 -11.72 14.75
C LEU C 186 0.05 -11.20 16.18
N HIS C 187 0.04 -9.90 16.37
CA HIS C 187 0.10 -9.32 17.70
C HIS C 187 -1.17 -9.63 18.41
N GLU C 188 -2.28 -9.56 17.70
CA GLU C 188 -3.57 -9.90 18.25
C GLU C 188 -3.64 -11.37 18.68
N ASP C 189 -3.17 -12.27 17.84
CA ASP C 189 -3.14 -13.69 18.20
C ASP C 189 -2.37 -13.90 19.51
N TRP C 190 -1.19 -13.30 19.57
CA TRP C 190 -0.32 -13.44 20.71
C TRP C 190 -0.87 -12.75 21.96
N LEU C 191 -1.07 -11.45 21.87
CA LEU C 191 -1.37 -10.65 23.05
C LEU C 191 -2.86 -10.49 23.40
N ILE C 192 -3.77 -10.90 22.51
CA ILE C 192 -5.22 -10.85 22.80
C ILE C 192 -5.87 -12.24 22.85
N HIS C 193 -5.74 -13.01 21.78
CA HIS C 193 -6.37 -14.33 21.76
C HIS C 193 -5.55 -15.40 22.48
N GLN C 194 -4.34 -15.01 22.89
CA GLN C 194 -3.48 -15.80 23.78
C GLN C 194 -3.25 -17.21 23.19
N ARG C 195 -3.10 -17.27 21.87
CA ARG C 195 -2.85 -18.51 21.17
C ARG C 195 -1.39 -18.95 21.34
N ARG C 196 -0.58 -18.08 21.93
CA ARG C 196 0.85 -18.31 22.09
C ARG C 196 1.13 -18.37 23.56
N PRO C 197 2.05 -19.28 23.98
CA PRO C 197 2.37 -19.58 25.37
C PRO C 197 2.19 -18.40 26.30
N GLN C 198 2.93 -17.34 26.04
CA GLN C 198 3.11 -16.24 26.97
C GLN C 198 2.42 -16.34 28.32
N SER C 199 3.30 -16.48 29.31
CA SER C 199 3.00 -16.37 30.73
C SER C 199 3.41 -14.98 31.34
N CYS C 200 2.54 -13.98 31.17
CA CYS C 200 2.41 -12.80 32.06
C CYS C 200 1.15 -11.99 31.76
N LYS C 201 0.80 -11.06 32.65
CA LYS C 201 -0.40 -10.27 32.46
C LYS C 201 -0.22 -9.36 31.28
N VAL C 202 -1.33 -9.07 30.58
CA VAL C 202 -1.31 -8.18 29.44
C VAL C 202 -2.23 -7.00 29.68
N LEU C 203 -1.72 -5.79 29.50
CA LEU C 203 -2.48 -4.58 29.74
C LEU C 203 -2.62 -3.90 28.41
N VAL C 204 -3.84 -3.83 27.90
CA VAL C 204 -4.13 -3.32 26.56
C VAL C 204 -4.44 -1.84 26.64
N LEU C 205 -3.81 -1.05 25.79
CA LEU C 205 -4.10 0.38 25.69
C LEU C 205 -4.54 0.76 24.29
N ASP C 206 -5.59 1.59 24.21
CA ASP C 206 -6.08 2.10 22.93
C ASP C 206 -5.22 3.28 22.46
N ALA C 207 -4.32 3.00 21.53
CA ALA C 207 -3.41 4.02 20.99
C ALA C 207 -3.93 4.65 19.67
N ASP C 208 -5.26 4.70 19.50
CA ASP C 208 -5.87 5.13 18.21
C ASP C 208 -6.13 6.63 18.18
N THR D 12 28.02 -17.38 37.35
CA THR D 12 27.08 -16.51 36.57
C THR D 12 26.84 -16.95 35.12
N LYS D 13 27.80 -17.59 34.46
CA LYS D 13 27.53 -18.16 33.11
C LYS D 13 26.66 -19.43 33.14
N TYR D 14 25.90 -19.65 32.10
CA TYR D 14 25.09 -20.87 32.03
C TYR D 14 26.02 -22.10 32.07
N ALA D 15 25.56 -23.18 32.71
CA ALA D 15 26.32 -24.44 32.83
C ALA D 15 27.62 -24.34 33.65
N GLU D 16 28.04 -23.12 34.01
CA GLU D 16 29.27 -22.88 34.78
C GLU D 16 29.34 -23.88 35.93
N GLY D 17 30.51 -24.50 36.12
CA GLY D 17 30.74 -25.49 37.19
C GLY D 17 29.84 -26.74 37.17
N THR D 18 29.23 -27.07 36.03
CA THR D 18 28.43 -28.30 35.91
C THR D 18 29.08 -29.34 34.99
N GLN D 19 30.35 -29.12 34.65
CA GLN D 19 31.03 -29.92 33.63
C GLN D 19 32.39 -30.52 34.08
N PRO D 20 32.65 -31.79 33.70
CA PRO D 20 33.91 -32.43 34.13
C PRO D 20 35.01 -32.11 33.15
N PHE D 21 36.22 -32.58 33.47
CA PHE D 21 37.41 -32.42 32.60
C PHE D 21 37.01 -32.76 31.18
N THR D 22 37.23 -31.82 30.26
CA THR D 22 36.69 -31.99 28.92
C THR D 22 37.81 -31.96 27.90
N VAL D 23 37.77 -32.92 26.99
CA VAL D 23 38.76 -33.00 25.92
C VAL D 23 38.08 -32.79 24.57
N LEU D 24 38.66 -31.92 23.75
CA LEU D 24 38.12 -31.69 22.42
C LEU D 24 39.00 -32.25 21.32
N ILE D 25 38.41 -33.10 20.47
CA ILE D 25 39.11 -33.65 19.32
C ILE D 25 38.95 -32.74 18.10
N GLU D 26 40.02 -32.04 17.76
CA GLU D 26 39.99 -31.20 16.57
C GLU D 26 40.82 -31.80 15.44
N GLY D 27 40.50 -31.42 14.21
CA GLY D 27 41.22 -31.93 13.06
C GLY D 27 40.41 -31.66 11.83
N ASN D 28 41.07 -31.74 10.69
CA ASN D 28 40.44 -31.44 9.42
C ASN D 28 39.38 -32.46 9.03
N ILE D 29 38.63 -32.16 7.99
CA ILE D 29 37.71 -33.16 7.45
C ILE D 29 38.68 -34.22 6.98
N GLY D 30 38.33 -35.48 7.22
CA GLY D 30 39.16 -36.60 6.78
C GLY D 30 40.48 -36.78 7.52
N SER D 31 40.57 -36.29 8.76
CA SER D 31 41.73 -36.51 9.62
C SER D 31 41.60 -37.72 10.56
N GLY D 32 40.61 -38.59 10.31
CA GLY D 32 40.41 -39.81 11.10
C GLY D 32 39.82 -39.62 12.51
N LYS D 33 39.02 -38.56 12.71
CA LYS D 33 38.38 -38.30 14.00
C LYS D 33 37.35 -39.36 14.38
N THR D 34 36.47 -39.72 13.45
CA THR D 34 35.47 -40.76 13.73
C THR D 34 36.13 -42.06 14.14
N THR D 35 37.14 -42.46 13.35
CA THR D 35 37.93 -43.65 13.64
C THR D 35 38.55 -43.55 15.02
N TYR D 36 39.27 -42.46 15.28
CA TYR D 36 39.89 -42.24 16.58
C TYR D 36 38.91 -42.38 17.73
N LEU D 37 37.74 -41.79 17.58
CA LEU D 37 36.73 -41.83 18.64
C LEU D 37 36.05 -43.17 18.88
N ASN D 38 36.10 -44.06 17.87
CA ASN D 38 35.59 -45.41 18.03
C ASN D 38 36.37 -46.15 19.10
N HIS D 39 37.63 -45.79 19.31
CA HIS D 39 38.47 -46.47 20.30
C HIS D 39 38.02 -46.20 21.74
N PHE D 40 37.25 -45.15 21.95
CA PHE D 40 36.84 -44.82 23.32
C PHE D 40 35.47 -45.40 23.65
N GLU D 41 34.86 -46.10 22.69
CA GLU D 41 33.49 -46.58 22.85
C GLU D 41 33.34 -47.66 23.90
N LYS D 42 34.34 -48.51 24.07
CA LYS D 42 34.27 -49.47 25.17
C LYS D 42 34.21 -48.81 26.55
N TYR D 43 34.60 -47.53 26.62
CA TYR D 43 34.65 -46.83 27.89
C TYR D 43 33.43 -45.96 28.16
N LYS D 44 32.40 -46.15 27.33
CA LYS D 44 31.12 -45.44 27.43
C LYS D 44 30.67 -45.16 28.86
N ASN D 45 30.78 -46.18 29.73
CA ASN D 45 30.29 -46.10 31.11
C ASN D 45 31.03 -45.11 32.04
N ASP D 46 32.23 -44.71 31.66
CA ASP D 46 33.01 -43.84 32.53
C ASP D 46 33.36 -42.50 31.87
N ILE D 47 33.04 -42.42 30.59
CA ILE D 47 33.43 -41.31 29.76
C ILE D 47 32.20 -40.83 28.99
N CYS D 48 31.92 -39.54 29.12
CA CYS D 48 30.88 -38.95 28.31
C CYS D 48 31.51 -38.73 26.95
N LEU D 49 30.84 -39.26 25.93
CA LEU D 49 31.44 -39.36 24.60
C LEU D 49 30.52 -38.78 23.49
N LEU D 50 30.85 -37.60 23.00
CA LEU D 50 29.97 -36.90 22.07
C LEU D 50 30.58 -36.69 20.69
N THR D 51 30.14 -37.51 19.75
CA THR D 51 30.56 -37.35 18.37
C THR D 51 29.89 -36.11 17.72
N GLU D 52 30.45 -35.63 16.62
CA GLU D 52 29.93 -34.44 15.98
C GLU D 52 28.47 -34.67 15.56
N PRO D 53 27.54 -33.74 15.92
CA PRO D 53 26.10 -33.95 15.71
C PRO D 53 25.65 -33.78 14.26
N VAL D 54 26.36 -34.45 13.35
CA VAL D 54 26.02 -34.42 11.92
C VAL D 54 24.53 -34.75 11.70
N GLU D 55 24.06 -35.77 12.42
CA GLU D 55 22.71 -36.26 12.24
C GLU D 55 21.66 -35.19 12.55
N LYS D 56 21.98 -34.30 13.50
CA LYS D 56 21.10 -33.18 13.78
C LYS D 56 21.06 -32.24 12.59
N TRP D 57 22.23 -32.00 11.98
CA TRP D 57 22.31 -31.05 10.87
C TRP D 57 21.65 -31.58 9.63
N ARG D 58 21.50 -32.90 9.54
CA ARG D 58 20.91 -33.53 8.37
C ARG D 58 19.41 -33.54 8.45
N ASN D 59 18.90 -33.36 9.67
CA ASN D 59 17.47 -33.52 9.96
C ASN D 59 17.03 -32.41 10.91
N VAL D 60 16.88 -31.21 10.36
CA VAL D 60 16.27 -30.10 11.11
C VAL D 60 14.79 -29.97 10.75
N ASN D 61 13.97 -30.75 11.47
CA ASN D 61 12.58 -30.94 11.13
C ASN D 61 12.40 -31.21 9.65
N GLY D 62 13.18 -32.14 9.11
CA GLY D 62 12.99 -32.55 7.73
C GLY D 62 14.01 -31.97 6.77
N VAL D 63 14.55 -30.80 7.12
CA VAL D 63 15.48 -30.10 6.25
C VAL D 63 16.91 -30.53 6.51
N ASN D 64 17.63 -30.87 5.42
CA ASN D 64 19.05 -31.18 5.49
C ASN D 64 19.92 -29.93 5.30
N LEU D 65 20.31 -29.29 6.41
CA LEU D 65 21.10 -28.07 6.29
C LEU D 65 22.45 -28.33 5.67
N LEU D 66 23.06 -29.46 6.03
CA LEU D 66 24.41 -29.80 5.55
C LEU D 66 24.44 -29.81 4.03
N GLU D 67 23.46 -30.48 3.42
CA GLU D 67 23.37 -30.58 1.97
C GLU D 67 23.22 -29.20 1.32
N LEU D 68 22.16 -28.51 1.72
CA LEU D 68 21.86 -27.20 1.22
C LEU D 68 23.04 -26.26 1.33
N MET D 69 23.85 -26.45 2.37
CA MET D 69 25.07 -25.67 2.56
C MET D 69 26.09 -25.97 1.47
N TYR D 70 26.27 -27.25 1.16
CA TYR D 70 27.22 -27.68 0.11
C TYR D 70 26.69 -27.44 -1.31
N LYS D 71 25.38 -27.28 -1.44
CA LYS D 71 24.76 -27.08 -2.74
C LYS D 71 24.70 -25.60 -3.11
N ASP D 72 24.30 -24.76 -2.16
CA ASP D 72 24.09 -23.33 -2.44
C ASP D 72 24.65 -22.53 -1.26
N PRO D 73 26.00 -22.52 -1.12
CA PRO D 73 26.67 -21.95 0.06
C PRO D 73 26.29 -20.50 0.35
N LYS D 74 26.08 -19.69 -0.68
CA LYS D 74 25.76 -18.29 -0.44
C LYS D 74 24.40 -18.00 0.22
N LYS D 75 23.51 -19.00 0.15
CA LYS D 75 22.18 -18.89 0.75
C LYS D 75 22.16 -19.58 2.10
N TRP D 76 22.90 -20.68 2.22
CA TRP D 76 22.73 -21.58 3.36
C TRP D 76 23.86 -21.60 4.37
N ALA D 77 24.95 -20.89 4.08
CA ALA D 77 26.11 -20.87 4.98
C ALA D 77 25.77 -20.28 6.33
N MET D 78 25.11 -19.13 6.30
CA MET D 78 24.66 -18.45 7.48
C MET D 78 23.75 -19.34 8.34
N PRO D 79 22.61 -19.81 7.79
CA PRO D 79 21.80 -20.70 8.61
C PRO D 79 22.53 -21.94 9.12
N PHE D 80 23.21 -22.65 8.21
CA PHE D 80 23.97 -23.83 8.60
C PHE D 80 24.91 -23.58 9.78
N GLN D 81 25.74 -22.55 9.69
CA GLN D 81 26.74 -22.32 10.74
C GLN D 81 26.14 -21.92 12.05
N SER D 82 25.10 -21.09 11.95
CA SER D 82 24.27 -20.73 13.07
C SER D 82 23.85 -22.01 13.79
N TYR D 83 23.27 -22.95 13.04
CA TYR D 83 22.78 -24.18 13.64
C TYR D 83 23.91 -25.01 14.22
N VAL D 84 25.05 -25.10 13.50
CA VAL D 84 26.17 -25.85 14.00
C VAL D 84 26.49 -25.25 15.37
N THR D 85 26.66 -23.94 15.42
CA THR D 85 27.07 -23.32 16.67
C THR D 85 26.11 -23.73 17.77
N LEU D 86 24.82 -23.75 17.45
CA LEU D 86 23.83 -24.15 18.45
C LEU D 86 24.00 -25.63 18.92
N THR D 87 24.20 -26.53 17.96
CA THR D 87 24.36 -27.93 18.33
C THR D 87 25.64 -28.14 19.15
N MET D 88 26.67 -27.38 18.83
CA MET D 88 27.91 -27.50 19.60
C MET D 88 27.74 -27.04 21.03
N LEU D 89 26.99 -25.95 21.23
CA LEU D 89 26.74 -25.40 22.55
C LEU D 89 25.91 -26.39 23.30
N GLN D 90 24.99 -27.02 22.58
CA GLN D 90 24.15 -28.03 23.19
C GLN D 90 24.99 -29.14 23.81
N SER D 91 25.97 -29.64 23.05
CA SER D 91 26.97 -30.59 23.58
C SER D 91 27.83 -29.99 24.68
N HIS D 92 28.53 -28.90 24.38
CA HIS D 92 29.39 -28.24 25.35
C HIS D 92 28.76 -28.06 26.71
N THR D 93 27.43 -28.12 26.79
CA THR D 93 26.74 -27.75 28.03
C THR D 93 25.89 -28.88 28.61
N ALA D 94 25.59 -29.90 27.78
CA ALA D 94 24.76 -31.06 28.22
C ALA D 94 25.23 -31.60 29.57
N PRO D 95 24.29 -31.79 30.52
CA PRO D 95 24.72 -32.31 31.82
C PRO D 95 25.26 -33.74 31.73
N THR D 96 26.11 -34.09 32.69
CA THR D 96 26.66 -35.44 32.78
C THR D 96 27.20 -35.81 34.17
N ASN D 97 27.10 -37.08 34.51
CA ASN D 97 27.70 -37.54 35.74
C ASN D 97 29.17 -37.98 35.58
N LYS D 98 29.55 -38.37 34.37
CA LYS D 98 30.87 -38.92 34.11
C LYS D 98 32.02 -37.98 34.46
N LYS D 99 33.18 -38.58 34.75
CA LYS D 99 34.36 -37.84 35.28
C LYS D 99 35.21 -37.24 34.16
N LEU D 100 34.91 -37.64 32.93
CA LEU D 100 35.62 -37.18 31.75
C LEU D 100 34.65 -37.04 30.60
N LYS D 101 34.81 -35.94 29.86
CA LYS D 101 33.96 -35.65 28.69
C LYS D 101 34.80 -35.46 27.43
N ILE D 102 34.42 -36.10 26.33
CA ILE D 102 35.18 -35.98 25.09
C ILE D 102 34.29 -35.62 23.89
N MET D 103 34.64 -34.51 23.25
CA MET D 103 33.85 -33.99 22.13
C MET D 103 34.60 -33.99 20.80
N GLU D 104 33.91 -34.37 19.74
CA GLU D 104 34.48 -34.23 18.42
C GLU D 104 34.19 -32.80 18.00
N ARG D 105 35.26 -32.05 17.74
CA ARG D 105 35.16 -30.64 17.35
C ARG D 105 34.51 -29.77 18.44
N SER D 106 34.42 -28.47 18.21
CA SER D 106 33.89 -27.57 19.20
C SER D 106 33.36 -26.28 18.61
N ILE D 107 32.82 -25.42 19.47
CA ILE D 107 32.37 -24.12 19.01
C ILE D 107 33.55 -23.35 18.41
N PHE D 108 34.74 -23.57 19.00
CA PHE D 108 35.98 -22.95 18.56
C PHE D 108 36.40 -23.32 17.14
N SER D 109 36.29 -24.60 16.79
CA SER D 109 36.62 -24.97 15.40
C SER D 109 35.64 -24.32 14.44
N ALA D 110 34.36 -24.31 14.86
CA ALA D 110 33.32 -23.66 14.08
C ALA D 110 33.69 -22.21 13.82
N ARG D 111 34.11 -21.49 14.86
CA ARG D 111 34.34 -20.06 14.73
C ARG D 111 35.60 -19.76 13.93
N TYR D 112 36.69 -20.44 14.28
CA TYR D 112 38.03 -20.12 13.79
C TYR D 112 38.44 -20.78 12.48
N CYS D 113 37.87 -21.94 12.20
CA CYS D 113 38.17 -22.62 10.94
C CYS D 113 37.04 -22.51 9.93
N PHE D 114 35.92 -23.18 10.21
CA PHE D 114 34.90 -23.26 9.20
C PHE D 114 34.26 -21.92 8.85
N VAL D 115 33.93 -21.10 9.85
CA VAL D 115 33.23 -19.86 9.56
C VAL D 115 34.22 -18.90 8.89
N GLU D 116 35.41 -18.85 9.47
CA GLU D 116 36.40 -17.95 8.93
C GLU D 116 36.73 -18.37 7.51
N ASN D 117 36.63 -19.67 7.21
CA ASN D 117 36.90 -20.09 5.86
C ASN D 117 35.85 -19.67 4.85
N MET D 118 34.59 -19.77 5.25
CA MET D 118 33.47 -19.35 4.41
C MET D 118 33.44 -17.86 4.18
N ARG D 119 33.93 -17.10 5.15
CA ARG D 119 34.14 -15.68 4.95
C ARG D 119 35.18 -15.46 3.84
N ARG D 120 36.35 -16.09 4.00
CA ARG D 120 37.47 -15.92 3.05
C ARG D 120 37.17 -16.31 1.61
N ASN D 121 36.57 -17.48 1.39
CA ASN D 121 36.18 -17.81 0.04
C ASN D 121 34.83 -17.15 -0.42
N GLY D 122 34.35 -16.20 0.38
CA GLY D 122 33.23 -15.36 -0.02
C GLY D 122 31.82 -15.91 0.04
N SER D 123 31.65 -17.14 0.54
CA SER D 123 30.31 -17.78 0.64
C SER D 123 29.45 -17.09 1.71
N LEU D 124 30.10 -16.69 2.80
CA LEU D 124 29.49 -15.82 3.82
C LEU D 124 29.79 -14.35 3.50
N GLU D 125 28.73 -13.57 3.25
CA GLU D 125 28.87 -12.11 3.11
C GLU D 125 29.32 -11.54 4.45
N GLN D 126 30.00 -10.40 4.40
CA GLN D 126 30.50 -9.73 5.57
C GLN D 126 29.34 -9.55 6.60
N GLY D 127 28.19 -9.08 6.12
CA GLY D 127 27.02 -8.91 6.99
C GLY D 127 26.67 -10.14 7.80
N MET D 128 26.53 -11.28 7.11
CA MET D 128 26.28 -12.57 7.79
C MET D 128 27.38 -12.95 8.76
N TYR D 129 28.63 -12.82 8.30
CA TYR D 129 29.78 -13.11 9.13
C TYR D 129 29.72 -12.36 10.45
N ASN D 130 29.54 -11.06 10.35
CA ASN D 130 29.45 -10.20 11.52
C ASN D 130 28.34 -10.59 12.48
N THR D 131 27.22 -11.08 11.96
CA THR D 131 26.14 -11.60 12.80
C THR D 131 26.61 -12.83 13.57
N LEU D 132 27.25 -13.76 12.89
CA LEU D 132 27.74 -14.93 13.62
C LEU D 132 28.77 -14.52 14.63
N GLU D 133 29.59 -13.52 14.28
CA GLU D 133 30.66 -13.03 15.17
C GLU D 133 30.14 -12.35 16.43
N GLU D 134 29.07 -11.60 16.28
CA GLU D 134 28.47 -10.96 17.45
C GLU D 134 27.86 -11.98 18.39
N TRP D 135 27.24 -13.02 17.83
CA TRP D 135 26.83 -14.16 18.63
C TRP D 135 28.02 -14.86 19.35
N TYR D 136 29.12 -15.15 18.63
CA TYR D 136 30.25 -15.78 19.33
C TYR D 136 30.63 -14.93 20.54
N LYS D 137 30.84 -13.63 20.34
CA LYS D 137 31.16 -12.73 21.47
C LYS D 137 30.16 -12.85 22.61
N PHE D 138 28.89 -12.94 22.27
CA PHE D 138 27.92 -12.99 23.33
C PHE D 138 27.85 -14.35 23.97
N ILE D 139 28.17 -15.41 23.21
CA ILE D 139 28.24 -16.75 23.79
C ILE D 139 29.41 -16.79 24.81
N GLU D 140 30.52 -16.19 24.44
CA GLU D 140 31.67 -16.08 25.34
C GLU D 140 31.25 -15.55 26.72
N GLU D 141 30.41 -14.52 26.75
CA GLU D 141 30.07 -13.84 28.00
C GLU D 141 28.97 -14.47 28.80
N SER D 142 28.31 -15.49 28.27
CA SER D 142 27.09 -15.94 28.93
C SER D 142 26.92 -17.45 29.03
N ILE D 143 27.72 -18.23 28.30
CA ILE D 143 27.57 -19.69 28.38
C ILE D 143 28.85 -20.39 28.79
N HIS D 144 28.75 -21.52 29.50
CA HIS D 144 29.95 -22.30 29.88
C HIS D 144 30.32 -23.23 28.77
N VAL D 145 31.58 -23.17 28.38
CA VAL D 145 32.11 -24.03 27.36
C VAL D 145 33.44 -24.50 27.93
N GLN D 146 33.34 -25.55 28.73
CA GLN D 146 34.48 -26.16 29.41
C GLN D 146 35.44 -26.75 28.37
N ALA D 147 36.73 -26.46 28.51
CA ALA D 147 37.73 -26.98 27.57
C ALA D 147 39.04 -27.11 28.31
N ASP D 148 39.48 -28.35 28.56
CA ASP D 148 40.69 -28.58 29.36
C ASP D 148 41.94 -29.01 28.57
N LEU D 149 41.73 -29.59 27.38
CA LEU D 149 42.81 -30.08 26.56
C LEU D 149 42.24 -30.34 25.20
N ILE D 150 42.99 -29.98 24.16
CA ILE D 150 42.60 -30.29 22.78
C ILE D 150 43.54 -31.30 22.13
N ILE D 151 42.98 -32.28 21.47
CA ILE D 151 43.78 -33.23 20.72
C ILE D 151 43.70 -32.93 19.22
N TYR D 152 44.74 -32.35 18.68
CA TYR D 152 44.78 -32.00 17.30
C TYR D 152 45.21 -33.24 16.51
N LEU D 153 44.30 -33.80 15.73
CA LEU D 153 44.67 -34.86 14.77
C LEU D 153 45.19 -34.19 13.51
N ARG D 154 46.50 -33.95 13.50
CA ARG D 154 47.20 -33.26 12.41
C ARG D 154 47.49 -34.21 11.24
N THR D 155 47.35 -33.70 10.02
CA THR D 155 47.53 -34.44 8.78
C THR D 155 47.75 -33.45 7.65
N SER D 156 48.23 -33.94 6.52
CA SER D 156 48.47 -33.07 5.37
C SER D 156 47.23 -33.11 4.51
N PRO D 157 46.88 -31.95 3.92
CA PRO D 157 45.63 -31.90 3.14
C PRO D 157 45.54 -33.11 2.23
N GLU D 158 46.67 -33.46 1.63
CA GLU D 158 46.76 -34.52 0.63
C GLU D 158 46.30 -35.86 1.22
N VAL D 159 46.82 -36.18 2.40
CA VAL D 159 46.45 -37.42 3.07
C VAL D 159 44.96 -37.45 3.43
N ALA D 160 44.45 -36.30 3.89
CA ALA D 160 43.01 -36.18 4.16
C ALA D 160 42.17 -36.45 2.92
N TYR D 161 42.54 -35.93 1.74
CA TYR D 161 41.73 -36.21 0.52
C TYR D 161 41.55 -37.71 0.24
N GLU D 162 42.64 -38.47 0.44
CA GLU D 162 42.63 -39.90 0.20
C GLU D 162 41.71 -40.68 1.15
N ARG D 163 41.84 -40.44 2.47
CA ARG D 163 40.93 -41.04 3.47
C ARG D 163 39.46 -40.83 3.12
N ILE D 164 39.14 -39.67 2.55
CA ILE D 164 37.79 -39.37 2.11
C ILE D 164 37.42 -40.21 0.88
N ARG D 165 38.29 -40.20 -0.15
CA ARG D 165 38.03 -40.96 -1.37
C ARG D 165 37.76 -42.47 -1.12
N GLN D 166 38.44 -43.04 -0.11
CA GLN D 166 38.15 -44.42 0.31
C GLN D 166 37.11 -44.42 1.44
N ARG D 167 35.92 -43.90 1.13
CA ARG D 167 34.74 -43.94 2.01
C ARG D 167 33.43 -43.71 1.23
N ALA D 168 32.36 -44.32 1.71
CA ALA D 168 31.01 -44.14 1.13
C ALA D 168 30.23 -43.17 2.00
N ARG D 169 30.82 -41.98 2.21
CA ARG D 169 30.19 -40.92 2.97
C ARG D 169 29.37 -40.01 2.04
N SER D 170 28.55 -39.18 2.66
CA SER D 170 27.65 -38.33 1.94
C SER D 170 28.02 -36.88 2.23
N GLU D 171 27.63 -36.00 1.31
CA GLU D 171 27.72 -34.53 1.44
C GLU D 171 29.17 -34.03 1.38
N GLU D 172 29.89 -34.13 2.50
CA GLU D 172 31.31 -33.80 2.55
C GLU D 172 32.13 -34.50 1.44
N SER D 173 31.78 -35.76 1.15
CA SER D 173 32.49 -36.65 0.20
C SER D 173 33.02 -36.02 -1.11
N CYS D 174 32.78 -34.73 -1.30
CA CYS D 174 32.90 -34.09 -2.61
C CYS D 174 33.68 -32.76 -2.58
N VAL D 175 34.59 -32.67 -1.62
CA VAL D 175 35.30 -31.43 -1.32
C VAL D 175 36.56 -31.27 -2.17
N PRO D 176 36.81 -30.06 -2.74
CA PRO D 176 38.05 -29.91 -3.51
C PRO D 176 39.26 -29.87 -2.59
N LEU D 177 40.42 -30.25 -3.11
CA LEU D 177 41.66 -30.21 -2.34
C LEU D 177 41.99 -28.79 -1.86
N LYS D 178 41.73 -27.76 -2.69
CA LYS D 178 42.09 -26.39 -2.31
C LYS D 178 41.42 -26.04 -0.98
N TYR D 179 40.22 -26.56 -0.83
CA TYR D 179 39.38 -26.29 0.31
C TYR D 179 39.97 -26.95 1.54
N LEU D 180 40.36 -28.21 1.42
CA LEU D 180 41.06 -28.86 2.53
C LEU D 180 42.37 -28.19 2.88
N GLN D 181 43.05 -27.64 1.88
CA GLN D 181 44.28 -26.90 2.12
C GLN D 181 43.98 -25.68 2.97
N GLU D 182 42.94 -24.91 2.59
CA GLU D 182 42.53 -23.73 3.30
C GLU D 182 42.15 -24.03 4.77
N LEU D 183 41.35 -25.08 4.96
CA LEU D 183 40.98 -25.53 6.29
C LEU D 183 42.19 -25.93 7.12
N HIS D 184 43.08 -26.70 6.48
CA HIS D 184 44.29 -27.15 7.15
C HIS D 184 45.08 -25.95 7.72
N GLU D 185 45.34 -24.94 6.88
CA GLU D 185 46.06 -23.73 7.34
C GLU D 185 45.39 -23.04 8.51
N LEU D 186 44.06 -22.97 8.47
CA LEU D 186 43.30 -22.34 9.55
C LEU D 186 43.41 -23.13 10.84
N HIS D 187 43.40 -24.46 10.75
CA HIS D 187 43.63 -25.27 11.94
C HIS D 187 45.02 -25.06 12.49
N GLU D 188 45.98 -24.96 11.57
CA GLU D 188 47.39 -24.75 11.92
C GLU D 188 47.61 -23.38 12.64
N ASP D 189 46.97 -22.34 12.09
CA ASP D 189 47.02 -21.03 12.69
C ASP D 189 46.50 -21.12 14.12
N TRP D 190 45.35 -21.75 14.28
CA TRP D 190 44.71 -21.82 15.58
C TRP D 190 45.52 -22.70 16.52
N LEU D 191 45.97 -23.85 16.02
CA LEU D 191 46.54 -24.85 16.93
C LEU D 191 48.10 -24.88 17.10
N ILE D 192 48.83 -24.14 16.28
CA ILE D 192 50.21 -23.74 16.69
C ILE D 192 50.49 -22.20 16.68
N HIS D 193 50.53 -21.63 15.46
CA HIS D 193 51.01 -20.25 15.18
C HIS D 193 50.44 -19.13 16.06
N CYS D 200 43.61 -23.49 26.48
CA CYS D 200 43.93 -24.77 27.09
C CYS D 200 44.99 -25.54 26.26
N LYS D 201 45.78 -26.40 26.93
CA LYS D 201 46.88 -27.18 26.30
C LYS D 201 46.48 -27.88 24.98
N VAL D 202 47.42 -27.90 24.04
CA VAL D 202 47.22 -28.59 22.78
C VAL D 202 48.19 -29.78 22.64
N LEU D 203 47.61 -30.95 22.34
CA LEU D 203 48.36 -32.19 22.16
C LEU D 203 48.24 -32.63 20.70
N VAL D 204 49.34 -32.52 19.97
CA VAL D 204 49.33 -32.80 18.54
C VAL D 204 49.65 -34.27 18.29
N LEU D 205 48.86 -34.90 17.41
CA LEU D 205 49.10 -36.28 16.99
C LEU D 205 49.26 -36.36 15.49
N ASP D 206 50.27 -37.11 15.05
CA ASP D 206 50.49 -37.34 13.64
C ASP D 206 49.53 -38.43 13.14
N ALA D 207 48.49 -38.00 12.43
CA ALA D 207 47.45 -38.94 11.94
C ALA D 207 47.63 -39.54 10.51
N ASP D 208 48.75 -40.27 10.29
CA ASP D 208 48.92 -41.11 9.10
C ASP D 208 49.31 -42.55 9.48
N THR E 12 -30.44 23.09 -32.51
CA THR E 12 -31.44 23.16 -31.41
C THR E 12 -30.86 22.93 -30.00
N LYS E 13 -29.78 22.15 -29.87
CA LYS E 13 -29.17 21.99 -28.52
C LYS E 13 -28.30 23.18 -28.11
N TYR E 14 -28.19 23.42 -26.81
CA TYR E 14 -27.36 24.53 -26.33
C TYR E 14 -25.93 24.31 -26.81
N ALA E 15 -25.26 25.40 -27.21
CA ALA E 15 -23.84 25.36 -27.60
C ALA E 15 -23.56 24.66 -28.95
N GLU E 16 -24.57 23.96 -29.47
CA GLU E 16 -24.49 23.25 -30.75
C GLU E 16 -23.82 24.11 -31.82
N GLY E 17 -22.91 23.49 -32.57
CA GLY E 17 -22.08 24.17 -33.53
C GLY E 17 -21.29 25.39 -33.06
N THR E 18 -20.97 25.49 -31.76
CA THR E 18 -20.14 26.61 -31.27
C THR E 18 -18.76 26.16 -30.82
N GLN E 19 -18.42 24.90 -31.12
CA GLN E 19 -17.27 24.22 -30.50
C GLN E 19 -16.30 23.59 -31.51
N PRO E 20 -14.98 23.76 -31.30
CA PRO E 20 -14.04 23.20 -32.26
C PRO E 20 -13.78 21.73 -31.94
N PHE E 21 -13.01 21.06 -32.79
CA PHE E 21 -12.50 19.72 -32.54
C PHE E 21 -12.07 19.61 -31.09
N THR E 22 -12.66 18.66 -30.38
CA THR E 22 -12.47 18.54 -28.93
C THR E 22 -11.89 17.21 -28.58
N VAL E 23 -10.82 17.22 -27.76
CA VAL E 23 -10.17 16.02 -27.25
C VAL E 23 -10.39 15.91 -25.75
N LEU E 24 -10.79 14.74 -25.29
CA LEU E 24 -10.99 14.47 -23.87
C LEU E 24 -9.93 13.53 -23.32
N ILE E 25 -9.29 13.93 -22.22
CA ILE E 25 -8.25 13.12 -21.61
C ILE E 25 -8.90 12.35 -20.49
N GLU E 26 -9.06 11.04 -20.69
CA GLU E 26 -9.61 10.19 -19.65
C GLU E 26 -8.51 9.29 -19.03
N GLY E 27 -8.74 8.88 -17.80
CA GLY E 27 -7.80 8.08 -17.08
C GLY E 27 -8.17 8.04 -15.61
N ASN E 28 -7.67 7.02 -14.93
CA ASN E 28 -7.94 6.83 -13.52
C ASN E 28 -7.30 7.93 -12.66
N ILE E 29 -7.71 7.97 -11.39
CA ILE E 29 -7.04 8.86 -10.46
C ILE E 29 -5.63 8.32 -10.50
N GLY E 30 -4.67 9.22 -10.64
CA GLY E 30 -3.27 8.81 -10.57
C GLY E 30 -2.74 8.17 -11.84
N SER E 31 -3.34 8.48 -12.97
CA SER E 31 -2.87 7.97 -14.24
C SER E 31 -1.95 8.97 -14.97
N GLY E 32 -1.58 10.06 -14.31
CA GLY E 32 -0.68 11.04 -14.88
C GLY E 32 -1.33 12.05 -15.80
N LYS E 33 -2.62 12.28 -15.63
CA LYS E 33 -3.31 13.27 -16.46
C LYS E 33 -2.74 14.69 -16.31
N THR E 34 -2.57 15.13 -15.07
CA THR E 34 -2.04 16.49 -14.80
C THR E 34 -0.67 16.68 -15.46
N THR E 35 0.22 15.70 -15.24
CA THR E 35 1.50 15.70 -15.88
C THR E 35 1.36 15.77 -17.41
N TYR E 36 0.59 14.85 -17.99
CA TYR E 36 0.38 14.82 -19.43
C TYR E 36 -0.04 16.19 -19.96
N LEU E 37 -0.96 16.85 -19.28
CA LEU E 37 -1.51 18.11 -19.76
C LEU E 37 -0.59 19.30 -19.60
N ASN E 38 0.39 19.18 -18.72
CA ASN E 38 1.42 20.21 -18.63
C ASN E 38 2.20 20.38 -19.94
N HIS E 39 2.32 19.30 -20.72
CA HIS E 39 3.04 19.38 -21.97
C HIS E 39 2.36 20.29 -22.99
N PHE E 40 1.08 20.57 -22.79
CA PHE E 40 0.33 21.30 -23.81
C PHE E 40 0.26 22.78 -23.48
N GLU E 41 0.81 23.16 -22.35
CA GLU E 41 0.74 24.54 -21.87
C GLU E 41 1.51 25.58 -22.72
N LYS E 42 2.66 25.22 -23.29
CA LYS E 42 3.29 26.14 -24.21
C LYS E 42 2.37 26.54 -25.35
N TYR E 43 1.39 25.70 -25.67
CA TYR E 43 0.52 25.90 -26.83
C TYR E 43 -0.78 26.61 -26.52
N LYS E 44 -0.87 27.13 -25.30
CA LYS E 44 -2.02 27.90 -24.82
C LYS E 44 -2.69 28.83 -25.83
N ASN E 45 -1.89 29.53 -26.62
CA ASN E 45 -2.43 30.50 -27.57
C ASN E 45 -3.20 29.91 -28.75
N ASP E 46 -3.04 28.62 -29.02
CA ASP E 46 -3.68 28.03 -30.20
C ASP E 46 -4.67 26.94 -29.80
N ILE E 47 -4.63 26.58 -28.52
CA ILE E 47 -5.30 25.41 -28.02
C ILE E 47 -6.05 25.87 -26.80
N CYS E 48 -7.35 25.65 -26.77
CA CYS E 48 -8.12 25.87 -25.56
C CYS E 48 -7.86 24.70 -24.63
N LEU E 49 -7.41 25.01 -23.41
CA LEU E 49 -6.87 23.99 -22.52
C LEU E 49 -7.54 24.02 -21.16
N LEU E 50 -8.44 23.07 -20.93
CA LEU E 50 -9.21 23.04 -19.68
C LEU E 50 -8.91 21.86 -18.76
N THR E 51 -8.17 22.12 -17.70
CA THR E 51 -7.90 21.09 -16.70
C THR E 51 -9.13 20.85 -15.84
N GLU E 52 -9.22 19.68 -15.19
CA GLU E 52 -10.34 19.34 -14.32
C GLU E 52 -10.56 20.43 -13.28
N PRO E 53 -11.81 20.94 -13.14
CA PRO E 53 -12.12 22.08 -12.27
C PRO E 53 -12.20 21.71 -10.77
N VAL E 54 -11.13 21.08 -10.27
CA VAL E 54 -11.04 20.67 -8.89
C VAL E 54 -11.20 21.88 -7.98
N GLU E 55 -10.56 23.01 -8.36
CA GLU E 55 -10.59 24.23 -7.56
C GLU E 55 -11.99 24.78 -7.37
N LYS E 56 -12.87 24.56 -8.38
CA LYS E 56 -14.28 24.91 -8.24
C LYS E 56 -14.93 24.04 -7.19
N TRP E 57 -14.58 22.76 -7.17
CA TRP E 57 -15.24 21.81 -6.25
C TRP E 57 -14.83 22.01 -4.82
N ARG E 58 -13.67 22.64 -4.60
CA ARG E 58 -13.09 22.84 -3.28
C ARG E 58 -13.62 24.12 -2.65
N ASN E 59 -14.18 24.99 -3.50
CA ASN E 59 -14.60 26.33 -3.11
C ASN E 59 -15.97 26.68 -3.69
N VAL E 60 -17.02 26.01 -3.21
CA VAL E 60 -18.35 26.35 -3.65
C VAL E 60 -18.95 27.36 -2.64
N ASN E 61 -18.72 28.65 -2.88
CA ASN E 61 -18.97 29.69 -1.86
C ASN E 61 -18.51 29.26 -0.48
N GLY E 62 -17.27 28.82 -0.37
CA GLY E 62 -16.68 28.54 0.94
C GLY E 62 -16.69 27.08 1.31
N VAL E 63 -17.61 26.32 0.73
CA VAL E 63 -17.75 24.89 1.05
C VAL E 63 -16.88 24.06 0.11
N ASN E 64 -16.10 23.14 0.71
CA ASN E 64 -15.30 22.15 -0.04
C ASN E 64 -16.11 20.87 -0.28
N LEU E 65 -16.78 20.78 -1.43
CA LEU E 65 -17.56 19.57 -1.72
C LEU E 65 -16.68 18.32 -1.77
N LEU E 66 -15.51 18.43 -2.40
CA LEU E 66 -14.60 17.30 -2.57
C LEU E 66 -14.30 16.59 -1.25
N GLU E 67 -13.94 17.38 -0.24
CA GLU E 67 -13.62 16.85 1.08
C GLU E 67 -14.82 16.18 1.71
N LEU E 68 -15.92 16.93 1.79
CA LEU E 68 -17.16 16.42 2.36
C LEU E 68 -17.58 15.09 1.73
N MET E 69 -17.32 14.97 0.43
CA MET E 69 -17.63 13.77 -0.31
C MET E 69 -16.75 12.61 0.15
N TYR E 70 -15.46 12.87 0.37
CA TYR E 70 -14.54 11.84 0.83
C TYR E 70 -14.69 11.52 2.33
N LYS E 71 -15.29 12.44 3.08
CA LYS E 71 -15.48 12.31 4.52
C LYS E 71 -16.79 11.58 4.88
N ASP E 72 -17.88 11.99 4.23
CA ASP E 72 -19.20 11.44 4.53
C ASP E 72 -19.92 11.16 3.19
N PRO E 73 -19.48 10.12 2.46
CA PRO E 73 -19.97 9.87 1.10
C PRO E 73 -21.49 9.73 0.98
N LYS E 74 -22.14 9.10 1.96
CA LYS E 74 -23.59 8.89 1.90
C LYS E 74 -24.44 10.18 1.94
N LYS E 75 -23.81 11.27 2.40
CA LYS E 75 -24.53 12.53 2.56
C LYS E 75 -24.17 13.45 1.42
N TRP E 76 -22.90 13.38 1.01
CA TRP E 76 -22.34 14.33 0.04
C TRP E 76 -22.07 13.84 -1.43
N ALA E 77 -22.22 12.55 -1.69
CA ALA E 77 -22.01 12.01 -3.02
C ALA E 77 -22.94 12.65 -4.06
N MET E 78 -24.23 12.67 -3.74
CA MET E 78 -25.24 13.28 -4.56
C MET E 78 -24.93 14.75 -4.87
N PRO E 79 -24.82 15.62 -3.85
CA PRO E 79 -24.46 17.01 -4.17
C PRO E 79 -23.16 17.18 -4.92
N PHE E 80 -22.13 16.43 -4.50
CA PHE E 80 -20.81 16.49 -5.15
C PHE E 80 -20.81 16.12 -6.65
N GLN E 81 -21.44 15.00 -6.99
CA GLN E 81 -21.56 14.60 -8.38
C GLN E 81 -22.45 15.46 -9.24
N SER E 82 -23.57 15.92 -8.69
CA SER E 82 -24.36 16.95 -9.34
C SER E 82 -23.49 18.17 -9.70
N TYR E 83 -22.70 18.68 -8.75
CA TYR E 83 -21.85 19.81 -9.04
C TYR E 83 -20.78 19.51 -10.07
N VAL E 84 -20.10 18.36 -9.93
CA VAL E 84 -19.12 17.94 -10.90
C VAL E 84 -19.76 17.99 -12.29
N THR E 85 -20.88 17.29 -12.48
CA THR E 85 -21.62 17.35 -13.74
C THR E 85 -21.80 18.75 -14.23
N LEU E 86 -22.24 19.66 -13.37
CA LEU E 86 -22.36 21.07 -13.80
C LEU E 86 -21.04 21.70 -14.26
N THR E 87 -19.99 21.55 -13.48
CA THR E 87 -18.73 22.17 -13.87
C THR E 87 -18.19 21.59 -15.18
N MET E 88 -18.47 20.31 -15.44
CA MET E 88 -18.02 19.68 -16.68
C MET E 88 -18.77 20.25 -17.85
N LEU E 89 -20.09 20.42 -17.70
CA LEU E 89 -20.93 21.00 -18.73
C LEU E 89 -20.50 22.41 -18.96
N GLN E 90 -20.04 23.06 -17.91
CA GLN E 90 -19.59 24.42 -18.03
C GLN E 90 -18.40 24.48 -18.94
N SER E 91 -17.49 23.51 -18.76
CA SER E 91 -16.33 23.37 -19.64
C SER E 91 -16.70 22.91 -21.06
N HIS E 92 -17.39 21.79 -21.16
CA HIS E 92 -17.87 21.28 -22.46
C HIS E 92 -18.52 22.33 -23.37
N THR E 93 -18.98 23.45 -22.80
CA THR E 93 -19.82 24.38 -23.55
C THR E 93 -19.21 25.77 -23.63
N ALA E 94 -18.19 26.05 -22.81
CA ALA E 94 -17.56 27.38 -22.77
C ALA E 94 -17.16 27.83 -24.17
N PRO E 95 -17.50 29.07 -24.54
CA PRO E 95 -17.14 29.49 -25.89
C PRO E 95 -15.62 29.62 -26.06
N THR E 96 -15.14 29.45 -27.28
CA THR E 96 -13.72 29.66 -27.57
C THR E 96 -13.46 30.02 -29.02
N ASN E 97 -12.36 30.72 -29.26
CA ASN E 97 -11.95 31.00 -30.63
C ASN E 97 -11.00 29.97 -31.20
N LYS E 98 -10.30 29.23 -30.32
CA LYS E 98 -9.24 28.33 -30.73
C LYS E 98 -9.78 27.20 -31.64
N LYS E 99 -8.86 26.60 -32.41
CA LYS E 99 -9.19 25.59 -33.40
C LYS E 99 -9.15 24.18 -32.82
N LEU E 100 -8.64 24.06 -31.59
CA LEU E 100 -8.60 22.79 -30.89
C LEU E 100 -8.90 22.98 -29.39
N LYS E 101 -9.74 22.11 -28.83
CA LYS E 101 -10.06 22.17 -27.40
C LYS E 101 -9.67 20.88 -26.71
N ILE E 102 -9.07 20.95 -25.52
CA ILE E 102 -8.66 19.75 -24.78
C ILE E 102 -9.15 19.81 -23.33
N MET E 103 -9.95 18.82 -22.94
CA MET E 103 -10.44 18.73 -21.59
C MET E 103 -9.87 17.53 -20.80
N GLU E 104 -9.63 17.74 -19.52
CA GLU E 104 -9.29 16.68 -18.63
C GLU E 104 -10.61 16.12 -18.11
N ARG E 105 -10.90 14.85 -18.44
CA ARG E 105 -12.11 14.18 -18.07
C ARG E 105 -13.32 14.86 -18.72
N SER E 106 -14.52 14.38 -18.40
CA SER E 106 -15.71 14.79 -19.12
C SER E 106 -16.94 14.35 -18.35
N ILE E 107 -18.10 14.80 -18.84
CA ILE E 107 -19.36 14.41 -18.26
C ILE E 107 -19.49 12.87 -18.34
N PHE E 108 -18.94 12.30 -19.41
CA PHE E 108 -18.98 10.86 -19.63
C PHE E 108 -18.26 10.09 -18.56
N SER E 109 -17.08 10.52 -18.18
CA SER E 109 -16.39 9.81 -17.12
C SER E 109 -17.15 9.95 -15.81
N ALA E 110 -17.74 11.13 -15.59
CA ALA E 110 -18.53 11.34 -14.39
C ALA E 110 -19.69 10.36 -14.33
N ARG E 111 -20.39 10.19 -15.44
CA ARG E 111 -21.56 9.32 -15.47
C ARG E 111 -21.22 7.83 -15.43
N TYR E 112 -20.26 7.44 -16.28
CA TYR E 112 -19.98 6.02 -16.44
C TYR E 112 -19.02 5.44 -15.41
N CYS E 113 -18.12 6.25 -14.86
CA CYS E 113 -17.13 5.70 -13.96
C CYS E 113 -17.42 6.10 -12.53
N PHE E 114 -17.39 7.39 -12.23
CA PHE E 114 -17.44 7.80 -10.83
C PHE E 114 -18.81 7.65 -10.22
N VAL E 115 -19.86 8.07 -10.91
CA VAL E 115 -21.18 7.93 -10.37
C VAL E 115 -21.57 6.43 -10.29
N GLU E 116 -21.27 5.68 -11.34
CA GLU E 116 -21.63 4.28 -11.35
C GLU E 116 -20.90 3.56 -10.25
N ASN E 117 -19.70 4.01 -9.93
CA ASN E 117 -18.95 3.36 -8.86
C ASN E 117 -19.56 3.60 -7.48
N MET E 118 -19.93 4.86 -7.22
CA MET E 118 -20.64 5.24 -6.00
C MET E 118 -21.97 4.55 -5.82
N ARG E 119 -22.66 4.27 -6.92
CA ARG E 119 -23.83 3.41 -6.83
C ARG E 119 -23.44 2.00 -6.37
N ARG E 120 -22.42 1.43 -7.01
CA ARG E 120 -22.02 0.06 -6.74
C ARG E 120 -21.50 -0.16 -5.32
N ASN E 121 -20.67 0.73 -4.80
CA ASN E 121 -20.23 0.53 -3.43
C ASN E 121 -21.21 1.14 -2.40
N GLY E 122 -22.42 1.47 -2.86
CA GLY E 122 -23.53 1.90 -2.02
C GLY E 122 -23.46 3.27 -1.35
N SER E 123 -22.54 4.13 -1.77
CA SER E 123 -22.49 5.49 -1.22
C SER E 123 -23.63 6.32 -1.78
N LEU E 124 -24.00 6.09 -3.04
CA LEU E 124 -25.21 6.68 -3.65
C LEU E 124 -26.38 5.73 -3.53
N GLU E 125 -27.45 6.18 -2.87
CA GLU E 125 -28.68 5.40 -2.77
C GLU E 125 -29.28 5.36 -4.15
N GLN E 126 -30.08 4.33 -4.39
CA GLN E 126 -30.73 4.16 -5.68
C GLN E 126 -31.46 5.46 -6.04
N GLY E 127 -32.20 6.02 -5.08
CA GLY E 127 -32.97 7.25 -5.29
C GLY E 127 -32.14 8.42 -5.80
N MET E 128 -30.99 8.65 -5.18
CA MET E 128 -30.06 9.67 -5.67
C MET E 128 -29.49 9.36 -7.05
N TYR E 129 -29.00 8.14 -7.22
CA TYR E 129 -28.47 7.74 -8.49
C TYR E 129 -29.48 8.05 -9.57
N ASN E 130 -30.72 7.61 -9.38
CA ASN E 130 -31.75 7.84 -10.39
C ASN E 130 -31.95 9.31 -10.78
N THR E 131 -31.88 10.18 -9.78
CA THR E 131 -31.99 11.61 -10.01
C THR E 131 -30.86 12.10 -10.87
N LEU E 132 -29.63 11.70 -10.54
CA LEU E 132 -28.50 12.00 -11.42
C LEU E 132 -28.72 11.46 -12.85
N GLU E 133 -29.16 10.21 -12.94
CA GLU E 133 -29.35 9.57 -14.24
C GLU E 133 -30.40 10.26 -15.08
N GLU E 134 -31.46 10.76 -14.44
CA GLU E 134 -32.51 11.42 -15.19
C GLU E 134 -31.98 12.71 -15.75
N TRP E 135 -31.19 13.42 -14.93
CA TRP E 135 -30.43 14.57 -15.44
C TRP E 135 -29.55 14.22 -16.65
N TYR E 136 -28.73 13.15 -16.53
CA TYR E 136 -27.87 12.80 -17.66
C TYR E 136 -28.71 12.68 -18.96
N LYS E 137 -29.79 11.90 -18.89
CA LYS E 137 -30.69 11.77 -20.02
C LYS E 137 -31.20 13.11 -20.52
N PHE E 138 -31.53 14.01 -19.61
CA PHE E 138 -31.98 15.31 -20.08
C PHE E 138 -30.83 16.20 -20.61
N ILE E 139 -29.63 16.04 -20.07
CA ILE E 139 -28.49 16.79 -20.60
C ILE E 139 -28.22 16.37 -22.05
N GLU E 140 -28.29 15.05 -22.27
CA GLU E 140 -28.10 14.45 -23.60
C GLU E 140 -28.98 15.10 -24.62
N GLU E 141 -30.23 15.37 -24.24
CA GLU E 141 -31.22 15.94 -25.18
C GLU E 141 -31.18 17.44 -25.39
N SER E 142 -30.41 18.18 -24.60
CA SER E 142 -30.59 19.63 -24.59
C SER E 142 -29.31 20.43 -24.63
N ILE E 143 -28.20 19.81 -24.27
CA ILE E 143 -26.93 20.52 -24.29
C ILE E 143 -25.99 19.75 -25.20
N HIS E 144 -25.41 20.45 -26.18
CA HIS E 144 -24.52 19.78 -27.11
C HIS E 144 -23.14 19.59 -26.50
N VAL E 145 -22.70 18.33 -26.40
CA VAL E 145 -21.40 18.04 -25.82
C VAL E 145 -20.42 17.50 -26.86
N GLN E 146 -19.61 18.41 -27.38
CA GLN E 146 -18.62 18.10 -28.42
C GLN E 146 -17.56 17.13 -27.93
N ALA E 147 -17.38 16.04 -28.67
CA ALA E 147 -16.36 15.04 -28.31
C ALA E 147 -15.88 14.32 -29.57
N ASP E 148 -14.66 14.61 -30.01
CA ASP E 148 -14.12 14.12 -31.29
C ASP E 148 -13.05 13.03 -31.18
N LEU E 149 -12.37 12.96 -30.04
CA LEU E 149 -11.43 11.92 -29.80
C LEU E 149 -11.18 11.86 -28.31
N ILE E 150 -11.03 10.66 -27.78
CA ILE E 150 -10.63 10.45 -26.38
C ILE E 150 -9.24 9.84 -26.26
N ILE E 151 -8.42 10.39 -25.39
CA ILE E 151 -7.12 9.81 -25.11
C ILE E 151 -7.15 9.14 -23.73
N TYR E 152 -7.14 7.81 -23.73
CA TYR E 152 -7.24 7.04 -22.53
C TYR E 152 -5.84 6.84 -22.03
N LEU E 153 -5.54 7.42 -20.88
CA LEU E 153 -4.27 7.16 -20.23
C LEU E 153 -4.49 5.95 -19.39
N ARG E 154 -4.24 4.81 -20.02
CA ARG E 154 -4.35 3.50 -19.37
C ARG E 154 -3.17 3.15 -18.45
N THR E 155 -3.48 2.59 -17.29
CA THR E 155 -2.48 2.15 -16.30
C THR E 155 -3.10 1.04 -15.48
N SER E 156 -2.29 0.37 -14.66
CA SER E 156 -2.82 -0.65 -13.76
C SER E 156 -3.09 0.02 -12.42
N PRO E 157 -4.13 -0.44 -11.70
CA PRO E 157 -4.50 0.20 -10.44
C PRO E 157 -3.30 0.32 -9.55
N GLU E 158 -2.42 -0.70 -9.59
CA GLU E 158 -1.25 -0.77 -8.74
C GLU E 158 -0.30 0.39 -9.02
N VAL E 159 -0.05 0.63 -10.32
CA VAL E 159 0.83 1.73 -10.70
C VAL E 159 0.25 3.08 -10.30
N ALA E 160 -1.06 3.24 -10.50
CA ALA E 160 -1.79 4.43 -10.06
C ALA E 160 -1.72 4.66 -8.54
N TYR E 161 -2.10 3.63 -7.78
CA TYR E 161 -2.04 3.66 -6.31
C TYR E 161 -0.71 4.27 -5.88
N GLU E 162 0.38 3.77 -6.47
CA GLU E 162 1.75 4.24 -6.22
C GLU E 162 1.95 5.77 -6.41
N ARG E 163 1.54 6.28 -7.58
CA ARG E 163 1.69 7.70 -7.91
C ARG E 163 1.01 8.56 -6.86
N ILE E 164 -0.19 8.16 -6.47
CA ILE E 164 -0.97 8.89 -5.46
C ILE E 164 -0.28 8.85 -4.09
N ARG E 165 0.29 7.70 -3.73
CA ARG E 165 1.08 7.57 -2.51
C ARG E 165 2.37 8.44 -2.55
N GLN E 166 3.22 8.26 -3.56
CA GLN E 166 4.39 9.13 -3.72
C GLN E 166 4.02 10.63 -3.89
N ARG E 167 2.74 10.93 -4.17
CA ARG E 167 2.26 12.27 -4.59
C ARG E 167 2.27 13.36 -3.52
N ALA E 168 2.83 14.51 -3.91
CA ALA E 168 3.01 15.63 -2.99
C ALA E 168 1.75 16.49 -2.94
N ARG E 169 0.62 15.87 -2.60
CA ARG E 169 -0.69 16.53 -2.65
C ARG E 169 -1.53 16.20 -1.37
N SER E 170 -2.83 15.93 -1.56
CA SER E 170 -3.77 15.82 -0.46
C SER E 170 -4.98 14.94 -0.79
N GLU E 171 -6.07 15.56 -1.25
CA GLU E 171 -7.44 15.05 -1.05
C GLU E 171 -7.70 13.53 -1.14
N GLU E 172 -7.33 12.94 -2.27
CA GLU E 172 -7.59 11.53 -2.57
C GLU E 172 -6.56 10.59 -1.96
N SER E 173 -5.37 11.11 -1.67
CA SER E 173 -4.33 10.37 -0.95
C SER E 173 -4.97 9.23 -0.14
N CYS E 174 -5.93 9.61 0.70
CA CYS E 174 -6.76 8.72 1.53
C CYS E 174 -7.59 7.60 0.83
N VAL E 175 -7.33 7.31 -0.45
CA VAL E 175 -8.10 6.29 -1.20
C VAL E 175 -7.50 4.87 -1.26
N PRO E 176 -8.33 3.83 -1.02
CA PRO E 176 -7.87 2.43 -1.00
C PRO E 176 -7.64 1.87 -2.41
N LEU E 177 -6.80 0.84 -2.50
CA LEU E 177 -6.51 0.21 -3.78
C LEU E 177 -7.77 -0.41 -4.39
N LYS E 178 -8.63 -0.98 -3.55
CA LYS E 178 -9.78 -1.70 -4.10
C LYS E 178 -10.62 -0.76 -4.94
N TYR E 179 -10.65 0.50 -4.49
CA TYR E 179 -11.44 1.56 -5.10
C TYR E 179 -10.83 1.88 -6.46
N LEU E 180 -9.50 2.03 -6.51
CA LEU E 180 -8.81 2.24 -7.77
C LEU E 180 -8.99 1.07 -8.72
N GLN E 181 -9.12 -0.14 -8.17
CA GLN E 181 -9.41 -1.33 -8.96
C GLN E 181 -10.78 -1.22 -9.58
N GLU E 182 -11.75 -0.82 -8.77
CA GLU E 182 -13.13 -0.69 -9.26
C GLU E 182 -13.28 0.36 -10.35
N LEU E 183 -12.60 1.49 -10.17
CA LEU E 183 -12.61 2.58 -11.14
C LEU E 183 -11.90 2.18 -12.40
N HIS E 184 -10.79 1.48 -12.24
CA HIS E 184 -10.04 0.98 -13.39
C HIS E 184 -10.96 0.16 -14.29
N GLU E 185 -11.67 -0.81 -13.72
CA GLU E 185 -12.53 -1.73 -14.50
C GLU E 185 -13.62 -0.97 -15.23
N LEU E 186 -14.16 0.06 -14.56
CA LEU E 186 -15.22 0.86 -15.16
C LEU E 186 -14.69 1.63 -16.35
N HIS E 187 -13.47 2.17 -16.24
CA HIS E 187 -12.85 2.86 -17.38
C HIS E 187 -12.63 1.91 -18.55
N GLU E 188 -12.11 0.73 -18.20
CA GLU E 188 -11.92 -0.36 -19.17
C GLU E 188 -13.23 -0.78 -19.86
N ASP E 189 -14.31 -0.97 -19.07
CA ASP E 189 -15.65 -1.28 -19.66
C ASP E 189 -16.03 -0.22 -20.69
N TRP E 190 -15.84 1.03 -20.29
CA TRP E 190 -16.24 2.17 -21.10
C TRP E 190 -15.32 2.37 -22.30
N LEU E 191 -14.01 2.41 -22.05
CA LEU E 191 -13.08 2.87 -23.09
C LEU E 191 -12.51 1.73 -23.95
N ILE E 192 -12.40 0.53 -23.37
CA ILE E 192 -11.87 -0.63 -24.10
C ILE E 192 -12.90 -1.71 -24.47
N HIS E 193 -13.66 -2.19 -23.49
CA HIS E 193 -14.51 -3.37 -23.67
C HIS E 193 -15.93 -3.13 -24.25
N GLN E 194 -16.08 -2.20 -25.19
CA GLN E 194 -17.41 -1.90 -25.81
C GLN E 194 -17.28 -1.17 -27.16
N CYS E 200 -17.10 7.76 -30.12
CA CYS E 200 -16.04 8.42 -30.90
C CYS E 200 -14.67 7.79 -30.66
N LYS E 201 -13.71 8.03 -31.56
CA LYS E 201 -12.46 7.28 -31.55
C LYS E 201 -11.73 7.33 -30.22
N VAL E 202 -11.17 6.21 -29.79
CA VAL E 202 -10.45 6.11 -28.54
C VAL E 202 -9.01 5.78 -28.84
N LEU E 203 -8.10 6.58 -28.29
CA LEU E 203 -6.67 6.38 -28.47
C LEU E 203 -6.09 6.01 -27.14
N VAL E 204 -5.59 4.77 -27.02
CA VAL E 204 -5.10 4.24 -25.75
C VAL E 204 -3.61 4.49 -25.64
N LEU E 205 -3.18 5.04 -24.51
CA LEU E 205 -1.75 5.21 -24.25
C LEU E 205 -1.33 4.48 -23.00
N ASP E 206 -0.19 3.79 -23.09
CA ASP E 206 0.36 3.09 -21.93
C ASP E 206 1.06 4.10 -21.02
N ALA E 207 0.42 4.43 -19.89
CA ALA E 207 0.96 5.40 -18.91
C ALA E 207 1.60 4.71 -17.69
N ASP E 208 1.94 3.42 -17.84
CA ASP E 208 2.54 2.55 -16.78
C ASP E 208 4.01 2.91 -16.53
N THR F 12 -29.95 30.15 -29.52
CA THR F 12 -28.82 29.40 -28.92
C THR F 12 -29.20 28.58 -27.68
N LYS F 13 -30.22 29.00 -26.92
CA LYS F 13 -30.67 28.17 -25.80
C LYS F 13 -31.53 26.99 -26.22
N TYR F 14 -31.50 25.91 -25.47
CA TYR F 14 -32.34 24.76 -25.77
C TYR F 14 -33.79 25.20 -25.76
N ALA F 15 -34.59 24.62 -26.66
CA ALA F 15 -36.02 24.91 -26.76
C ALA F 15 -36.37 26.33 -27.19
N GLU F 16 -35.38 27.23 -27.23
CA GLU F 16 -35.57 28.62 -27.65
C GLU F 16 -36.47 28.72 -28.91
N GLY F 17 -37.44 29.64 -28.89
CA GLY F 17 -38.41 29.78 -29.98
C GLY F 17 -39.19 28.53 -30.38
N THR F 18 -39.36 27.56 -29.47
CA THR F 18 -40.19 26.37 -29.78
C THR F 18 -41.48 26.31 -28.93
N GLN F 19 -41.77 27.44 -28.26
CA GLN F 19 -42.82 27.49 -27.22
C GLN F 19 -43.83 28.62 -27.44
N PRO F 20 -45.13 28.33 -27.22
CA PRO F 20 -46.16 29.37 -27.39
C PRO F 20 -46.26 30.21 -26.13
N PHE F 21 -47.10 31.25 -26.19
CA PHE F 21 -47.49 32.07 -25.04
C PHE F 21 -47.71 31.16 -23.83
N THR F 22 -46.98 31.40 -22.76
CA THR F 22 -47.04 30.48 -21.63
C THR F 22 -47.51 31.18 -20.37
N VAL F 23 -48.43 30.54 -19.65
CA VAL F 23 -48.97 31.08 -18.42
C VAL F 23 -48.57 30.16 -17.29
N LEU F 24 -47.99 30.72 -16.22
CA LEU F 24 -47.66 29.94 -15.04
C LEU F 24 -48.58 30.22 -13.85
N ILE F 25 -49.17 29.17 -13.29
CA ILE F 25 -50.02 29.30 -12.11
C ILE F 25 -49.18 29.13 -10.86
N GLU F 26 -49.02 30.21 -10.09
CA GLU F 26 -48.24 30.13 -8.87
C GLU F 26 -49.14 30.35 -7.65
N GLY F 27 -48.72 29.83 -6.49
CA GLY F 27 -49.55 29.90 -5.33
C GLY F 27 -49.05 28.93 -4.31
N ASN F 28 -49.39 29.21 -3.05
CA ASN F 28 -49.00 28.37 -1.94
C ASN F 28 -49.64 26.98 -2.03
N ILE F 29 -49.11 26.06 -1.22
CA ILE F 29 -49.73 24.76 -1.01
C ILE F 29 -51.09 25.11 -0.48
N GLY F 30 -52.12 24.49 -1.03
CA GLY F 30 -53.46 24.73 -0.55
C GLY F 30 -54.07 26.06 -0.95
N SER F 31 -53.59 26.64 -2.06
CA SER F 31 -54.18 27.87 -2.61
C SER F 31 -55.18 27.60 -3.74
N GLY F 32 -55.58 26.35 -3.91
CA GLY F 32 -56.62 25.98 -4.89
C GLY F 32 -56.23 25.92 -6.36
N LYS F 33 -54.94 25.62 -6.60
CA LYS F 33 -54.40 25.54 -7.97
C LYS F 33 -55.01 24.36 -8.75
N THR F 34 -55.01 23.18 -8.15
CA THR F 34 -55.58 22.01 -8.79
C THR F 34 -57.01 22.32 -9.18
N THR F 35 -57.82 22.80 -8.24
CA THR F 35 -59.18 23.25 -8.51
C THR F 35 -59.19 24.21 -9.69
N TYR F 36 -58.44 25.31 -9.56
CA TYR F 36 -58.41 26.30 -10.60
C TYR F 36 -58.16 25.67 -11.97
N LEU F 37 -57.20 24.76 -12.04
CA LEU F 37 -56.79 24.20 -13.33
C LEU F 37 -57.78 23.22 -13.93
N ASN F 38 -58.64 22.63 -13.10
CA ASN F 38 -59.73 21.79 -13.59
C ASN F 38 -60.67 22.54 -14.53
N HIS F 39 -60.77 23.86 -14.37
CA HIS F 39 -61.64 24.69 -15.21
C HIS F 39 -61.15 24.75 -16.65
N PHE F 40 -59.87 24.45 -16.89
CA PHE F 40 -59.30 24.60 -18.22
C PHE F 40 -59.29 23.31 -18.98
N GLU F 41 -59.76 22.25 -18.34
CA GLU F 41 -59.74 20.91 -18.93
C GLU F 41 -60.63 20.72 -20.18
N LYS F 42 -61.82 21.31 -20.19
CA LYS F 42 -62.62 21.28 -21.41
C LYS F 42 -61.87 21.81 -22.64
N TYR F 43 -60.87 22.68 -22.43
CA TYR F 43 -60.15 23.34 -23.52
C TYR F 43 -58.87 22.62 -23.94
N LYS F 44 -58.71 21.39 -23.44
CA LYS F 44 -57.56 20.52 -23.73
C LYS F 44 -57.04 20.60 -25.17
N ASN F 45 -57.97 20.69 -26.12
CA ASN F 45 -57.64 20.62 -27.55
C ASN F 45 -56.95 21.85 -28.10
N ASP F 46 -56.99 22.96 -27.38
CA ASP F 46 -56.45 24.23 -27.89
C ASP F 46 -55.42 24.81 -26.94
N ILE F 47 -55.32 24.16 -25.78
CA ILE F 47 -54.50 24.65 -24.72
C ILE F 47 -53.64 23.50 -24.20
N CYS F 48 -52.31 23.71 -24.21
CA CYS F 48 -51.42 22.75 -23.58
C CYS F 48 -51.53 22.98 -22.10
N LEU F 49 -51.84 21.92 -21.38
CA LEU F 49 -52.21 22.03 -19.98
C LEU F 49 -51.40 21.10 -19.07
N LEU F 50 -50.42 21.64 -18.35
CA LEU F 50 -49.49 20.82 -17.59
C LEU F 50 -49.61 21.04 -16.10
N THR F 51 -50.23 20.07 -15.42
CA THR F 51 -50.35 20.08 -13.96
C THR F 51 -49.01 19.70 -13.30
N GLU F 52 -48.84 20.08 -12.03
CA GLU F 52 -47.59 19.80 -11.33
C GLU F 52 -47.28 18.29 -11.41
N PRO F 53 -46.06 17.91 -11.81
CA PRO F 53 -45.73 16.49 -11.98
C PRO F 53 -45.48 15.75 -10.68
N VAL F 54 -46.43 15.81 -9.76
CA VAL F 54 -46.31 15.16 -8.44
C VAL F 54 -46.14 13.66 -8.63
N GLU F 55 -46.83 13.13 -9.63
CA GLU F 55 -46.81 11.70 -9.88
C GLU F 55 -45.40 11.20 -10.21
N LYS F 56 -44.64 12.03 -10.92
CA LYS F 56 -43.26 11.68 -11.28
C LYS F 56 -42.47 11.61 -10.01
N TRP F 57 -42.69 12.58 -9.11
CA TRP F 57 -41.91 12.66 -7.86
C TRP F 57 -42.22 11.52 -6.91
N ARG F 58 -43.38 10.87 -7.11
CA ARG F 58 -43.81 9.82 -6.19
C ARG F 58 -43.27 8.50 -6.65
N ASN F 59 -42.91 8.45 -7.94
CA ASN F 59 -42.52 7.20 -8.59
C ASN F 59 -41.27 7.44 -9.44
N VAL F 60 -40.12 7.54 -8.79
CA VAL F 60 -38.83 7.65 -9.49
C VAL F 60 -38.21 6.25 -9.51
N ASN F 61 -38.55 5.48 -10.56
CA ASN F 61 -38.25 4.06 -10.58
C ASN F 61 -38.52 3.41 -9.20
N GLY F 62 -39.70 3.66 -8.64
CA GLY F 62 -40.11 2.92 -7.43
C GLY F 62 -40.00 3.75 -6.16
N VAL F 63 -39.07 4.69 -6.17
CA VAL F 63 -38.80 5.52 -5.00
C VAL F 63 -39.73 6.73 -4.95
N ASN F 64 -40.34 6.95 -3.79
CA ASN F 64 -41.15 8.13 -3.58
C ASN F 64 -40.32 9.25 -2.97
N LEU F 65 -39.76 10.12 -3.83
CA LEU F 65 -38.94 11.24 -3.34
C LEU F 65 -39.72 12.18 -2.42
N LEU F 66 -40.96 12.52 -2.80
CA LEU F 66 -41.83 13.42 -2.03
C LEU F 66 -41.94 13.00 -0.57
N GLU F 67 -42.24 11.72 -0.35
CA GLU F 67 -42.38 11.20 1.01
C GLU F 67 -41.07 11.34 1.77
N LEU F 68 -40.02 10.75 1.20
CA LEU F 68 -38.71 10.74 1.83
C LEU F 68 -38.28 12.16 2.19
N MET F 69 -38.70 13.12 1.37
CA MET F 69 -38.37 14.52 1.58
C MET F 69 -39.11 15.05 2.82
N TYR F 70 -40.38 14.67 2.96
CA TYR F 70 -41.19 15.03 4.14
C TYR F 70 -40.85 14.24 5.40
N LYS F 71 -40.22 13.08 5.23
CA LYS F 71 -39.87 12.23 6.36
C LYS F 71 -38.51 12.60 6.94
N ASP F 72 -37.51 12.77 6.06
CA ASP F 72 -36.12 12.97 6.49
C ASP F 72 -35.53 14.08 5.61
N PRO F 73 -35.99 15.32 5.83
CA PRO F 73 -35.65 16.43 4.95
C PRO F 73 -34.15 16.62 4.78
N LYS F 74 -33.34 16.40 5.84
CA LYS F 74 -31.91 16.71 5.76
C LYS F 74 -31.16 15.78 4.80
N LYS F 75 -31.77 14.62 4.54
CA LYS F 75 -31.16 13.65 3.65
C LYS F 75 -31.71 13.80 2.23
N TRP F 76 -33.01 14.10 2.13
CA TRP F 76 -33.72 14.01 0.86
C TRP F 76 -34.06 15.32 0.17
N ALA F 77 -33.78 16.46 0.82
CA ALA F 77 -34.19 17.78 0.28
C ALA F 77 -33.41 18.08 -0.97
N MET F 78 -32.12 17.78 -0.93
CA MET F 78 -31.25 17.96 -2.08
C MET F 78 -31.66 17.12 -3.30
N PRO F 79 -31.69 15.76 -3.17
CA PRO F 79 -32.20 14.97 -4.29
C PRO F 79 -33.60 15.39 -4.74
N PHE F 80 -34.53 15.58 -3.81
CA PHE F 80 -35.89 15.94 -4.17
C PHE F 80 -35.99 17.22 -5.02
N GLN F 81 -35.30 18.26 -4.61
CA GLN F 81 -35.39 19.56 -5.30
C GLN F 81 -34.72 19.52 -6.64
N SER F 82 -33.58 18.87 -6.67
CA SER F 82 -32.91 18.57 -7.91
C SER F 82 -33.91 17.95 -8.90
N TYR F 83 -34.61 16.91 -8.46
CA TYR F 83 -35.57 16.24 -9.32
C TYR F 83 -36.74 17.10 -9.74
N VAL F 84 -37.31 17.83 -8.78
CA VAL F 84 -38.37 18.75 -9.10
C VAL F 84 -37.86 19.66 -10.19
N THR F 85 -36.70 20.30 -9.96
CA THR F 85 -36.14 21.22 -10.96
C THR F 85 -36.10 20.59 -12.36
N LEU F 86 -35.61 19.35 -12.43
CA LEU F 86 -35.63 18.60 -13.69
C LEU F 86 -37.01 18.40 -14.31
N THR F 87 -37.97 17.91 -13.51
CA THR F 87 -39.34 17.72 -14.03
C THR F 87 -39.97 19.05 -14.52
N MET F 88 -39.65 20.14 -13.82
CA MET F 88 -40.14 21.45 -14.24
C MET F 88 -39.56 21.86 -15.57
N LEU F 89 -38.26 21.61 -15.75
CA LEU F 89 -37.61 21.91 -17.03
C LEU F 89 -38.20 21.07 -18.11
N GLN F 90 -38.45 19.81 -17.79
CA GLN F 90 -39.05 18.89 -18.75
C GLN F 90 -40.34 19.47 -19.27
N SER F 91 -41.23 19.95 -18.38
CA SER F 91 -42.48 20.66 -18.76
C SER F 91 -42.21 21.94 -19.51
N HIS F 92 -41.45 22.85 -18.90
CA HIS F 92 -41.11 24.15 -19.50
C HIS F 92 -40.65 24.04 -20.93
N THR F 93 -40.14 22.87 -21.32
CA THR F 93 -39.48 22.72 -22.62
C THR F 93 -40.17 21.73 -23.55
N ALA F 94 -41.02 20.86 -23.01
CA ALA F 94 -41.84 19.93 -23.82
C ALA F 94 -42.44 20.58 -25.08
N PRO F 95 -42.21 19.95 -26.26
CA PRO F 95 -42.76 20.54 -27.51
C PRO F 95 -44.28 20.53 -27.48
N THR F 96 -44.89 21.46 -28.21
CA THR F 96 -46.34 21.49 -28.37
C THR F 96 -46.78 22.25 -29.61
N ASN F 97 -47.93 21.85 -30.15
CA ASN F 97 -48.53 22.57 -31.27
C ASN F 97 -49.49 23.68 -30.84
N LYS F 98 -50.05 23.57 -29.64
CA LYS F 98 -51.09 24.48 -29.15
C LYS F 98 -50.63 25.93 -29.13
N LYS F 99 -51.59 26.86 -29.17
CA LYS F 99 -51.27 28.30 -29.22
C LYS F 99 -51.06 28.96 -27.84
N LEU F 100 -51.43 28.21 -26.79
CA LEU F 100 -51.29 28.62 -25.40
C LEU F 100 -50.84 27.47 -24.53
N LYS F 101 -49.93 27.77 -23.61
CA LYS F 101 -49.46 26.75 -22.66
C LYS F 101 -49.69 27.24 -21.22
N ILE F 102 -50.15 26.34 -20.37
CA ILE F 102 -50.39 26.67 -18.96
C ILE F 102 -49.79 25.62 -18.02
N MET F 103 -48.91 26.10 -17.13
CA MET F 103 -48.23 25.24 -16.18
C MET F 103 -48.63 25.54 -14.72
N GLU F 104 -48.75 24.50 -13.94
CA GLU F 104 -48.89 24.69 -12.54
C GLU F 104 -47.49 24.81 -11.97
N ARG F 105 -47.18 25.97 -11.41
CA ARG F 105 -45.89 26.22 -10.75
C ARG F 105 -44.80 26.24 -11.81
N SER F 106 -43.55 26.50 -11.41
CA SER F 106 -42.46 26.60 -12.36
C SER F 106 -41.11 26.38 -11.70
N ILE F 107 -40.05 26.47 -12.50
CA ILE F 107 -38.70 26.39 -11.99
C ILE F 107 -38.47 27.56 -11.04
N PHE F 108 -39.09 28.70 -11.34
CA PHE F 108 -38.96 29.89 -10.50
C PHE F 108 -39.52 29.74 -9.06
N SER F 109 -40.67 29.09 -8.93
CA SER F 109 -41.23 28.83 -7.60
C SER F 109 -40.39 27.82 -6.85
N ALA F 110 -39.86 26.84 -7.58
CA ALA F 110 -38.88 25.91 -6.99
C ALA F 110 -37.67 26.67 -6.43
N ARG F 111 -37.14 27.62 -7.18
CA ARG F 111 -35.90 28.27 -6.78
C ARG F 111 -36.09 29.31 -5.69
N TYR F 112 -37.13 30.13 -5.85
CA TYR F 112 -37.31 31.31 -4.96
C TYR F 112 -38.14 31.02 -3.70
N CYS F 113 -39.03 30.04 -3.77
CA CYS F 113 -39.88 29.74 -2.63
C CYS F 113 -39.45 28.48 -1.94
N PHE F 114 -39.52 27.34 -2.60
CA PHE F 114 -39.35 26.08 -1.88
C PHE F 114 -37.89 25.82 -1.50
N VAL F 115 -36.98 26.01 -2.43
CA VAL F 115 -35.58 25.78 -2.10
C VAL F 115 -35.10 26.83 -1.09
N GLU F 116 -35.49 28.08 -1.27
CA GLU F 116 -35.02 29.11 -0.39
C GLU F 116 -35.58 28.84 1.00
N ASN F 117 -36.78 28.28 1.07
CA ASN F 117 -37.34 27.96 2.36
C ASN F 117 -36.63 26.82 3.10
N MET F 118 -36.28 25.77 2.38
CA MET F 118 -35.48 24.70 2.95
C MET F 118 -34.08 25.11 3.39
N ARG F 119 -33.52 26.11 2.73
CA ARG F 119 -32.29 26.71 3.21
C ARG F 119 -32.51 27.43 4.55
N ARG F 120 -33.54 28.28 4.59
CA ARG F 120 -33.87 29.07 5.79
C ARG F 120 -34.22 28.25 7.04
N ASN F 121 -35.08 27.26 6.93
CA ASN F 121 -35.33 26.37 8.07
C ASN F 121 -34.29 25.24 8.21
N GLY F 122 -33.17 25.35 7.47
CA GLY F 122 -32.00 24.53 7.72
C GLY F 122 -32.02 23.08 7.28
N SER F 123 -33.02 22.68 6.52
CA SER F 123 -33.10 21.31 5.99
C SER F 123 -32.09 21.10 4.85
N LEU F 124 -31.89 22.10 4.01
CA LEU F 124 -30.78 22.13 3.05
C LEU F 124 -29.55 22.80 3.68
N GLU F 125 -28.44 22.07 3.75
CA GLU F 125 -27.15 22.63 4.19
C GLU F 125 -26.71 23.63 3.13
N GLN F 126 -25.90 24.59 3.54
CA GLN F 126 -25.35 25.59 2.63
C GLN F 126 -24.71 24.92 1.40
N GLY F 127 -23.89 23.89 1.63
CA GLY F 127 -23.28 23.15 0.53
C GLY F 127 -24.27 22.61 -0.53
N MET F 128 -25.35 21.97 -0.08
CA MET F 128 -26.39 21.54 -1.01
C MET F 128 -27.11 22.67 -1.73
N TYR F 129 -27.51 23.67 -0.96
CA TYR F 129 -28.14 24.88 -1.52
C TYR F 129 -27.32 25.51 -2.66
N ASN F 130 -26.04 25.72 -2.41
CA ASN F 130 -25.13 26.27 -3.41
C ASN F 130 -25.08 25.41 -4.70
N THR F 131 -25.04 24.09 -4.55
CA THR F 131 -25.09 23.23 -5.71
C THR F 131 -26.37 23.51 -6.49
N LEU F 132 -27.53 23.52 -5.83
CA LEU F 132 -28.76 23.79 -6.57
C LEU F 132 -28.68 25.15 -7.26
N GLU F 133 -28.05 26.11 -6.56
CA GLU F 133 -28.02 27.51 -7.02
C GLU F 133 -27.14 27.69 -8.21
N GLU F 134 -26.05 26.92 -8.26
CA GLU F 134 -25.14 26.93 -9.41
C GLU F 134 -25.83 26.34 -10.62
N TRP F 135 -26.58 25.25 -10.42
CA TRP F 135 -27.44 24.72 -11.48
C TRP F 135 -28.42 25.79 -11.99
N TYR F 136 -29.13 26.47 -11.09
CA TYR F 136 -30.14 27.43 -11.55
C TYR F 136 -29.50 28.43 -12.46
N LYS F 137 -28.38 29.02 -12.03
CA LYS F 137 -27.63 29.94 -12.89
C LYS F 137 -27.26 29.28 -14.22
N PHE F 138 -26.87 28.01 -14.20
CA PHE F 138 -26.50 27.39 -15.46
C PHE F 138 -27.71 27.09 -16.33
N ILE F 139 -28.84 26.71 -15.70
CA ILE F 139 -30.09 26.55 -16.44
C ILE F 139 -30.46 27.86 -17.18
N GLU F 140 -30.36 28.98 -16.46
CA GLU F 140 -30.65 30.31 -17.01
C GLU F 140 -29.93 30.56 -18.30
N GLU F 141 -28.66 30.15 -18.37
CA GLU F 141 -27.83 30.43 -19.55
C GLU F 141 -28.02 29.52 -20.74
N SER F 142 -28.71 28.39 -20.59
CA SER F 142 -28.61 27.32 -21.58
C SER F 142 -29.93 26.79 -21.98
N ILE F 143 -30.91 26.99 -21.13
CA ILE F 143 -32.21 26.47 -21.44
C ILE F 143 -33.19 27.61 -21.56
N HIS F 144 -33.89 27.64 -22.69
CA HIS F 144 -34.96 28.58 -22.77
C HIS F 144 -36.19 28.12 -21.98
N VAL F 145 -36.60 28.95 -21.03
CA VAL F 145 -37.81 28.70 -20.26
C VAL F 145 -38.78 29.86 -20.48
N GLN F 146 -39.80 29.60 -21.30
CA GLN F 146 -40.80 30.59 -21.72
C GLN F 146 -41.78 30.96 -20.56
N ALA F 147 -41.97 32.25 -20.36
CA ALA F 147 -42.85 32.73 -19.29
C ALA F 147 -43.44 34.09 -19.66
N ASP F 148 -44.73 34.10 -20.02
CA ASP F 148 -45.33 35.34 -20.50
C ASP F 148 -46.22 36.05 -19.49
N LEU F 149 -46.76 35.31 -18.53
CA LEU F 149 -47.66 35.88 -17.52
C LEU F 149 -47.75 34.89 -16.38
N ILE F 150 -47.73 35.41 -15.15
CA ILE F 150 -47.96 34.56 -13.99
C ILE F 150 -49.28 34.89 -13.33
N ILE F 151 -50.05 33.84 -13.00
CA ILE F 151 -51.25 34.04 -12.23
C ILE F 151 -50.98 33.59 -10.81
N TYR F 152 -50.82 34.56 -9.92
CA TYR F 152 -50.67 34.35 -8.49
C TYR F 152 -52.03 34.11 -7.82
N LEU F 153 -52.29 32.87 -7.41
CA LEU F 153 -53.43 32.58 -6.56
C LEU F 153 -53.04 32.92 -5.11
N ARG F 154 -53.25 34.18 -4.75
CA ARG F 154 -52.99 34.68 -3.41
C ARG F 154 -54.04 34.29 -2.36
N THR F 155 -53.57 33.98 -1.16
CA THR F 155 -54.41 33.54 -0.05
C THR F 155 -53.65 33.80 1.22
N SER F 156 -54.32 33.66 2.35
CA SER F 156 -53.67 33.82 3.63
C SER F 156 -53.32 32.45 4.16
N PRO F 157 -52.14 32.33 4.81
CA PRO F 157 -51.67 30.99 5.23
C PRO F 157 -52.81 30.23 5.91
N GLU F 158 -53.60 30.97 6.69
CA GLU F 158 -54.72 30.46 7.50
C GLU F 158 -55.77 29.77 6.64
N VAL F 159 -56.14 30.46 5.57
CA VAL F 159 -57.10 29.89 4.63
C VAL F 159 -56.55 28.63 3.93
N ALA F 160 -55.28 28.70 3.52
CA ALA F 160 -54.65 27.56 2.91
C ALA F 160 -54.68 26.37 3.85
N TYR F 161 -54.39 26.62 5.11
CA TYR F 161 -54.47 25.59 6.14
C TYR F 161 -55.86 24.91 6.16
N GLU F 162 -56.89 25.74 6.03
CA GLU F 162 -58.28 25.28 6.04
C GLU F 162 -58.52 24.34 4.87
N ARG F 163 -58.23 24.82 3.66
CA ARG F 163 -58.51 24.07 2.43
C ARG F 163 -57.75 22.76 2.39
N ILE F 164 -56.51 22.80 2.90
CA ILE F 164 -55.72 21.59 3.04
C ILE F 164 -56.40 20.60 3.98
N ARG F 165 -57.04 21.09 5.04
CA ARG F 165 -57.73 20.21 5.96
C ARG F 165 -58.94 19.50 5.35
N GLN F 166 -59.83 20.22 4.67
CA GLN F 166 -61.02 19.61 4.05
C GLN F 166 -60.73 18.40 3.15
N ARG F 167 -59.75 18.56 2.27
CA ARG F 167 -59.52 17.60 1.18
C ARG F 167 -58.74 16.34 1.60
N ALA F 168 -58.57 16.15 2.91
CA ALA F 168 -57.93 14.97 3.51
C ALA F 168 -57.30 14.00 2.47
N ARG F 169 -56.06 14.28 2.07
CA ARG F 169 -55.36 13.48 1.07
C ARG F 169 -54.10 12.85 1.71
N SER F 170 -52.91 13.26 1.24
CA SER F 170 -51.64 12.62 1.64
C SER F 170 -50.53 13.61 2.05
N GLU F 171 -49.37 13.55 1.38
CA GLU F 171 -48.06 14.14 1.83
C GLU F 171 -48.03 15.50 2.51
N GLU F 172 -48.94 16.37 2.10
CA GLU F 172 -49.04 17.71 2.66
C GLU F 172 -49.68 17.61 4.05
N SER F 173 -50.83 16.93 4.13
CA SER F 173 -51.72 16.86 5.32
C SER F 173 -51.37 17.84 6.49
N CYS F 174 -50.89 17.33 7.63
CA CYS F 174 -50.52 18.23 8.72
C CYS F 174 -49.15 18.85 8.47
N VAL F 175 -49.09 19.66 7.43
CA VAL F 175 -47.98 20.58 7.28
C VAL F 175 -48.19 21.62 8.38
N PRO F 176 -47.10 22.04 9.08
CA PRO F 176 -47.40 23.01 10.10
C PRO F 176 -47.76 24.35 9.47
N LEU F 177 -48.58 25.13 10.18
CA LEU F 177 -48.97 26.47 9.75
C LEU F 177 -47.78 27.41 9.63
N LYS F 178 -46.81 27.31 10.54
CA LYS F 178 -45.62 28.16 10.46
C LYS F 178 -44.94 28.05 9.09
N TYR F 179 -44.93 26.83 8.56
CA TYR F 179 -44.35 26.50 7.26
C TYR F 179 -45.12 27.17 6.13
N LEU F 180 -46.43 27.10 6.18
CA LEU F 180 -47.24 27.80 5.17
C LEU F 180 -47.10 29.29 5.27
N GLN F 181 -46.82 29.79 6.47
CA GLN F 181 -46.56 31.21 6.69
C GLN F 181 -45.28 31.64 5.99
N GLU F 182 -44.23 30.83 6.17
CA GLU F 182 -42.91 31.07 5.60
C GLU F 182 -42.96 31.04 4.07
N LEU F 183 -43.65 30.04 3.54
CA LEU F 183 -43.86 29.91 2.11
C LEU F 183 -44.65 31.06 1.55
N HIS F 184 -45.70 31.45 2.27
CA HIS F 184 -46.53 32.56 1.87
C HIS F 184 -45.64 33.80 1.68
N GLU F 185 -44.82 34.12 2.68
CA GLU F 185 -44.01 35.35 2.64
C GLU F 185 -43.07 35.32 1.45
N LEU F 186 -42.47 34.16 1.16
CA LEU F 186 -41.57 34.04 0.03
C LEU F 186 -42.31 34.26 -1.27
N HIS F 187 -43.51 33.73 -1.40
CA HIS F 187 -44.31 34.01 -2.61
C HIS F 187 -44.57 35.51 -2.75
N GLU F 188 -44.87 36.13 -1.62
CA GLU F 188 -45.16 37.55 -1.58
C GLU F 188 -43.95 38.38 -1.99
N ASP F 189 -42.77 38.06 -1.42
CA ASP F 189 -41.52 38.69 -1.82
C ASP F 189 -41.34 38.61 -3.33
N TRP F 190 -41.52 37.42 -3.90
CA TRP F 190 -41.25 37.19 -5.29
C TRP F 190 -42.31 37.84 -6.15
N LEU F 191 -43.55 37.49 -5.90
CA LEU F 191 -44.60 37.85 -6.79
C LEU F 191 -45.12 39.22 -6.43
N ILE F 192 -45.08 39.61 -5.17
CA ILE F 192 -45.46 41.00 -4.89
C ILE F 192 -44.28 41.93 -4.63
N HIS F 193 -43.72 41.96 -3.43
CA HIS F 193 -42.81 43.03 -3.05
C HIS F 193 -41.66 43.29 -4.05
N GLN F 194 -41.49 42.36 -5.00
CA GLN F 194 -40.54 42.45 -6.16
C GLN F 194 -39.09 41.94 -5.90
N CYS F 200 -41.73 38.95 -16.53
CA CYS F 200 -43.06 39.11 -17.09
C CYS F 200 -44.13 39.60 -16.08
N LYS F 201 -45.35 39.87 -16.58
CA LYS F 201 -46.47 40.46 -15.79
C LYS F 201 -47.01 39.50 -14.77
N VAL F 202 -47.48 40.05 -13.65
CA VAL F 202 -48.11 39.27 -12.60
C VAL F 202 -49.58 39.68 -12.43
N LEU F 203 -50.46 38.69 -12.48
CA LEU F 203 -51.88 38.89 -12.28
C LEU F 203 -52.26 38.21 -10.97
N VAL F 204 -52.61 39.01 -9.96
CA VAL F 204 -52.99 38.49 -8.64
C VAL F 204 -54.49 38.19 -8.55
N LEU F 205 -54.84 37.04 -8.00
CA LEU F 205 -56.23 36.72 -7.76
C LEU F 205 -56.45 36.40 -6.29
N ASP F 206 -57.55 36.91 -5.75
CA ASP F 206 -57.95 36.60 -4.38
C ASP F 206 -58.61 35.23 -4.36
N ALA F 207 -57.85 34.22 -3.90
CA ALA F 207 -58.37 32.83 -3.81
C ALA F 207 -58.95 32.50 -2.41
N ASP F 208 -59.57 33.53 -1.80
CA ASP F 208 -60.37 33.42 -0.56
C ASP F 208 -61.86 33.39 -0.95
N THR G 12 -39.43 68.18 53.48
CA THR G 12 -40.54 69.06 53.03
C THR G 12 -41.05 68.81 51.63
N LYS G 13 -40.23 68.26 50.72
CA LYS G 13 -40.73 67.90 49.37
C LYS G 13 -41.52 66.60 49.36
N TYR G 14 -42.44 66.45 48.42
CA TYR G 14 -43.21 65.20 48.32
C TYR G 14 -42.25 64.04 48.04
N ALA G 15 -42.50 62.90 48.68
CA ALA G 15 -41.73 61.68 48.43
C ALA G 15 -40.26 61.75 48.92
N GLU G 16 -39.83 62.94 49.37
CA GLU G 16 -38.50 63.15 49.94
C GLU G 16 -38.17 62.04 50.92
N GLY G 17 -36.96 61.50 50.78
CA GLY G 17 -36.46 60.40 51.60
C GLY G 17 -37.29 59.12 51.61
N THR G 18 -38.02 58.84 50.52
CA THR G 18 -38.86 57.61 50.43
C THR G 18 -38.35 56.71 49.30
N GLN G 19 -37.20 57.07 48.76
CA GLN G 19 -36.70 56.47 47.52
C GLN G 19 -35.24 55.90 47.65
N PRO G 20 -34.99 54.72 47.09
CA PRO G 20 -33.66 54.14 47.14
C PRO G 20 -32.78 54.69 46.03
N PHE G 21 -31.51 54.28 46.03
CA PHE G 21 -30.55 54.61 44.98
C PHE G 21 -31.22 54.44 43.64
N THR G 22 -31.20 55.46 42.81
CA THR G 22 -31.98 55.42 41.60
C THR G 22 -31.08 55.64 40.40
N VAL G 23 -31.31 54.84 39.36
CA VAL G 23 -30.54 54.96 38.13
C VAL G 23 -31.49 55.32 37.01
N LEU G 24 -31.10 56.29 36.19
CA LEU G 24 -31.90 56.72 35.03
C LEU G 24 -31.23 56.39 33.71
N ILE G 25 -31.94 55.64 32.87
CA ILE G 25 -31.41 55.29 31.57
C ILE G 25 -31.83 56.34 30.58
N GLU G 26 -30.86 57.09 30.07
CA GLU G 26 -31.18 58.12 29.08
C GLU G 26 -30.59 57.74 27.75
N GLY G 27 -31.20 58.22 26.67
CA GLY G 27 -30.70 57.94 25.36
C GLY G 27 -31.73 58.33 24.34
N ASN G 28 -31.28 58.53 23.10
CA ASN G 28 -32.14 58.93 22.02
C ASN G 28 -33.23 57.86 21.67
N ILE G 29 -34.20 58.24 20.85
CA ILE G 29 -35.13 57.25 20.34
C ILE G 29 -34.24 56.33 19.54
N GLY G 30 -34.45 55.03 19.68
CA GLY G 30 -33.63 54.09 18.93
C GLY G 30 -32.17 53.94 19.39
N SER G 31 -31.92 54.19 20.68
CA SER G 31 -30.60 53.94 21.25
C SER G 31 -30.46 52.62 22.02
N GLY G 32 -31.47 51.74 21.89
CA GLY G 32 -31.46 50.41 22.46
C GLY G 32 -31.81 50.35 23.93
N LYS G 33 -32.60 51.30 24.43
CA LYS G 33 -32.91 51.32 25.84
C LYS G 33 -33.81 50.15 26.24
N THR G 34 -34.83 49.86 25.43
CA THR G 34 -35.73 48.73 25.75
C THR G 34 -34.94 47.43 25.83
N THR G 35 -34.09 47.21 24.81
CA THR G 35 -33.20 46.06 24.80
C THR G 35 -32.36 46.06 26.08
N TYR G 36 -31.65 47.15 26.34
CA TYR G 36 -30.78 47.24 27.50
C TYR G 36 -31.50 46.80 28.75
N LEU G 37 -32.71 47.31 28.95
CA LEU G 37 -33.45 47.09 30.20
C LEU G 37 -34.02 45.69 30.35
N ASN G 38 -34.16 44.95 29.25
CA ASN G 38 -34.59 43.55 29.30
C ASN G 38 -33.58 42.70 30.08
N HIS G 39 -32.31 43.16 30.11
CA HIS G 39 -31.23 42.42 30.81
C HIS G 39 -31.41 42.45 32.32
N PHE G 40 -32.19 43.40 32.82
CA PHE G 40 -32.37 43.57 34.26
C PHE G 40 -33.59 42.85 34.78
N GLU G 41 -34.32 42.20 33.87
CA GLU G 41 -35.61 41.62 34.21
C GLU G 41 -35.51 40.41 35.13
N LYS G 42 -34.47 39.60 35.00
CA LYS G 42 -34.30 38.48 35.94
C LYS G 42 -34.15 38.94 37.39
N TYR G 43 -33.73 40.20 37.58
CA TYR G 43 -33.47 40.78 38.90
C TYR G 43 -34.66 41.52 39.50
N LYS G 44 -35.83 41.33 38.88
CA LYS G 44 -37.07 41.98 39.29
C LYS G 44 -37.26 42.03 40.81
N ASN G 45 -36.90 40.94 41.49
CA ASN G 45 -37.17 40.81 42.91
C ASN G 45 -36.35 41.72 43.81
N ASP G 46 -35.28 42.28 43.29
CA ASP G 46 -34.36 43.07 44.11
C ASP G 46 -34.19 44.47 43.58
N ILE G 47 -34.76 44.70 42.41
CA ILE G 47 -34.56 45.92 41.68
C ILE G 47 -35.92 46.40 41.24
N CYS G 48 -36.27 47.65 41.60
CA CYS G 48 -37.48 48.26 41.09
C CYS G 48 -37.16 48.73 39.69
N LEU G 49 -37.94 48.25 38.73
CA LEU G 49 -37.63 48.37 37.30
C LEU G 49 -38.77 49.01 36.49
N LEU G 50 -38.61 50.30 36.18
CA LEU G 50 -39.69 51.04 35.52
C LEU G 50 -39.34 51.46 34.10
N THR G 51 -39.97 50.77 33.15
CA THR G 51 -39.84 51.14 31.73
C THR G 51 -40.71 52.36 31.42
N GLU G 52 -40.37 53.04 30.33
CA GLU G 52 -41.07 54.26 29.91
C GLU G 52 -42.54 53.94 29.79
N PRO G 53 -43.42 54.75 30.41
CA PRO G 53 -44.88 54.46 30.43
C PRO G 53 -45.60 54.83 29.12
N VAL G 54 -45.08 54.32 28.02
CA VAL G 54 -45.65 54.54 26.71
C VAL G 54 -47.11 54.09 26.70
N GLU G 55 -47.36 52.93 27.33
CA GLU G 55 -48.71 52.40 27.40
C GLU G 55 -49.74 53.34 28.01
N LYS G 56 -49.34 54.11 29.03
CA LYS G 56 -50.21 55.11 29.62
C LYS G 56 -50.48 56.22 28.62
N TRP G 57 -49.48 56.59 27.84
CA TRP G 57 -49.64 57.67 26.85
C TRP G 57 -50.55 57.27 25.69
N ARG G 58 -50.62 55.96 25.46
CA ARG G 58 -51.41 55.44 24.35
C ARG G 58 -52.87 55.28 24.70
N ASN G 59 -53.15 55.23 26.00
CA ASN G 59 -54.48 54.97 26.50
C ASN G 59 -54.80 55.89 27.69
N VAL G 60 -55.12 57.15 27.38
CA VAL G 60 -55.56 58.12 28.39
C VAL G 60 -57.08 58.14 28.31
N ASN G 61 -57.69 57.22 29.03
CA ASN G 61 -59.14 57.00 28.94
C ASN G 61 -59.59 56.94 27.49
N GLY G 62 -58.87 56.17 26.68
CA GLY G 62 -59.28 55.90 25.31
C GLY G 62 -58.45 56.63 24.28
N VAL G 63 -57.98 57.82 24.66
CA VAL G 63 -57.26 58.70 23.73
C VAL G 63 -55.79 58.33 23.67
N ASN G 64 -55.26 58.20 22.46
CA ASN G 64 -53.85 57.99 22.25
C ASN G 64 -53.09 59.31 22.09
N LEU G 65 -52.51 59.83 23.18
CA LEU G 65 -51.85 61.11 23.10
C LEU G 65 -50.65 61.06 22.18
N LEU G 66 -49.91 59.95 22.26
CA LEU G 66 -48.69 59.77 21.48
C LEU G 66 -48.95 59.98 19.99
N GLU G 67 -49.97 59.32 19.46
CA GLU G 67 -50.34 59.44 18.05
C GLU G 67 -50.70 60.88 17.71
N LEU G 68 -51.68 61.41 18.42
CA LEU G 68 -52.16 62.75 18.17
C LEU G 68 -51.01 63.75 18.16
N MET G 69 -50.00 63.47 18.98
CA MET G 69 -48.83 64.35 19.06
C MET G 69 -48.03 64.27 17.77
N TYR G 70 -47.85 63.05 17.25
CA TYR G 70 -47.10 62.84 16.00
C TYR G 70 -47.89 63.26 14.77
N LYS G 71 -49.21 63.30 14.89
CA LYS G 71 -50.09 63.62 13.77
C LYS G 71 -50.30 65.11 13.63
N ASP G 72 -50.56 65.79 14.74
CA ASP G 72 -50.91 67.22 14.75
C ASP G 72 -50.15 67.92 15.89
N PRO G 73 -48.82 68.03 15.75
CA PRO G 73 -47.97 68.48 16.85
C PRO G 73 -48.37 69.83 17.43
N LYS G 74 -48.83 70.74 16.59
CA LYS G 74 -49.14 72.09 17.10
C LYS G 74 -50.34 72.13 18.05
N LYS G 75 -51.15 71.09 18.02
CA LYS G 75 -52.36 71.02 18.84
C LYS G 75 -52.13 70.15 20.05
N TRP G 76 -51.35 69.09 19.86
CA TRP G 76 -51.19 68.04 20.88
C TRP G 76 -49.85 67.99 21.63
N ALA G 77 -48.91 68.84 21.26
CA ALA G 77 -47.60 68.82 21.89
C ALA G 77 -47.71 69.22 23.35
N MET G 78 -48.47 70.26 23.58
CA MET G 78 -48.65 70.77 24.94
C MET G 78 -49.33 69.72 25.84
N PRO G 79 -50.54 69.26 25.48
CA PRO G 79 -51.12 68.20 26.30
C PRO G 79 -50.27 66.94 26.43
N PHE G 80 -49.64 66.50 25.35
CA PHE G 80 -48.80 65.29 25.41
C PHE G 80 -47.62 65.40 26.38
N GLN G 81 -46.88 66.50 26.33
CA GLN G 81 -45.71 66.66 27.19
C GLN G 81 -46.12 66.88 28.65
N SER G 82 -47.19 67.64 28.83
CA SER G 82 -47.79 67.77 30.12
C SER G 82 -48.02 66.41 30.73
N TYR G 83 -48.65 65.50 29.96
CA TYR G 83 -48.92 64.16 30.42
C TYR G 83 -47.70 63.32 30.65
N VAL G 84 -46.72 63.40 29.76
CA VAL G 84 -45.47 62.71 29.95
C VAL G 84 -44.92 63.13 31.29
N THR G 85 -44.67 64.43 31.46
CA THR G 85 -44.17 64.93 32.73
C THR G 85 -44.90 64.31 33.92
N LEU G 86 -46.23 64.25 33.88
CA LEU G 86 -46.96 63.64 34.97
C LEU G 86 -46.59 62.18 35.19
N THR G 87 -46.63 61.39 34.12
CA THR G 87 -46.36 59.95 34.25
C THR G 87 -44.92 59.70 34.73
N MET G 88 -44.00 60.58 34.33
CA MET G 88 -42.64 60.50 34.82
C MET G 88 -42.57 60.77 36.31
N LEU G 89 -43.26 61.81 36.76
CA LEU G 89 -43.32 62.12 38.19
C LEU G 89 -43.95 60.96 38.95
N GLN G 90 -45.01 60.41 38.39
CA GLN G 90 -45.61 59.22 38.98
C GLN G 90 -44.60 58.10 39.21
N SER G 91 -43.72 57.83 38.22
CA SER G 91 -42.63 56.85 38.42
C SER G 91 -41.61 57.35 39.43
N HIS G 92 -40.99 58.50 39.16
CA HIS G 92 -39.99 59.10 40.05
C HIS G 92 -40.35 59.05 41.53
N THR G 93 -41.62 58.89 41.87
CA THR G 93 -42.08 59.04 43.27
C THR G 93 -42.78 57.82 43.81
N ALA G 94 -43.14 56.88 42.93
CA ALA G 94 -43.81 55.63 43.33
C ALA G 94 -43.07 54.97 44.48
N PRO G 95 -43.80 54.59 45.54
CA PRO G 95 -43.11 53.95 46.65
C PRO G 95 -42.51 52.62 46.24
N THR G 96 -41.50 52.17 46.97
CA THR G 96 -40.91 50.85 46.73
C THR G 96 -40.13 50.37 47.93
N ASN G 97 -40.07 49.05 48.08
CA ASN G 97 -39.20 48.46 49.09
C ASN G 97 -37.77 48.18 48.61
N LYS G 98 -37.60 48.00 47.31
CA LYS G 98 -36.32 47.56 46.75
C LYS G 98 -35.16 48.53 47.08
N LYS G 99 -33.95 47.97 47.03
CA LYS G 99 -32.74 48.73 47.40
C LYS G 99 -32.17 49.52 46.21
N LEU G 100 -32.69 49.24 45.01
CA LEU G 100 -32.24 49.90 43.80
C LEU G 100 -33.42 50.13 42.86
N LYS G 101 -33.44 51.32 42.27
CA LYS G 101 -34.50 51.70 41.35
C LYS G 101 -33.87 52.10 40.01
N ILE G 102 -34.46 51.61 38.91
CA ILE G 102 -33.98 51.96 37.58
C ILE G 102 -35.14 52.40 36.68
N MET G 103 -35.00 53.60 36.10
CA MET G 103 -36.02 54.21 35.24
C MET G 103 -35.53 54.40 33.81
N GLU G 104 -36.41 54.12 32.87
CA GLU G 104 -36.13 54.49 31.50
C GLU G 104 -36.58 55.94 31.34
N ARG G 105 -35.62 56.80 31.02
CA ARG G 105 -35.84 58.23 30.82
C ARG G 105 -36.31 58.88 32.10
N SER G 106 -36.54 60.18 32.08
CA SER G 106 -36.89 60.91 33.32
C SER G 106 -37.55 62.25 33.00
N ILE G 107 -37.96 62.95 34.03
CA ILE G 107 -38.53 64.26 33.87
C ILE G 107 -37.50 65.19 33.21
N PHE G 108 -36.23 64.93 33.46
CA PHE G 108 -35.14 65.74 32.93
C PHE G 108 -34.96 65.62 31.41
N SER G 109 -35.14 64.42 30.87
CA SER G 109 -35.06 64.24 29.44
C SER G 109 -36.26 64.91 28.79
N ALA G 110 -37.41 64.85 29.48
CA ALA G 110 -38.62 65.47 28.99
C ALA G 110 -38.40 66.96 28.88
N ARG G 111 -37.85 67.55 29.93
CA ARG G 111 -37.63 69.00 29.96
C ARG G 111 -36.54 69.48 29.00
N TYR G 112 -35.37 68.84 29.04
CA TYR G 112 -34.20 69.35 28.35
C TYR G 112 -34.09 68.92 26.89
N CYS G 113 -34.65 67.76 26.56
CA CYS G 113 -34.51 67.23 25.21
C CYS G 113 -35.78 67.37 24.42
N PHE G 114 -36.82 66.65 24.81
CA PHE G 114 -38.03 66.59 23.99
C PHE G 114 -38.83 67.91 23.95
N VAL G 115 -39.03 68.53 25.11
CA VAL G 115 -39.77 69.76 25.13
C VAL G 115 -38.95 70.85 24.45
N GLU G 116 -37.67 70.91 24.78
CA GLU G 116 -36.86 71.96 24.19
C GLU G 116 -36.85 71.79 22.69
N ASN G 117 -36.97 70.54 22.23
CA ASN G 117 -36.88 70.30 20.80
C ASN G 117 -38.13 70.74 20.09
N MET G 118 -39.27 70.45 20.68
CA MET G 118 -40.54 70.93 20.15
C MET G 118 -40.70 72.43 20.18
N ARG G 119 -40.07 73.10 21.14
CA ARG G 119 -39.94 74.56 21.08
C ARG G 119 -39.12 75.03 19.87
N ARG G 120 -37.95 74.42 19.68
CA ARG G 120 -37.05 74.79 18.57
C ARG G 120 -37.61 74.58 17.17
N ASN G 121 -38.22 73.43 16.90
CA ASN G 121 -38.83 73.24 15.58
C ASN G 121 -40.26 73.78 15.50
N GLY G 122 -40.64 74.56 16.50
CA GLY G 122 -41.83 75.38 16.44
C GLY G 122 -43.15 74.69 16.59
N SER G 123 -43.15 73.45 17.06
CA SER G 123 -44.40 72.75 17.31
C SER G 123 -45.06 73.20 18.60
N LEU G 124 -44.25 73.52 19.61
CA LEU G 124 -44.73 74.20 20.82
C LEU G 124 -44.61 75.71 20.65
N GLU G 125 -45.72 76.44 20.78
CA GLU G 125 -45.66 77.89 20.77
C GLU G 125 -44.98 78.33 22.06
N GLN G 126 -44.37 79.51 22.01
CA GLN G 126 -43.72 80.12 23.17
C GLN G 126 -44.65 80.04 24.39
N GLY G 127 -45.90 80.47 24.21
CA GLY G 127 -46.91 80.41 25.25
C GLY G 127 -47.04 79.07 25.94
N MET G 128 -47.18 78.00 25.16
CA MET G 128 -47.24 76.64 25.73
C MET G 128 -45.94 76.17 26.41
N TYR G 129 -44.82 76.44 25.74
CA TYR G 129 -43.51 76.13 26.30
C TYR G 129 -43.35 76.75 27.70
N ASN G 130 -43.64 78.05 27.83
CA ASN G 130 -43.53 78.75 29.11
C ASN G 130 -44.37 78.11 30.20
N THR G 131 -45.56 77.65 29.85
CA THR G 131 -46.42 76.96 30.81
C THR G 131 -45.72 75.70 31.29
N LEU G 132 -45.20 74.92 30.37
CA LEU G 132 -44.53 73.71 30.78
C LEU G 132 -43.30 74.08 31.65
N GLU G 133 -42.62 75.16 31.28
CA GLU G 133 -41.41 75.56 32.00
C GLU G 133 -41.66 76.06 33.41
N GLU G 134 -42.76 76.81 33.60
CA GLU G 134 -43.17 77.24 34.94
C GLU G 134 -43.54 76.01 35.79
N TRP G 135 -44.22 75.03 35.18
CA TRP G 135 -44.45 73.79 35.89
C TRP G 135 -43.12 73.16 36.33
N TYR G 136 -42.16 73.05 35.42
CA TYR G 136 -40.90 72.36 35.76
C TYR G 136 -40.30 73.01 36.97
N LYS G 137 -40.23 74.35 36.97
CA LYS G 137 -39.73 75.10 38.14
C LYS G 137 -40.49 74.80 39.43
N PHE G 138 -41.81 74.71 39.33
CA PHE G 138 -42.59 74.39 40.49
C PHE G 138 -42.38 72.94 40.93
N ILE G 139 -42.21 72.05 39.98
CA ILE G 139 -41.98 70.64 40.33
C ILE G 139 -40.66 70.54 41.14
N GLU G 140 -39.65 71.24 40.64
CA GLU G 140 -38.37 71.30 41.29
C GLU G 140 -38.50 71.62 42.77
N GLU G 141 -39.37 72.56 43.12
CA GLU G 141 -39.45 73.06 44.50
C GLU G 141 -40.29 72.23 45.44
N SER G 142 -41.05 71.28 44.93
CA SER G 142 -42.14 70.71 45.72
C SER G 142 -42.19 69.21 45.66
N ILE G 143 -41.57 68.66 44.62
CA ILE G 143 -41.52 67.22 44.50
C ILE G 143 -40.07 66.76 44.45
N HIS G 144 -39.73 65.80 45.30
CA HIS G 144 -38.41 65.21 45.30
C HIS G 144 -38.22 64.21 44.17
N VAL G 145 -37.24 64.48 43.30
CA VAL G 145 -36.90 63.58 42.21
C VAL G 145 -35.56 62.95 42.55
N GLN G 146 -35.59 61.69 42.98
CA GLN G 146 -34.35 61.00 43.29
C GLN G 146 -33.54 60.62 42.01
N ALA G 147 -32.26 60.95 41.98
CA ALA G 147 -31.44 60.72 40.81
C ALA G 147 -29.97 60.57 41.19
N ASP G 148 -29.50 59.32 41.26
CA ASP G 148 -28.14 59.07 41.74
C ASP G 148 -27.09 58.86 40.65
N LEU G 149 -27.51 58.35 39.50
CA LEU G 149 -26.60 58.09 38.39
C LEU G 149 -27.43 58.01 37.16
N ILE G 150 -26.92 58.57 36.07
CA ILE G 150 -27.53 58.41 34.76
C ILE G 150 -26.65 57.57 33.81
N ILE G 151 -27.26 56.58 33.17
CA ILE G 151 -26.57 55.84 32.15
C ILE G 151 -26.98 56.34 30.77
N TYR G 152 -26.10 57.08 30.13
CA TYR G 152 -26.32 57.59 28.78
C TYR G 152 -25.98 56.51 27.72
N LEU G 153 -27.01 55.95 27.08
CA LEU G 153 -26.78 55.08 25.95
C LEU G 153 -26.55 55.92 24.72
N ARG G 154 -25.29 56.32 24.55
CA ARG G 154 -24.86 57.16 23.43
C ARG G 154 -24.74 56.41 22.08
N THR G 155 -25.09 57.10 20.99
CA THR G 155 -25.14 56.54 19.64
C THR G 155 -25.14 57.69 18.64
N SER G 156 -24.91 57.38 17.37
CA SER G 156 -25.01 58.43 16.37
C SER G 156 -26.43 58.41 15.81
N PRO G 157 -26.95 59.59 15.43
CA PRO G 157 -28.31 59.64 14.93
C PRO G 157 -28.54 58.56 13.88
N GLU G 158 -27.52 58.39 13.01
CA GLU G 158 -27.57 57.49 11.88
C GLU G 158 -27.80 56.04 12.30
N VAL G 159 -27.07 55.62 13.34
CA VAL G 159 -27.24 54.29 13.89
C VAL G 159 -28.64 54.11 14.49
N ALA G 160 -29.12 55.15 15.18
CA ALA G 160 -30.46 55.14 15.76
C ALA G 160 -31.53 55.02 14.66
N TYR G 161 -31.44 55.92 13.67
CA TYR G 161 -32.18 55.77 12.42
C TYR G 161 -32.23 54.33 11.95
N GLU G 162 -31.05 53.74 11.73
CA GLU G 162 -30.91 52.36 11.24
C GLU G 162 -31.69 51.38 12.11
N ARG G 163 -31.61 51.58 13.42
CA ARG G 163 -32.26 50.71 14.39
C ARG G 163 -33.81 50.86 14.42
N ILE G 164 -34.30 52.10 14.42
CA ILE G 164 -35.71 52.39 14.34
C ILE G 164 -36.28 51.75 13.08
N ARG G 165 -35.62 52.05 11.97
CA ARG G 165 -35.97 51.57 10.62
C ARG G 165 -35.95 50.04 10.53
N GLN G 166 -35.00 49.40 11.23
CA GLN G 166 -34.94 47.94 11.37
C GLN G 166 -36.19 47.32 12.02
N ARG G 167 -36.86 48.03 12.93
CA ARG G 167 -38.00 47.50 13.70
C ARG G 167 -39.35 47.70 13.03
N ALA G 168 -40.37 47.05 13.60
CA ALA G 168 -41.78 47.25 13.24
C ALA G 168 -42.33 48.42 14.05
N ARG G 169 -43.36 49.10 13.53
CA ARG G 169 -44.02 50.18 14.29
C ARG G 169 -45.40 50.57 13.75
N SER G 170 -46.08 51.41 14.54
CA SER G 170 -47.39 52.00 14.24
C SER G 170 -47.49 53.52 14.60
N GLU G 171 -46.44 54.11 15.20
CA GLU G 171 -46.45 55.55 15.67
C GLU G 171 -45.14 56.36 15.89
N GLU G 172 -43.99 55.71 16.05
CA GLU G 172 -42.69 56.46 16.16
C GLU G 172 -41.57 56.15 15.12
N SER G 173 -41.90 55.49 14.00
CA SER G 173 -40.90 55.19 12.94
C SER G 173 -40.90 56.07 11.67
N CYS G 174 -41.95 56.86 11.45
CA CYS G 174 -41.90 57.89 10.40
C CYS G 174 -40.97 59.08 10.72
N VAL G 175 -40.14 58.92 11.77
CA VAL G 175 -39.29 60.03 12.25
C VAL G 175 -38.18 60.36 11.29
N PRO G 176 -38.09 61.65 10.95
CA PRO G 176 -37.04 62.00 10.02
C PRO G 176 -35.66 61.96 10.70
N LEU G 177 -34.62 61.78 9.92
CA LEU G 177 -33.29 61.77 10.49
C LEU G 177 -32.90 63.11 11.10
N LYS G 178 -33.37 64.22 10.48
CA LYS G 178 -33.03 65.55 11.00
C LYS G 178 -33.47 65.71 12.46
N TYR G 179 -34.61 65.09 12.78
CA TYR G 179 -35.20 65.12 14.10
C TYR G 179 -34.35 64.33 15.09
N LEU G 180 -33.92 63.15 14.69
CA LEU G 180 -33.02 62.38 15.52
C LEU G 180 -31.70 63.08 15.73
N GLN G 181 -31.25 63.82 14.72
CA GLN G 181 -30.05 64.64 14.84
C GLN G 181 -30.21 65.72 15.92
N GLU G 182 -31.29 66.50 15.79
CA GLU G 182 -31.61 67.53 16.75
C GLU G 182 -31.73 67.02 18.19
N LEU G 183 -32.42 65.88 18.38
CA LEU G 183 -32.53 65.22 19.69
C LEU G 183 -31.19 64.74 20.18
N HIS G 184 -30.38 64.22 19.27
CA HIS G 184 -29.05 63.73 19.68
C HIS G 184 -28.26 64.91 20.28
N GLU G 185 -28.21 66.03 19.54
CA GLU G 185 -27.47 67.19 20.00
C GLU G 185 -27.93 67.65 21.37
N LEU G 186 -29.24 67.61 21.62
CA LEU G 186 -29.78 68.04 22.93
C LEU G 186 -29.38 67.10 24.06
N HIS G 187 -29.31 65.80 23.79
CA HIS G 187 -28.84 64.86 24.80
C HIS G 187 -27.38 65.10 25.08
N GLU G 188 -26.64 65.43 24.02
CA GLU G 188 -25.20 65.72 24.10
C GLU G 188 -24.92 66.99 24.94
N ASP G 189 -25.69 68.04 24.68
CA ASP G 189 -25.61 69.26 25.47
C ASP G 189 -25.84 68.98 26.96
N TRP G 190 -26.87 68.20 27.24
CA TRP G 190 -27.26 67.89 28.60
C TRP G 190 -26.31 66.91 29.31
N LEU G 191 -26.25 65.66 28.86
CA LEU G 191 -25.44 64.62 29.50
C LEU G 191 -23.87 64.79 29.35
N ILE G 192 -23.41 65.54 28.35
CA ILE G 192 -21.97 65.70 28.03
C ILE G 192 -21.43 67.15 28.15
N HIS G 193 -21.96 68.11 27.38
CA HIS G 193 -21.38 69.48 27.21
C HIS G 193 -21.46 70.50 28.39
N GLN G 194 -22.27 70.24 29.41
CA GLN G 194 -22.19 71.08 30.63
C GLN G 194 -21.53 70.33 31.81
N CYS G 200 -25.55 65.17 39.14
CA CYS G 200 -25.07 63.85 39.55
C CYS G 200 -24.35 63.08 38.40
N LYS G 201 -23.71 61.94 38.73
CA LYS G 201 -22.73 61.31 37.82
C LYS G 201 -23.34 60.77 36.53
N VAL G 202 -22.61 60.92 35.44
CA VAL G 202 -23.05 60.39 34.14
C VAL G 202 -22.09 59.30 33.66
N LEU G 203 -22.65 58.15 33.27
CA LEU G 203 -21.88 57.03 32.79
C LEU G 203 -22.27 56.79 31.36
N VAL G 204 -21.37 57.12 30.45
CA VAL G 204 -21.62 57.02 29.01
C VAL G 204 -21.28 55.64 28.49
N LEU G 205 -22.19 55.06 27.71
CA LEU G 205 -21.95 53.77 27.07
C LEU G 205 -22.06 53.90 25.58
N ASP G 206 -21.16 53.23 24.87
CA ASP G 206 -21.21 53.17 23.40
C ASP G 206 -22.22 52.12 22.96
N ALA G 207 -23.39 52.58 22.54
CA ALA G 207 -24.44 51.69 22.02
C ALA G 207 -24.49 51.64 20.46
N ASP G 208 -23.42 52.13 19.79
CA ASP G 208 -23.28 52.07 18.29
C ASP G 208 -23.13 50.60 17.88
N THR H 12 -45.62 64.86 55.01
CA THR H 12 -45.04 64.32 53.73
C THR H 12 -45.41 65.09 52.47
N LYS H 13 -46.53 65.83 52.47
CA LYS H 13 -46.88 66.68 51.32
C LYS H 13 -46.12 68.00 51.30
N TYR H 14 -45.87 68.53 50.11
CA TYR H 14 -45.19 69.82 50.01
C TYR H 14 -46.00 70.88 50.77
N ALA H 15 -45.30 71.78 51.45
CA ALA H 15 -45.93 72.91 52.14
C ALA H 15 -46.78 72.53 53.36
N GLU H 16 -46.98 71.22 53.58
CA GLU H 16 -47.73 70.69 54.72
C GLU H 16 -47.27 71.32 56.05
N GLY H 17 -48.24 71.73 56.88
CA GLY H 17 -47.97 72.46 58.11
C GLY H 17 -47.17 73.76 58.00
N THR H 18 -47.15 74.42 56.85
CA THR H 18 -46.45 75.70 56.72
C THR H 18 -47.42 76.88 56.54
N GLN H 19 -48.71 76.57 56.65
CA GLN H 19 -49.76 77.52 56.26
C GLN H 19 -50.73 77.86 57.40
N PRO H 20 -51.11 79.14 57.53
CA PRO H 20 -52.07 79.51 58.56
C PRO H 20 -53.50 79.23 58.15
N PHE H 21 -54.44 79.47 59.06
CA PHE H 21 -55.86 79.49 58.73
C PHE H 21 -56.04 80.19 57.37
N THR H 22 -56.67 79.50 56.43
CA THR H 22 -56.84 80.02 55.08
C THR H 22 -58.31 80.14 54.68
N VAL H 23 -58.66 81.30 54.14
CA VAL H 23 -60.01 81.55 53.68
C VAL H 23 -59.98 81.70 52.16
N LEU H 24 -60.90 81.01 51.46
CA LEU H 24 -61.01 81.06 50.01
C LEU H 24 -62.28 81.80 49.59
N ILE H 25 -62.13 82.86 48.81
CA ILE H 25 -63.26 83.59 48.25
C ILE H 25 -63.66 82.97 46.92
N GLU H 26 -64.79 82.31 46.88
CA GLU H 26 -65.28 81.78 45.65
C GLU H 26 -66.49 82.59 45.14
N GLY H 27 -66.74 82.56 43.84
CA GLY H 27 -67.85 83.25 43.25
C GLY H 27 -67.70 83.24 41.74
N ASN H 28 -68.81 83.43 41.05
CA ASN H 28 -68.82 83.56 39.61
C ASN H 28 -68.03 84.80 39.12
N ILE H 29 -67.74 84.83 37.83
CA ILE H 29 -67.23 86.03 37.19
C ILE H 29 -68.32 87.07 37.45
N GLY H 30 -67.91 88.23 37.90
CA GLY H 30 -68.85 89.31 38.13
C GLY H 30 -69.66 89.19 39.40
N SER H 31 -69.16 88.46 40.39
CA SER H 31 -69.84 88.33 41.66
C SER H 31 -69.38 89.36 42.70
N GLY H 32 -68.49 90.26 42.28
CA GLY H 32 -67.96 91.31 43.13
C GLY H 32 -66.83 90.91 44.06
N LYS H 33 -66.05 89.88 43.66
CA LYS H 33 -64.93 89.41 44.46
C LYS H 33 -63.82 90.48 44.63
N THR H 34 -63.42 91.13 43.54
CA THR H 34 -62.42 92.18 43.61
C THR H 34 -62.83 93.30 44.56
N THR H 35 -64.07 93.78 44.39
CA THR H 35 -64.68 94.73 45.31
C THR H 35 -64.63 94.24 46.76
N TYR H 36 -65.16 93.04 47.01
CA TYR H 36 -65.13 92.43 48.35
C TYR H 36 -63.73 92.45 48.99
N LEU H 37 -62.74 92.04 48.23
CA LEU H 37 -61.37 91.94 48.72
C LEU H 37 -60.64 93.27 48.93
N ASN H 38 -61.14 94.34 48.33
CA ASN H 38 -60.60 95.66 48.59
C ASN H 38 -60.81 96.08 50.05
N HIS H 39 -61.85 95.53 50.68
CA HIS H 39 -62.14 95.87 52.06
C HIS H 39 -61.11 95.31 53.00
N PHE H 40 -60.28 94.36 52.53
CA PHE H 40 -59.34 93.72 53.44
C PHE H 40 -57.96 94.31 53.34
N GLU H 41 -57.79 95.24 52.43
CA GLU H 41 -56.48 95.82 52.16
C GLU H 41 -55.89 96.65 53.31
N LYS H 42 -56.69 97.37 54.10
CA LYS H 42 -56.15 98.06 55.26
C LYS H 42 -55.44 97.10 56.21
N TYR H 43 -55.80 95.83 56.16
CA TYR H 43 -55.33 94.84 57.11
C TYR H 43 -54.14 94.05 56.59
N LYS H 44 -53.60 94.47 55.46
CA LYS H 44 -52.41 93.90 54.83
C LYS H 44 -51.33 93.40 55.79
N ASN H 45 -51.06 94.17 56.84
CA ASN H 45 -50.00 93.83 57.79
C ASN H 45 -50.23 92.59 58.64
N ASP H 46 -51.47 92.12 58.73
CA ASP H 46 -51.81 91.02 59.64
C ASP H 46 -52.40 89.87 58.89
N ILE H 47 -52.65 90.11 57.62
CA ILE H 47 -53.43 89.20 56.82
C ILE H 47 -52.64 89.04 55.55
N CYS H 48 -52.36 87.80 55.19
CA CYS H 48 -51.83 87.50 53.87
C CYS H 48 -52.98 87.55 52.88
N LEU H 49 -52.86 88.39 51.87
CA LEU H 49 -53.96 88.71 50.98
C LEU H 49 -53.62 88.53 49.47
N LEU H 50 -54.09 87.43 48.89
CA LEU H 50 -53.72 87.07 47.53
C LEU H 50 -54.88 87.10 46.60
N THR H 51 -54.93 88.13 45.78
CA THR H 51 -55.94 88.25 44.72
C THR H 51 -55.65 87.25 43.60
N GLU H 52 -56.65 86.98 42.75
CA GLU H 52 -56.44 86.08 41.62
C GLU H 52 -55.31 86.59 40.71
N PRO H 53 -54.32 85.73 40.36
CA PRO H 53 -53.13 86.15 39.62
C PRO H 53 -53.37 86.36 38.11
N VAL H 54 -54.40 87.12 37.78
CA VAL H 54 -54.76 87.41 36.41
C VAL H 54 -53.55 88.02 35.66
N GLU H 55 -52.85 88.93 36.31
CA GLU H 55 -51.66 89.53 35.74
C GLU H 55 -50.58 88.52 35.32
N LYS H 56 -50.47 87.43 36.06
CA LYS H 56 -49.57 86.36 35.64
C LYS H 56 -50.07 85.75 34.34
N TRP H 57 -51.38 85.55 34.22
CA TRP H 57 -51.93 84.86 33.05
C TRP H 57 -51.89 85.71 31.80
N ARG H 58 -51.77 87.02 31.97
CA ARG H 58 -51.74 87.95 30.86
C ARG H 58 -50.35 88.11 30.31
N ASN H 59 -49.36 87.68 31.07
CA ASN H 59 -47.97 87.96 30.77
C ASN H 59 -47.12 86.75 31.16
N VAL H 60 -47.24 85.71 30.35
CA VAL H 60 -46.39 84.53 30.49
C VAL H 60 -45.23 84.69 29.49
N ASN H 61 -44.15 85.33 29.96
CA ASN H 61 -43.06 85.75 29.08
C ASN H 61 -43.61 86.33 27.79
N GLY H 62 -44.48 87.32 27.91
CA GLY H 62 -44.97 88.06 26.75
C GLY H 62 -46.32 87.62 26.21
N VAL H 63 -46.65 86.35 26.41
CA VAL H 63 -47.88 85.76 25.85
C VAL H 63 -49.04 85.96 26.84
N ASN H 64 -50.17 86.40 26.29
CA ASN H 64 -51.40 86.56 27.07
C ASN H 64 -52.27 85.31 26.96
N LEU H 65 -52.12 84.38 27.89
CA LEU H 65 -52.88 83.13 27.83
C LEU H 65 -54.37 83.35 27.95
N LEU H 66 -54.77 84.30 28.81
CA LEU H 66 -56.19 84.63 29.03
C LEU H 66 -56.92 85.01 27.74
N GLU H 67 -56.31 85.89 26.96
CA GLU H 67 -56.86 86.31 25.68
C GLU H 67 -56.96 85.14 24.72
N LEU H 68 -55.84 84.48 24.47
CA LEU H 68 -55.77 83.35 23.55
C LEU H 68 -56.77 82.28 23.90
N MET H 69 -57.06 82.14 25.18
CA MET H 69 -58.05 81.20 25.63
C MET H 69 -59.43 81.67 25.22
N TYR H 70 -59.72 82.96 25.36
CA TYR H 70 -61.04 83.48 24.98
C TYR H 70 -61.23 83.62 23.46
N LYS H 71 -60.12 83.62 22.74
CA LYS H 71 -60.13 83.81 21.30
C LYS H 71 -60.24 82.47 20.58
N ASP H 72 -59.46 81.49 21.01
CA ASP H 72 -59.38 80.21 20.33
C ASP H 72 -59.36 79.11 21.39
N PRO H 73 -60.52 78.91 22.05
CA PRO H 73 -60.59 78.04 23.21
C PRO H 73 -60.10 76.63 22.93
N LYS H 74 -60.38 76.09 21.75
CA LYS H 74 -60.00 74.72 21.46
C LYS H 74 -58.48 74.45 21.36
N LYS H 75 -57.71 75.51 21.18
CA LYS H 75 -56.26 75.39 21.12
C LYS H 75 -55.59 75.78 22.42
N TRP H 76 -56.18 76.73 23.16
CA TRP H 76 -55.53 77.33 24.32
C TRP H 76 -56.15 77.03 25.68
N ALA H 77 -57.26 76.30 25.74
CA ALA H 77 -57.91 76.01 27.03
C ALA H 77 -57.00 75.14 27.87
N MET H 78 -56.48 74.09 27.24
CA MET H 78 -55.57 73.17 27.90
C MET H 78 -54.38 73.94 28.50
N PRO H 79 -53.54 74.62 27.69
CA PRO H 79 -52.44 75.40 28.27
C PRO H 79 -52.84 76.44 29.33
N PHE H 80 -53.90 77.21 29.08
CA PHE H 80 -54.39 78.19 30.01
C PHE H 80 -54.78 77.62 31.37
N GLN H 81 -55.59 76.56 31.40
CA GLN H 81 -55.99 75.95 32.67
C GLN H 81 -54.84 75.26 33.41
N SER H 82 -53.96 74.61 32.66
CA SER H 82 -52.75 74.08 33.21
C SER H 82 -52.04 75.19 33.97
N TYR H 83 -51.87 76.37 33.34
CA TYR H 83 -51.18 77.50 33.96
C TYR H 83 -51.91 78.11 35.16
N VAL H 84 -53.21 78.28 35.04
CA VAL H 84 -54.03 78.70 36.16
C VAL H 84 -53.74 77.77 37.34
N THR H 85 -53.98 76.46 37.17
CA THR H 85 -53.66 75.48 38.20
C THR H 85 -52.29 75.72 38.86
N LEU H 86 -51.25 75.90 38.06
CA LEU H 86 -49.95 76.22 38.62
C LEU H 86 -49.93 77.50 39.47
N THR H 87 -50.43 78.61 38.95
CA THR H 87 -50.44 79.89 39.69
C THR H 87 -51.26 79.81 40.98
N MET H 88 -52.35 79.05 40.95
CA MET H 88 -53.12 78.79 42.16
C MET H 88 -52.36 77.99 43.19
N LEU H 89 -51.63 76.96 42.75
CA LEU H 89 -50.77 76.18 43.66
C LEU H 89 -49.67 77.06 44.20
N GLN H 90 -49.17 77.95 43.34
CA GLN H 90 -48.13 78.86 43.78
C GLN H 90 -48.63 79.69 44.94
N SER H 91 -49.85 80.21 44.84
CA SER H 91 -50.48 80.93 45.95
C SER H 91 -50.77 80.04 47.15
N HIS H 92 -51.50 78.95 46.93
CA HIS H 92 -51.87 77.99 47.98
C HIS H 92 -50.70 77.55 48.86
N THR H 93 -49.49 77.69 48.34
CA THR H 93 -48.33 77.15 49.03
C THR H 93 -47.33 78.20 49.45
N ALA H 94 -47.39 79.40 48.88
CA ALA H 94 -46.48 80.51 49.23
C ALA H 94 -46.30 80.66 50.73
N PRO H 95 -45.05 80.73 51.20
CA PRO H 95 -44.86 80.84 52.65
C PRO H 95 -45.34 82.18 53.17
N THR H 96 -45.73 82.22 54.44
CA THR H 96 -46.12 83.49 55.06
C THR H 96 -45.95 83.45 56.57
N ASN H 97 -45.75 84.62 57.17
CA ASN H 97 -45.74 84.72 58.62
C ASN H 97 -47.08 85.07 59.24
N LYS H 98 -47.98 85.65 58.44
CA LYS H 98 -49.26 86.12 58.93
C LYS H 98 -50.12 84.98 59.54
N LYS H 99 -51.07 85.37 60.39
CA LYS H 99 -51.93 84.44 61.15
C LYS H 99 -53.19 84.04 60.38
N LEU H 100 -53.44 84.75 59.29
CA LEU H 100 -54.59 84.50 58.45
C LEU H 100 -54.23 84.71 56.99
N LYS H 101 -54.66 83.81 56.11
CA LYS H 101 -54.45 83.92 54.68
C LYS H 101 -55.79 83.97 53.94
N ILE H 102 -55.92 84.84 52.95
CA ILE H 102 -57.15 84.95 52.17
C ILE H 102 -56.83 84.95 50.68
N MET H 103 -57.41 83.99 49.96
CA MET H 103 -57.21 83.84 48.53
C MET H 103 -58.49 84.07 47.76
N GLU H 104 -58.37 84.68 46.58
CA GLU H 104 -59.46 84.83 45.63
C GLU H 104 -59.38 83.59 44.75
N ARG H 105 -60.44 82.77 44.81
CA ARG H 105 -60.53 81.53 44.09
C ARG H 105 -59.47 80.56 44.54
N SER H 106 -59.47 79.36 43.96
CA SER H 106 -58.58 78.28 44.41
C SER H 106 -58.43 77.22 43.32
N ILE H 107 -57.63 76.23 43.61
CA ILE H 107 -57.42 75.14 42.68
C ILE H 107 -58.74 74.40 42.51
N PHE H 108 -59.53 74.40 43.57
CA PHE H 108 -60.85 73.75 43.56
C PHE H 108 -61.86 74.37 42.58
N SER H 109 -61.89 75.68 42.49
CA SER H 109 -62.79 76.30 41.56
C SER H 109 -62.34 76.02 40.14
N ALA H 110 -61.03 76.07 39.92
CA ALA H 110 -60.45 75.73 38.61
C ALA H 110 -60.90 74.35 38.17
N ARG H 111 -60.74 73.37 39.05
CA ARG H 111 -61.09 72.00 38.73
C ARG H 111 -62.60 71.76 38.56
N TYR H 112 -63.40 72.23 39.50
CA TYR H 112 -64.81 71.86 39.53
C TYR H 112 -65.68 72.78 38.73
N CYS H 113 -65.25 74.00 38.52
CA CYS H 113 -66.11 74.93 37.80
C CYS H 113 -65.62 75.23 36.39
N PHE H 114 -64.47 75.88 36.29
CA PHE H 114 -63.98 76.35 35.00
C PHE H 114 -63.52 75.25 34.06
N VAL H 115 -62.71 74.32 34.53
CA VAL H 115 -62.33 73.18 33.70
C VAL H 115 -63.56 72.30 33.37
N GLU H 116 -64.34 71.93 34.38
CA GLU H 116 -65.47 71.11 34.06
C GLU H 116 -66.37 71.79 33.01
N ASN H 117 -66.47 73.12 33.05
CA ASN H 117 -67.35 73.76 32.13
C ASN H 117 -66.80 73.74 30.72
N MET H 118 -65.50 73.92 30.58
CA MET H 118 -64.89 73.83 29.27
C MET H 118 -65.00 72.45 28.66
N ARG H 119 -64.98 71.41 29.49
CA ARG H 119 -65.25 70.06 29.03
C ARG H 119 -66.67 69.98 28.51
N ARG H 120 -67.62 70.50 29.28
CA ARG H 120 -69.04 70.41 28.92
C ARG H 120 -69.40 71.11 27.62
N ASN H 121 -68.93 72.32 27.42
CA ASN H 121 -69.21 73.01 26.17
C ASN H 121 -68.20 72.70 25.06
N GLY H 122 -67.38 71.69 25.31
CA GLY H 122 -66.57 71.05 24.29
C GLY H 122 -65.33 71.78 23.84
N SER H 123 -64.95 72.86 24.53
CA SER H 123 -63.70 73.57 24.23
C SER H 123 -62.47 72.77 24.66
N LEU H 124 -62.57 72.01 25.77
CA LEU H 124 -61.62 70.95 26.13
C LEU H 124 -62.01 69.57 25.58
N GLU H 125 -61.19 69.00 24.70
CA GLU H 125 -61.33 67.63 24.28
C GLU H 125 -61.14 66.71 25.47
N GLN H 126 -61.83 65.58 25.45
CA GLN H 126 -61.72 64.58 26.48
C GLN H 126 -60.21 64.30 26.84
N GLY H 127 -59.40 64.14 25.81
CA GLY H 127 -57.98 63.89 26.00
C GLY H 127 -57.26 64.94 26.81
N MET H 128 -57.57 66.21 26.57
CA MET H 128 -56.96 67.27 27.36
C MET H 128 -57.49 67.32 28.76
N TYR H 129 -58.81 67.22 28.89
CA TYR H 129 -59.46 67.18 30.18
C TYR H 129 -58.85 66.11 31.07
N ASN H 130 -58.73 64.89 30.55
CA ASN H 130 -58.13 63.79 31.33
C ASN H 130 -56.74 64.11 31.83
N THR H 131 -55.95 64.79 31.00
CA THR H 131 -54.59 65.18 31.38
C THR H 131 -54.63 66.12 32.57
N LEU H 132 -55.50 67.12 32.51
CA LEU H 132 -55.68 67.99 33.63
C LEU H 132 -56.16 67.22 34.85
N GLU H 133 -57.05 66.27 34.67
CA GLU H 133 -57.66 65.57 35.80
C GLU H 133 -56.69 64.66 36.52
N GLU H 134 -55.80 64.04 35.73
CA GLU H 134 -54.77 63.19 36.28
C GLU H 134 -53.85 64.05 37.07
N TRP H 135 -53.50 65.24 36.58
CA TRP H 135 -52.72 66.17 37.37
C TRP H 135 -53.42 66.50 38.69
N TYR H 136 -54.70 66.91 38.65
CA TYR H 136 -55.40 67.23 39.88
C TYR H 136 -55.25 66.13 40.90
N LYS H 137 -55.51 64.88 40.49
CA LYS H 137 -55.30 63.71 41.36
C LYS H 137 -53.88 63.58 41.91
N PHE H 138 -52.91 63.95 41.10
CA PHE H 138 -51.55 63.92 41.60
C PHE H 138 -51.23 65.10 42.55
N ILE H 139 -51.88 66.23 42.30
CA ILE H 139 -51.66 67.37 43.15
C ILE H 139 -52.19 67.06 44.54
N GLU H 140 -53.37 66.44 44.56
CA GLU H 140 -54.01 66.02 45.78
C GLU H 140 -53.10 65.19 46.68
N GLU H 141 -52.24 64.39 46.08
CA GLU H 141 -51.41 63.43 46.84
C GLU H 141 -50.06 63.96 47.25
N SER H 142 -49.66 65.11 46.74
CA SER H 142 -48.28 65.53 46.89
C SER H 142 -48.09 66.95 47.33
N ILE H 143 -49.09 67.78 47.08
CA ILE H 143 -49.10 69.15 47.55
C ILE H 143 -50.25 69.32 48.50
N HIS H 144 -49.96 69.88 49.67
CA HIS H 144 -51.00 70.19 50.63
C HIS H 144 -51.64 71.53 50.29
N VAL H 145 -52.94 71.51 50.08
CA VAL H 145 -53.71 72.75 49.90
C VAL H 145 -54.51 73.10 51.14
N GLN H 146 -54.04 74.11 51.87
CA GLN H 146 -54.72 74.54 53.08
C GLN H 146 -56.01 75.27 52.73
N ALA H 147 -57.11 74.81 53.33
CA ALA H 147 -58.43 75.37 53.10
C ALA H 147 -59.35 75.19 54.31
N ASP H 148 -59.57 76.27 55.05
CA ASP H 148 -60.30 76.21 56.35
C ASP H 148 -61.72 76.73 56.31
N LEU H 149 -62.01 77.61 55.37
CA LEU H 149 -63.34 78.16 55.21
C LEU H 149 -63.46 78.76 53.82
N ILE H 150 -64.61 78.56 53.18
CA ILE H 150 -64.89 79.19 51.91
C ILE H 150 -66.00 80.22 52.07
N ILE H 151 -65.81 81.38 51.46
CA ILE H 151 -66.86 82.36 51.39
C ILE H 151 -67.40 82.42 49.96
N TYR H 152 -68.57 81.87 49.77
CA TYR H 152 -69.25 81.88 48.49
C TYR H 152 -70.01 83.20 48.29
N LEU H 153 -69.53 84.03 47.36
CA LEU H 153 -70.24 85.21 46.99
C LEU H 153 -71.24 84.79 45.96
N ARG H 154 -72.42 84.38 46.43
CA ARG H 154 -73.51 83.92 45.57
C ARG H 154 -74.24 85.09 44.89
N THR H 155 -74.64 84.90 43.64
CA THR H 155 -75.38 85.88 42.91
C THR H 155 -76.14 85.15 41.83
N SER H 156 -77.05 85.83 41.16
CA SER H 156 -77.74 85.23 40.04
C SER H 156 -76.97 85.59 38.78
N PRO H 157 -76.92 84.67 37.78
CA PRO H 157 -76.17 84.94 36.55
C PRO H 157 -76.49 86.30 35.97
N GLU H 158 -77.77 86.66 36.01
CA GLU H 158 -78.32 87.92 35.49
C GLU H 158 -77.67 89.14 36.16
N VAL H 159 -77.58 89.11 37.49
CA VAL H 159 -76.95 90.19 38.21
C VAL H 159 -75.47 90.28 37.87
N ALA H 160 -74.82 89.13 37.73
CA ALA H 160 -73.41 89.08 37.38
C ALA H 160 -73.17 89.61 35.99
N TYR H 161 -73.96 89.15 35.03
CA TYR H 161 -73.90 89.69 33.67
C TYR H 161 -73.93 91.21 33.59
N GLU H 162 -74.88 91.84 34.29
CA GLU H 162 -74.97 93.29 34.30
C GLU H 162 -73.68 93.88 34.83
N ARG H 163 -73.24 93.37 36.01
CA ARG H 163 -72.05 93.85 36.69
C ARG H 163 -70.88 93.89 35.73
N ILE H 164 -70.70 92.84 34.93
CA ILE H 164 -69.68 92.83 33.88
C ILE H 164 -69.96 93.78 32.70
N ARG H 165 -71.20 93.86 32.22
CA ARG H 165 -71.55 94.79 31.14
C ARG H 165 -71.12 96.24 31.49
N GLN H 166 -71.40 96.65 32.72
CA GLN H 166 -71.21 98.02 33.20
C GLN H 166 -69.77 98.49 33.28
N ARG H 167 -68.86 97.59 33.65
CA ARG H 167 -67.47 97.92 33.94
C ARG H 167 -66.68 98.12 32.68
N ALA H 168 -65.39 98.43 32.83
CA ALA H 168 -64.50 98.46 31.69
C ALA H 168 -64.59 97.09 31.04
N ARG H 169 -64.24 97.01 29.77
CA ARG H 169 -64.29 95.79 29.04
C ARG H 169 -63.07 94.89 29.28
N SER H 170 -62.35 94.54 28.24
CA SER H 170 -61.48 93.32 28.24
C SER H 170 -62.08 91.90 28.67
N GLU H 171 -61.18 90.96 28.96
CA GLU H 171 -61.35 89.53 28.61
C GLU H 171 -62.66 88.83 28.91
N GLU H 172 -63.02 88.79 30.17
CA GLU H 172 -64.24 88.15 30.60
C GLU H 172 -65.51 88.71 29.95
N SER H 173 -65.38 89.83 29.23
CA SER H 173 -66.57 90.44 28.59
C SER H 173 -67.21 89.61 27.49
N CYS H 174 -66.38 88.86 26.77
CA CYS H 174 -66.83 88.06 25.64
C CYS H 174 -67.63 86.84 26.06
N VAL H 175 -67.75 86.63 27.37
CA VAL H 175 -68.59 85.54 27.89
C VAL H 175 -70.06 85.97 27.93
N PRO H 176 -70.91 85.22 27.24
CA PRO H 176 -72.35 85.25 27.04
C PRO H 176 -73.04 84.89 28.32
N LEU H 177 -74.32 85.26 28.47
CA LEU H 177 -75.10 84.93 29.66
C LEU H 177 -75.22 83.42 29.89
N LYS H 178 -75.35 82.64 28.83
CA LYS H 178 -75.53 81.20 28.98
C LYS H 178 -74.33 80.57 29.69
N TYR H 179 -73.15 81.06 29.38
CA TYR H 179 -71.92 80.65 30.00
C TYR H 179 -71.91 80.98 31.50
N LEU H 180 -72.27 82.21 31.88
CA LEU H 180 -72.40 82.57 33.28
C LEU H 180 -73.41 81.67 34.01
N GLN H 181 -74.47 81.26 33.30
CA GLN H 181 -75.50 80.37 33.85
C GLN H 181 -74.89 79.03 34.13
N GLU H 182 -74.18 78.48 33.16
CA GLU H 182 -73.46 77.22 33.32
C GLU H 182 -72.45 77.24 34.47
N LEU H 183 -71.68 78.32 34.58
CA LEU H 183 -70.73 78.51 35.69
C LEU H 183 -71.39 78.70 37.02
N HIS H 184 -72.48 79.44 37.03
CA HIS H 184 -73.29 79.59 38.24
C HIS H 184 -73.74 78.24 38.79
N GLU H 185 -74.35 77.40 37.94
CA GLU H 185 -74.81 76.05 38.35
C GLU H 185 -73.68 75.20 38.87
N LEU H 186 -72.50 75.29 38.26
CA LEU H 186 -71.37 74.47 38.70
C LEU H 186 -70.89 74.87 40.09
N HIS H 187 -70.91 76.18 40.39
CA HIS H 187 -70.55 76.69 41.70
C HIS H 187 -71.57 76.25 42.70
N GLU H 188 -72.84 76.29 42.31
CA GLU H 188 -73.94 75.82 43.15
C GLU H 188 -73.81 74.34 43.45
N ASP H 189 -73.57 73.51 42.42
CA ASP H 189 -73.31 72.09 42.62
C ASP H 189 -72.22 71.90 43.67
N TRP H 190 -71.12 72.61 43.52
CA TRP H 190 -69.99 72.48 44.42
C TRP H 190 -70.23 73.01 45.86
N LEU H 191 -70.79 74.21 46.04
CA LEU H 191 -70.74 74.88 47.36
C LEU H 191 -72.00 74.86 48.22
N ILE H 192 -73.01 74.18 47.74
CA ILE H 192 -74.32 74.30 48.35
C ILE H 192 -74.93 72.90 48.36
N HIS H 193 -75.12 72.34 47.17
CA HIS H 193 -75.63 70.99 46.98
C HIS H 193 -74.52 69.97 47.25
N GLN H 194 -73.69 70.26 48.26
CA GLN H 194 -72.40 69.58 48.57
C GLN H 194 -72.29 68.13 48.10
N CYS H 200 -64.62 71.29 53.90
CA CYS H 200 -64.56 72.45 54.80
C CYS H 200 -65.82 73.32 54.78
N LYS H 201 -66.02 74.11 55.84
CA LYS H 201 -67.25 74.92 56.00
C LYS H 201 -67.42 75.94 54.88
N VAL H 202 -68.67 76.15 54.47
CA VAL H 202 -68.98 77.11 53.43
C VAL H 202 -69.85 78.18 54.03
N LEU H 203 -69.48 79.43 53.81
CA LEU H 203 -70.25 80.55 54.28
C LEU H 203 -70.82 81.29 53.08
N VAL H 204 -72.13 81.24 52.89
CA VAL H 204 -72.79 81.86 51.73
C VAL H 204 -73.16 83.30 51.99
N LEU H 205 -72.80 84.19 51.07
CA LEU H 205 -73.20 85.59 51.16
C LEU H 205 -74.01 86.03 49.97
N ASP H 206 -75.08 86.79 50.21
CA ASP H 206 -75.90 87.28 49.11
C ASP H 206 -75.26 88.52 48.54
N ALA H 207 -74.69 88.38 47.34
CA ALA H 207 -74.00 89.49 46.65
C ALA H 207 -74.82 90.13 45.50
N ASP H 208 -76.15 90.00 45.53
CA ASP H 208 -77.03 90.67 44.55
C ASP H 208 -77.41 92.10 44.97
S SO4 I . 80.74 -76.48 -40.31
O1 SO4 I . 80.40 -76.71 -38.89
O2 SO4 I . 81.97 -77.28 -40.49
O3 SO4 I . 79.65 -76.98 -41.16
O4 SO4 I . 81.00 -75.05 -40.58
S SO4 J . 85.84 -75.21 -23.78
O1 SO4 J . 86.88 -76.17 -23.35
O2 SO4 J . 85.89 -75.12 -25.24
O3 SO4 J . 84.57 -75.74 -23.35
O4 SO4 J . 86.03 -73.89 -23.18
N1 DOC K . 70.58 -76.14 -36.71
C2 DOC K . 69.38 -76.78 -36.30
N3 DOC K . 68.34 -76.90 -37.17
C4 DOC K . 68.42 -76.39 -38.42
C5 DOC K . 69.59 -75.76 -38.82
C6 DOC K . 70.67 -75.65 -37.96
O2 DOC K . 69.25 -77.26 -35.16
N4 DOC K . 67.37 -76.52 -39.29
C1' DOC K . 71.71 -76.02 -35.81
C2' DOC K . 72.76 -77.02 -36.25
C3' DOC K . 74.05 -76.43 -35.68
C4' DOC K . 73.74 -74.95 -35.55
O4' DOC K . 72.34 -74.74 -35.87
C5' DOC K . 74.60 -74.14 -36.49
O5' DOC K . 74.55 -74.73 -37.81
S SO4 L . 30.84 -67.24 -31.65
O1 SO4 L . 31.35 -68.08 -30.57
O2 SO4 L . 30.72 -67.94 -32.92
O3 SO4 L . 29.53 -66.77 -31.25
O4 SO4 L . 31.61 -66.03 -31.90
N1 DOC M . 41.01 -69.14 -30.96
C2 DOC M . 42.17 -68.58 -30.37
N3 DOC M . 43.01 -67.84 -31.12
C4 DOC M . 42.77 -67.60 -32.41
C5 DOC M . 41.64 -68.12 -33.01
C6 DOC M . 40.75 -68.90 -32.25
O2 DOC M . 42.44 -68.78 -29.16
N4 DOC M . 43.62 -66.86 -33.14
C1' DOC M . 40.07 -69.95 -30.17
C2' DOC M . 38.97 -69.03 -29.69
C3' DOC M . 37.70 -69.85 -29.82
C4' DOC M . 38.07 -71.10 -30.61
O4' DOC M . 39.45 -70.97 -30.95
C5' DOC M . 37.17 -71.07 -31.83
O5' DOC M . 36.72 -69.71 -31.96
S SO4 N . 6.37 3.37 16.70
O1 SO4 N . 6.02 2.29 17.63
O2 SO4 N . 6.79 2.89 15.36
O3 SO4 N . 5.17 4.20 16.47
O4 SO4 N . 7.41 4.11 17.45
N1 DOC O . 11.34 -4.97 13.31
C2 DOC O . 11.59 -6.22 12.69
N3 DOC O . 11.73 -7.36 13.38
C4 DOC O . 11.61 -7.29 14.74
C5 DOC O . 11.35 -6.07 15.42
C6 DOC O . 11.21 -4.91 14.67
O2 DOC O . 11.68 -6.27 11.47
N4 DOC O . 11.73 -8.43 15.45
C1' DOC O . 11.22 -3.75 12.45
C2' DOC O . 9.78 -3.20 12.41
C3' DOC O . 9.93 -1.70 12.28
C4' DOC O . 11.38 -1.41 12.62
O4' DOC O . 12.09 -2.64 12.74
C5' DOC O . 11.32 -0.74 13.97
O5' DOC O . 11.67 -1.77 14.89
S SO4 P . 37.15 -37.73 10.08
O1 SO4 P . 37.98 -38.92 9.87
O2 SO4 P . 36.58 -37.49 8.75
O3 SO4 P . 36.05 -38.00 11.03
O4 SO4 P . 37.96 -36.66 10.67
N1 DOC Q . 31.17 -29.00 8.65
C2 DOC Q . 31.13 -27.64 8.25
N3 DOC Q . 31.30 -26.65 9.18
C4 DOC Q . 31.51 -26.95 10.48
C5 DOC Q . 31.56 -28.28 10.88
C6 DOC Q . 31.40 -29.30 9.94
O2 DOC Q . 30.95 -27.33 7.05
N4 DOC Q . 31.67 -25.97 11.41
C1' DOC Q . 31.02 -30.09 7.66
C2' DOC Q . 32.43 -30.61 7.39
C3' DOC Q . 32.30 -32.13 7.38
C4' DOC Q . 30.90 -32.44 7.88
O4' DOC Q . 30.23 -31.20 8.11
C5' DOC Q . 31.05 -33.24 9.16
O5' DOC Q . 32.41 -33.01 9.61
S SO4 R . -3.59 12.26 -12.23
O1 SO4 R . -2.35 11.50 -12.05
O2 SO4 R . -4.36 11.82 -13.37
O3 SO4 R . -4.31 12.09 -10.97
O4 SO4 R . -3.31 13.69 -12.48
N1 DOC S . -13.17 12.78 -8.76
C2 DOC S . -14.48 12.37 -8.37
N3 DOC S . -15.51 12.43 -9.25
C4 DOC S . -15.30 12.88 -10.51
C5 DOC S . -14.01 13.26 -10.91
C6 DOC S . -12.93 13.21 -10.02
O2 DOC S . -14.69 11.97 -7.22
N4 DOC S . -16.35 12.95 -11.38
C1' DOC S . -12.09 12.65 -7.78
C2' DOC S . -11.11 11.71 -8.45
C3' DOC S . -9.73 12.28 -8.13
C4' DOC S . -9.94 13.68 -7.64
O4' DOC S . -11.36 13.83 -7.45
C5' DOC S . -9.39 14.57 -8.74
O5' DOC S . -9.92 14.18 -10.02
S SO4 T . -53.52 23.50 -4.20
O1 SO4 T . -53.14 22.38 -3.36
O2 SO4 T . -53.53 23.18 -5.62
O3 SO4 T . -54.88 23.89 -3.82
O4 SO4 T . -52.53 24.56 -4.04
N1 DOC U . -43.27 20.83 -3.30
C2 DOC U . -41.94 21.03 -2.84
N3 DOC U . -41.09 21.81 -3.53
C4 DOC U . -41.44 22.40 -4.69
C5 DOC U . -42.73 22.22 -5.19
C6 DOC U . -43.65 21.42 -4.47
O2 DOC U . -41.54 20.49 -1.78
N4 DOC U . -40.51 23.14 -5.34
C1' DOC U . -44.21 19.96 -2.53
C2' DOC U . -44.77 20.65 -1.30
C3' DOC U . -46.14 19.99 -1.15
C4' DOC U . -46.45 19.24 -2.44
O4' DOC U . -45.31 19.38 -3.28
C5' DOC U . -47.70 19.89 -3.06
O5' DOC U . -47.36 20.43 -4.33
S SO4 V . -34.94 52.63 22.27
O1 SO4 V . -33.76 51.96 21.77
O2 SO4 V . -35.53 53.46 21.20
O3 SO4 V . -35.90 51.59 22.69
O4 SO4 V . -34.45 53.46 23.37
N1 DOC W . -41.23 61.02 23.65
C2 DOC W . -41.41 62.41 23.60
N3 DOC W . -41.16 63.16 24.67
C4 DOC W . -40.73 62.60 25.83
C5 DOC W . -40.55 61.21 25.92
C6 DOC W . -40.81 60.43 24.79
O2 DOC W . -41.80 62.92 22.55
N4 DOC W . -40.49 63.39 26.90
C1' DOC W . -41.52 60.26 22.46
C2' DOC W . -40.23 60.03 21.70
C3' DOC W . -40.25 58.53 21.41
C4' DOC W . -41.48 57.95 22.10
O4' DOC W . -42.03 59.00 22.87
C5' DOC W . -41.04 56.89 23.07
O5' DOC W . -39.61 56.97 23.11
S SO4 X . -65.48 89.92 40.12
O1 SO4 X . -64.16 90.37 40.60
O2 SO4 X . -65.54 89.64 38.67
O3 SO4 X . -65.82 88.77 40.93
O4 SO4 X . -66.50 90.92 40.40
N1 DOC Y . -61.22 81.99 34.73
C2 DOC Y . -60.99 80.80 34.03
N3 DOC Y . -60.53 79.71 34.68
C4 DOC Y . -60.28 79.77 35.98
C5 DOC Y . -60.50 80.94 36.69
C6 DOC Y . -60.99 82.06 36.04
O2 DOC Y . -61.22 80.73 32.79
N4 DOC Y . -59.84 78.69 36.61
C1' DOC Y . -61.70 83.16 34.01
C2' DOC Y . -62.95 83.78 34.65
C3' DOC Y . -62.66 85.27 34.56
C4' DOC Y . -61.16 85.45 34.30
O4' DOC Y . -60.63 84.14 34.01
C5' DOC Y . -60.52 86.03 35.55
O5' DOC Y . -61.54 86.26 36.53
#